data_7X9P
# 
_entry.id   7X9P 
# 
_audit_conform.dict_name       mmcif_pdbx.dic 
_audit_conform.dict_version    5.380 
_audit_conform.dict_location   http://mmcif.pdb.org/dictionaries/ascii/mmcif_pdbx.dic 
# 
loop_
_database_2.database_id 
_database_2.database_code 
_database_2.pdbx_database_accession 
_database_2.pdbx_DOI 
PDB   7X9P         pdb_00007x9p 10.2210/pdb7x9p/pdb 
WWPDB D_1300028386 ?            ?                   
# 
_pdbx_database_status.status_code                     REL 
_pdbx_database_status.status_code_sf                  REL 
_pdbx_database_status.status_code_mr                  ? 
_pdbx_database_status.entry_id                        7X9P 
_pdbx_database_status.recvd_initial_deposition_date   2022-03-15 
_pdbx_database_status.SG_entry                        N 
_pdbx_database_status.deposit_site                    PDBJ 
_pdbx_database_status.process_site                    PDBJ 
_pdbx_database_status.status_code_cs                  ? 
_pdbx_database_status.status_code_nmr_data            ? 
_pdbx_database_status.methods_development_category    ? 
_pdbx_database_status.pdb_format_compatible           Y 
# 
loop_
_audit_author.name 
_audit_author.pdbx_ordinal 
_audit_author.identifier_ORCID 
'Pan, L.'  1 ? 
'Guan, X.' 2 ? 
'Feng, X.' 3 ? 
'Li, Z.'   4 ? 
'Bian, J.' 5 ? 
# 
_citation.abstract                  ? 
_citation.abstract_id_CAS           ? 
_citation.book_id_ISBN              ? 
_citation.book_publisher            ? 
_citation.book_publisher_city       ? 
_citation.book_title                ? 
_citation.coordinate_linkage        ? 
_citation.country                   ? 
_citation.database_id_Medline       ? 
_citation.details                   ? 
_citation.id                        primary 
_citation.journal_abbrev            'To be published' 
_citation.journal_id_ASTM           ? 
_citation.journal_id_CSD            0353 
_citation.journal_id_ISSN           ? 
_citation.journal_full              ? 
_citation.journal_issue             ? 
_citation.journal_volume            ? 
_citation.language                  ? 
_citation.page_first                ? 
_citation.page_last                 ? 
_citation.title                     'Discovery of Selenium-containing STING agonists as orally available anti tumor agents' 
_citation.year                      ? 
_citation.database_id_CSD           ? 
_citation.pdbx_database_id_DOI      ? 
_citation.pdbx_database_id_PubMed   ? 
_citation.pdbx_database_id_patent   ? 
_citation.unpublished_flag          ? 
# 
loop_
_citation_author.citation_id 
_citation_author.name 
_citation_author.ordinal 
_citation_author.identifier_ORCID 
primary 'Feng, X.'  1  ? 
primary 'Pan, L.'   2  ? 
primary 'Qiang, Z.' 3  ? 
primary 'Liu, D.'   4  ? 
primary 'Guan, X.'  5  ? 
primary 'Feng, L.'  6  ? 
primary 'Song, B.'  7  ? 
primary 'Xu, X.'    8  ? 
primary 'Tan, N.'   9  ? 
primary 'Ma, Y.'    10 ? 
primary 'Li, Z.'    11 ? 
primary 'Wang, Z.'  12 ? 
primary 'BIan, J.'  13 ? 
# 
_cell.angle_alpha                  90.000 
_cell.angle_alpha_esd              ? 
_cell.angle_beta                   98.550 
_cell.angle_beta_esd               ? 
_cell.angle_gamma                  90.000 
_cell.angle_gamma_esd              ? 
_cell.entry_id                     7X9P 
_cell.details                      ? 
_cell.formula_units_Z              ? 
_cell.length_a                     33.321 
_cell.length_a_esd                 ? 
_cell.length_b                     53.983 
_cell.length_b_esd                 ? 
_cell.length_c                     100.013 
_cell.length_c_esd                 ? 
_cell.volume                       ? 
_cell.volume_esd                   ? 
_cell.Z_PDB                        4 
_cell.reciprocal_angle_alpha       ? 
_cell.reciprocal_angle_beta        ? 
_cell.reciprocal_angle_gamma       ? 
_cell.reciprocal_angle_alpha_esd   ? 
_cell.reciprocal_angle_beta_esd    ? 
_cell.reciprocal_angle_gamma_esd   ? 
_cell.reciprocal_length_a          ? 
_cell.reciprocal_length_b          ? 
_cell.reciprocal_length_c          ? 
_cell.reciprocal_length_a_esd      ? 
_cell.reciprocal_length_b_esd      ? 
_cell.reciprocal_length_c_esd      ? 
_cell.pdbx_unique_axis             ? 
# 
_symmetry.entry_id                         7X9P 
_symmetry.cell_setting                     ? 
_symmetry.Int_Tables_number                5 
_symmetry.space_group_name_Hall            ? 
_symmetry.space_group_name_H-M             'I 1 2 1' 
_symmetry.pdbx_full_space_group_name_H-M   ? 
# 
loop_
_entity.id 
_entity.type 
_entity.src_method 
_entity.pdbx_description 
_entity.formula_weight 
_entity.pdbx_number_of_molecules 
_entity.pdbx_ec 
_entity.pdbx_mutation 
_entity.pdbx_fragment 
_entity.details 
1 polymer     man 'Stimulator of interferon genes protein' 26020.299 1 ? ? ? ? 
2 non-polymer syn 
;4-[6-methoxy-5-[3-[[6-methoxy-2-(4-oxidanyl-4-oxidanylidene-butanoyl)-1-benzoselenophen-5-yl]oxy]propoxy]-1-benzoselenophen-2-yl]-4-oxidanylidene-butanoic acid
;
694.447   1 ? ? ? ? 
3 water       nat water 18.015    6 ? ? ? ? 
# 
_entity_name_com.entity_id   1 
_entity_name_com.name        
'hSTING,Endoplasmic reticulum interferon stimulator,ERIS,Mediator of IRF3 activation,hMITA,Transmembrane protein 173' 
# 
_entity_poly.entity_id                      1 
_entity_poly.type                           'polypeptide(L)' 
_entity_poly.nstd_linkage                   no 
_entity_poly.nstd_monomer                   no 
_entity_poly.pdbx_seq_one_letter_code       
;KGNFNVAHGLAWSYYIGYLRLILPELQARIRTYNQHYNNLLRGAVSQRLYILLPLDCGVPDNLSMADPNIRFLDKLPQQT
GDHAGIKDRVYSNSIYELLENGQRAGTCVLEYATPLQTLFAMSQYSQAGFSREDRLEQAKLFCRTLEDILADAPESQNNC
RLIAYQEPADDSSFSLSQEVLRHLRQEEKEEVTVGSLKTSAVPSTSTMSQEPELLISGMEKPLPLRTDFS
;
_entity_poly.pdbx_seq_one_letter_code_can   
;KGNFNVAHGLAWSYYIGYLRLILPELQARIRTYNQHYNNLLRGAVSQRLYILLPLDCGVPDNLSMADPNIRFLDKLPQQT
GDHAGIKDRVYSNSIYELLENGQRAGTCVLEYATPLQTLFAMSQYSQAGFSREDRLEQAKLFCRTLEDILADAPESQNNC
RLIAYQEPADDSSFSLSQEVLRHLRQEEKEEVTVGSLKTSAVPSTSTMSQEPELLISGMEKPLPLRTDFS
;
_entity_poly.pdbx_strand_id                 A 
_entity_poly.pdbx_target_identifier         ? 
# 
loop_
_entity_poly_seq.entity_id 
_entity_poly_seq.num 
_entity_poly_seq.mon_id 
_entity_poly_seq.hetero 
1 1   LYS n 
1 2   GLY n 
1 3   ASN n 
1 4   PHE n 
1 5   ASN n 
1 6   VAL n 
1 7   ALA n 
1 8   HIS n 
1 9   GLY n 
1 10  LEU n 
1 11  ALA n 
1 12  TRP n 
1 13  SER n 
1 14  TYR n 
1 15  TYR n 
1 16  ILE n 
1 17  GLY n 
1 18  TYR n 
1 19  LEU n 
1 20  ARG n 
1 21  LEU n 
1 22  ILE n 
1 23  LEU n 
1 24  PRO n 
1 25  GLU n 
1 26  LEU n 
1 27  GLN n 
1 28  ALA n 
1 29  ARG n 
1 30  ILE n 
1 31  ARG n 
1 32  THR n 
1 33  TYR n 
1 34  ASN n 
1 35  GLN n 
1 36  HIS n 
1 37  TYR n 
1 38  ASN n 
1 39  ASN n 
1 40  LEU n 
1 41  LEU n 
1 42  ARG n 
1 43  GLY n 
1 44  ALA n 
1 45  VAL n 
1 46  SER n 
1 47  GLN n 
1 48  ARG n 
1 49  LEU n 
1 50  TYR n 
1 51  ILE n 
1 52  LEU n 
1 53  LEU n 
1 54  PRO n 
1 55  LEU n 
1 56  ASP n 
1 57  CYS n 
1 58  GLY n 
1 59  VAL n 
1 60  PRO n 
1 61  ASP n 
1 62  ASN n 
1 63  LEU n 
1 64  SER n 
1 65  MET n 
1 66  ALA n 
1 67  ASP n 
1 68  PRO n 
1 69  ASN n 
1 70  ILE n 
1 71  ARG n 
1 72  PHE n 
1 73  LEU n 
1 74  ASP n 
1 75  LYS n 
1 76  LEU n 
1 77  PRO n 
1 78  GLN n 
1 79  GLN n 
1 80  THR n 
1 81  GLY n 
1 82  ASP n 
1 83  HIS n 
1 84  ALA n 
1 85  GLY n 
1 86  ILE n 
1 87  LYS n 
1 88  ASP n 
1 89  ARG n 
1 90  VAL n 
1 91  TYR n 
1 92  SER n 
1 93  ASN n 
1 94  SER n 
1 95  ILE n 
1 96  TYR n 
1 97  GLU n 
1 98  LEU n 
1 99  LEU n 
1 100 GLU n 
1 101 ASN n 
1 102 GLY n 
1 103 GLN n 
1 104 ARG n 
1 105 ALA n 
1 106 GLY n 
1 107 THR n 
1 108 CYS n 
1 109 VAL n 
1 110 LEU n 
1 111 GLU n 
1 112 TYR n 
1 113 ALA n 
1 114 THR n 
1 115 PRO n 
1 116 LEU n 
1 117 GLN n 
1 118 THR n 
1 119 LEU n 
1 120 PHE n 
1 121 ALA n 
1 122 MET n 
1 123 SER n 
1 124 GLN n 
1 125 TYR n 
1 126 SER n 
1 127 GLN n 
1 128 ALA n 
1 129 GLY n 
1 130 PHE n 
1 131 SER n 
1 132 ARG n 
1 133 GLU n 
1 134 ASP n 
1 135 ARG n 
1 136 LEU n 
1 137 GLU n 
1 138 GLN n 
1 139 ALA n 
1 140 LYS n 
1 141 LEU n 
1 142 PHE n 
1 143 CYS n 
1 144 ARG n 
1 145 THR n 
1 146 LEU n 
1 147 GLU n 
1 148 ASP n 
1 149 ILE n 
1 150 LEU n 
1 151 ALA n 
1 152 ASP n 
1 153 ALA n 
1 154 PRO n 
1 155 GLU n 
1 156 SER n 
1 157 GLN n 
1 158 ASN n 
1 159 ASN n 
1 160 CYS n 
1 161 ARG n 
1 162 LEU n 
1 163 ILE n 
1 164 ALA n 
1 165 TYR n 
1 166 GLN n 
1 167 GLU n 
1 168 PRO n 
1 169 ALA n 
1 170 ASP n 
1 171 ASP n 
1 172 SER n 
1 173 SER n 
1 174 PHE n 
1 175 SER n 
1 176 LEU n 
1 177 SER n 
1 178 GLN n 
1 179 GLU n 
1 180 VAL n 
1 181 LEU n 
1 182 ARG n 
1 183 HIS n 
1 184 LEU n 
1 185 ARG n 
1 186 GLN n 
1 187 GLU n 
1 188 GLU n 
1 189 LYS n 
1 190 GLU n 
1 191 GLU n 
1 192 VAL n 
1 193 THR n 
1 194 VAL n 
1 195 GLY n 
1 196 SER n 
1 197 LEU n 
1 198 LYS n 
1 199 THR n 
1 200 SER n 
1 201 ALA n 
1 202 VAL n 
1 203 PRO n 
1 204 SER n 
1 205 THR n 
1 206 SER n 
1 207 THR n 
1 208 MET n 
1 209 SER n 
1 210 GLN n 
1 211 GLU n 
1 212 PRO n 
1 213 GLU n 
1 214 LEU n 
1 215 LEU n 
1 216 ILE n 
1 217 SER n 
1 218 GLY n 
1 219 MET n 
1 220 GLU n 
1 221 LYS n 
1 222 PRO n 
1 223 LEU n 
1 224 PRO n 
1 225 LEU n 
1 226 ARG n 
1 227 THR n 
1 228 ASP n 
1 229 PHE n 
1 230 SER n 
# 
_entity_src_gen.entity_id                          1 
_entity_src_gen.pdbx_src_id                        1 
_entity_src_gen.pdbx_alt_source_flag               sample 
_entity_src_gen.pdbx_seq_type                      'Biological sequence' 
_entity_src_gen.pdbx_beg_seq_num                   1 
_entity_src_gen.pdbx_end_seq_num                   230 
_entity_src_gen.gene_src_common_name               human 
_entity_src_gen.gene_src_genus                     ? 
_entity_src_gen.pdbx_gene_src_gene                 'STING1, ERIS, MITA, STING, TMEM173' 
_entity_src_gen.gene_src_species                   ? 
_entity_src_gen.gene_src_strain                    ? 
_entity_src_gen.gene_src_tissue                    ? 
_entity_src_gen.gene_src_tissue_fraction           ? 
_entity_src_gen.gene_src_details                   ? 
_entity_src_gen.pdbx_gene_src_fragment             ? 
_entity_src_gen.pdbx_gene_src_scientific_name      'Homo sapiens' 
_entity_src_gen.pdbx_gene_src_ncbi_taxonomy_id     9606 
_entity_src_gen.pdbx_gene_src_variant              ? 
_entity_src_gen.pdbx_gene_src_cell_line            ? 
_entity_src_gen.pdbx_gene_src_atcc                 ? 
_entity_src_gen.pdbx_gene_src_organ                ? 
_entity_src_gen.pdbx_gene_src_organelle            ? 
_entity_src_gen.pdbx_gene_src_cell                 ? 
_entity_src_gen.pdbx_gene_src_cellular_location    ? 
_entity_src_gen.host_org_common_name               ? 
_entity_src_gen.pdbx_host_org_scientific_name      'Escherichia coli BL21(DE3)' 
_entity_src_gen.pdbx_host_org_ncbi_taxonomy_id     469008 
_entity_src_gen.host_org_genus                     ? 
_entity_src_gen.pdbx_host_org_gene                 ? 
_entity_src_gen.pdbx_host_org_organ                ? 
_entity_src_gen.host_org_species                   ? 
_entity_src_gen.pdbx_host_org_tissue               ? 
_entity_src_gen.pdbx_host_org_tissue_fraction      ? 
_entity_src_gen.pdbx_host_org_strain               'BL21(DE3)' 
_entity_src_gen.pdbx_host_org_variant              RIL 
_entity_src_gen.pdbx_host_org_cell_line            ? 
_entity_src_gen.pdbx_host_org_atcc                 ? 
_entity_src_gen.pdbx_host_org_culture_collection   ? 
_entity_src_gen.pdbx_host_org_cell                 ? 
_entity_src_gen.pdbx_host_org_organelle            ? 
_entity_src_gen.pdbx_host_org_cellular_location    ? 
_entity_src_gen.pdbx_host_org_vector_type          plasmid 
_entity_src_gen.pdbx_host_org_vector               ? 
_entity_src_gen.host_org_details                   ? 
_entity_src_gen.expression_system_id               ? 
_entity_src_gen.plasmid_name                       pET28a 
_entity_src_gen.plasmid_details                    ? 
_entity_src_gen.pdbx_description                   ? 
# 
_struct_ref.id                         1 
_struct_ref.db_name                    UNP 
_struct_ref.db_code                    STING_HUMAN 
_struct_ref.pdbx_db_accession          Q86WV6 
_struct_ref.pdbx_db_isoform            ? 
_struct_ref.entity_id                  1 
_struct_ref.pdbx_seq_one_letter_code   
;KGNFNVAHGLAWSYYIGYLRLILPELQARIRTYNQHYNNLLRGAVSQRLYILLPLDCGVPDNLSMADPNIRFLDKLPQQT
GDHAGIKDRVYSNSIYELLENGQRAGTCVLEYATPLQTLFAMSQYSQAGFSREDRLEQAKLFCRTLEDILADAPESQNNC
RLIAYQEPADDSSFSLSQEVLRHLRQEEKEEVTVGSLKTSAVPSTSTMSQEPELLISGMEKPLPLRTDFS
;
_struct_ref.pdbx_align_begin           150 
# 
_struct_ref_seq.align_id                      1 
_struct_ref_seq.ref_id                        1 
_struct_ref_seq.pdbx_PDB_id_code              7X9P 
_struct_ref_seq.pdbx_strand_id                A 
_struct_ref_seq.seq_align_beg                 1 
_struct_ref_seq.pdbx_seq_align_beg_ins_code   ? 
_struct_ref_seq.seq_align_end                 230 
_struct_ref_seq.pdbx_seq_align_end_ins_code   ? 
_struct_ref_seq.pdbx_db_accession             Q86WV6 
_struct_ref_seq.db_align_beg                  150 
_struct_ref_seq.pdbx_db_align_beg_ins_code    ? 
_struct_ref_seq.db_align_end                  379 
_struct_ref_seq.pdbx_db_align_end_ins_code    ? 
_struct_ref_seq.pdbx_auth_seq_align_beg       150 
_struct_ref_seq.pdbx_auth_seq_align_end       379 
# 
loop_
_chem_comp.id 
_chem_comp.type 
_chem_comp.mon_nstd_flag 
_chem_comp.name 
_chem_comp.pdbx_synonyms 
_chem_comp.formula 
_chem_comp.formula_weight 
A8A non-polymer         . 
;4-[6-methoxy-5-[3-[[6-methoxy-2-(4-oxidanyl-4-oxidanylidene-butanoyl)-1-benzoselenophen-5-yl]oxy]propoxy]-1-benzoselenophen-2-yl]-4-oxidanylidene-butanoic acid
;
? 'C29 H28 O10 Se2' 694.447 
ALA 'L-peptide linking' y ALANINE ? 'C3 H7 N O2'      89.093  
ARG 'L-peptide linking' y ARGININE ? 'C6 H15 N4 O2 1'  175.209 
ASN 'L-peptide linking' y ASPARAGINE ? 'C4 H8 N2 O3'     132.118 
ASP 'L-peptide linking' y 'ASPARTIC ACID' ? 'C4 H7 N O4'      133.103 
CYS 'L-peptide linking' y CYSTEINE ? 'C3 H7 N O2 S'    121.158 
GLN 'L-peptide linking' y GLUTAMINE ? 'C5 H10 N2 O3'    146.144 
GLU 'L-peptide linking' y 'GLUTAMIC ACID' ? 'C5 H9 N O4'      147.129 
GLY 'peptide linking'   y GLYCINE ? 'C2 H5 N O2'      75.067  
HIS 'L-peptide linking' y HISTIDINE ? 'C6 H10 N3 O2 1'  156.162 
HOH non-polymer         . WATER ? 'H2 O'            18.015  
ILE 'L-peptide linking' y ISOLEUCINE ? 'C6 H13 N O2'     131.173 
LEU 'L-peptide linking' y LEUCINE ? 'C6 H13 N O2'     131.173 
LYS 'L-peptide linking' y LYSINE ? 'C6 H15 N2 O2 1'  147.195 
MET 'L-peptide linking' y METHIONINE ? 'C5 H11 N O2 S'   149.211 
PHE 'L-peptide linking' y PHENYLALANINE ? 'C9 H11 N O2'     165.189 
PRO 'L-peptide linking' y PROLINE ? 'C5 H9 N O2'      115.130 
SER 'L-peptide linking' y SERINE ? 'C3 H7 N O3'      105.093 
THR 'L-peptide linking' y THREONINE ? 'C4 H9 N O3'      119.119 
TRP 'L-peptide linking' y TRYPTOPHAN ? 'C11 H12 N2 O2'   204.225 
TYR 'L-peptide linking' y TYROSINE ? 'C9 H11 N O3'     181.189 
VAL 'L-peptide linking' y VALINE ? 'C5 H11 N O2'     117.146 
# 
_exptl.absorpt_coefficient_mu     ? 
_exptl.absorpt_correction_T_max   ? 
_exptl.absorpt_correction_T_min   ? 
_exptl.absorpt_correction_type    ? 
_exptl.absorpt_process_details    ? 
_exptl.entry_id                   7X9P 
_exptl.crystals_number            1 
_exptl.details                    ? 
_exptl.method                     'X-RAY DIFFRACTION' 
_exptl.method_details             ? 
# 
_exptl_crystal.colour                      ? 
_exptl_crystal.density_diffrn              ? 
_exptl_crystal.density_Matthews            1.71 
_exptl_crystal.density_method              ? 
_exptl_crystal.density_percent_sol         28.04 
_exptl_crystal.description                 ? 
_exptl_crystal.F_000                       ? 
_exptl_crystal.id                          1 
_exptl_crystal.preparation                 ? 
_exptl_crystal.size_max                    ? 
_exptl_crystal.size_mid                    ? 
_exptl_crystal.size_min                    ? 
_exptl_crystal.size_rad                    ? 
_exptl_crystal.colour_lustre               ? 
_exptl_crystal.colour_modifier             ? 
_exptl_crystal.colour_primary              ? 
_exptl_crystal.density_meas                ? 
_exptl_crystal.density_meas_esd            ? 
_exptl_crystal.density_meas_gt             ? 
_exptl_crystal.density_meas_lt             ? 
_exptl_crystal.density_meas_temp           ? 
_exptl_crystal.density_meas_temp_esd       ? 
_exptl_crystal.density_meas_temp_gt        ? 
_exptl_crystal.density_meas_temp_lt        ? 
_exptl_crystal.pdbx_crystal_image_url      ? 
_exptl_crystal.pdbx_crystal_image_format   ? 
_exptl_crystal.pdbx_mosaicity              0.720 
_exptl_crystal.pdbx_mosaicity_esd          ? 
# 
_exptl_crystal_grow.apparatus       ? 
_exptl_crystal_grow.atmosphere      ? 
_exptl_crystal_grow.crystal_id      1 
_exptl_crystal_grow.details         ? 
_exptl_crystal_grow.method          EVAPORATION 
_exptl_crystal_grow.method_ref      ? 
_exptl_crystal_grow.pH              7.5 
_exptl_crystal_grow.pressure        ? 
_exptl_crystal_grow.pressure_esd    ? 
_exptl_crystal_grow.seeding         ? 
_exptl_crystal_grow.seeding_ref     ? 
_exptl_crystal_grow.temp            293 
_exptl_crystal_grow.temp_details    ? 
_exptl_crystal_grow.temp_esd        ? 
_exptl_crystal_grow.time            ? 
_exptl_crystal_grow.pdbx_details    PEG3350 
_exptl_crystal_grow.pdbx_pH_range   ? 
# 
_diffrn.ambient_environment              ? 
_diffrn.ambient_temp                     100 
_diffrn.ambient_temp_details             ? 
_diffrn.ambient_temp_esd                 ? 
_diffrn.crystal_id                       1 
_diffrn.crystal_support                  ? 
_diffrn.crystal_treatment                ? 
_diffrn.details                          ? 
_diffrn.id                               1 
_diffrn.ambient_pressure                 ? 
_diffrn.ambient_pressure_esd             ? 
_diffrn.ambient_pressure_gt              ? 
_diffrn.ambient_pressure_lt              ? 
_diffrn.ambient_temp_gt                  ? 
_diffrn.ambient_temp_lt                  ? 
_diffrn.pdbx_serial_crystal_experiment   N 
# 
_diffrn_detector.details                      ? 
_diffrn_detector.detector                     CCD 
_diffrn_detector.diffrn_id                    1 
_diffrn_detector.type                         'ADSC QUANTUM 315r' 
_diffrn_detector.area_resol_mean              ? 
_diffrn_detector.dtime                        ? 
_diffrn_detector.pdbx_frames_total            ? 
_diffrn_detector.pdbx_collection_time_total   ? 
_diffrn_detector.pdbx_collection_date         2021-12-10 
_diffrn_detector.pdbx_frequency               ? 
# 
_diffrn_radiation.collimation                      ? 
_diffrn_radiation.diffrn_id                        1 
_diffrn_radiation.filter_edge                      ? 
_diffrn_radiation.inhomogeneity                    ? 
_diffrn_radiation.monochromator                    ? 
_diffrn_radiation.polarisn_norm                    ? 
_diffrn_radiation.polarisn_ratio                   ? 
_diffrn_radiation.probe                            ? 
_diffrn_radiation.type                             ? 
_diffrn_radiation.xray_symbol                      ? 
_diffrn_radiation.wavelength_id                    1 
_diffrn_radiation.pdbx_monochromatic_or_laue_m_l   M 
_diffrn_radiation.pdbx_wavelength_list             ? 
_diffrn_radiation.pdbx_wavelength                  ? 
_diffrn_radiation.pdbx_diffrn_protocol             'SINGLE WAVELENGTH' 
_diffrn_radiation.pdbx_analyzer                    ? 
_diffrn_radiation.pdbx_scattering_type             x-ray 
# 
_diffrn_radiation_wavelength.id           1 
_diffrn_radiation_wavelength.wavelength   0.97918 
_diffrn_radiation_wavelength.wt           1.0 
# 
_diffrn_source.current                     ? 
_diffrn_source.details                     ? 
_diffrn_source.diffrn_id                   1 
_diffrn_source.power                       ? 
_diffrn_source.size                        ? 
_diffrn_source.source                      SYNCHROTRON 
_diffrn_source.target                      ? 
_diffrn_source.type                        'SSRF BEAMLINE BL17U' 
_diffrn_source.voltage                     ? 
_diffrn_source.take-off_angle              ? 
_diffrn_source.pdbx_wavelength_list        0.97918 
_diffrn_source.pdbx_wavelength             ? 
_diffrn_source.pdbx_synchrotron_beamline   BL17U 
_diffrn_source.pdbx_synchrotron_site       SSRF 
# 
_reflns.B_iso_Wilson_estimate                          46.720 
_reflns.entry_id                                       7X9P 
_reflns.data_reduction_details                         ? 
_reflns.data_reduction_method                          ? 
_reflns.d_resolution_high                              2.700 
_reflns.d_resolution_low                               49.450 
_reflns.details                                        ? 
_reflns.limit_h_max                                    ? 
_reflns.limit_h_min                                    ? 
_reflns.limit_k_max                                    ? 
_reflns.limit_k_min                                    ? 
_reflns.limit_l_max                                    ? 
_reflns.limit_l_min                                    ? 
_reflns.number_all                                     ? 
_reflns.number_obs                                     7915 
_reflns.observed_criterion                             ? 
_reflns.observed_criterion_F_max                       ? 
_reflns.observed_criterion_F_min                       ? 
_reflns.observed_criterion_I_max                       ? 
_reflns.observed_criterion_I_min                       ? 
_reflns.observed_criterion_sigma_F                     ? 
_reflns.observed_criterion_sigma_I                     ? 
_reflns.percent_possible_obs                           95.100 
_reflns.R_free_details                                 ? 
_reflns.Rmerge_F_all                                   ? 
_reflns.Rmerge_F_obs                                   ? 
_reflns.Friedel_coverage                               ? 
_reflns.number_gt                                      ? 
_reflns.threshold_expression                           ? 
_reflns.pdbx_redundancy                                2.200 
_reflns.pdbx_Rmerge_I_obs                              0.107 
_reflns.pdbx_Rmerge_I_all                              ? 
_reflns.pdbx_Rsym_value                                ? 
_reflns.pdbx_netI_over_av_sigmaI                       ? 
_reflns.pdbx_netI_over_sigmaI                          7.000 
_reflns.pdbx_res_netI_over_av_sigmaI_2                 ? 
_reflns.pdbx_res_netI_over_sigmaI_2                    ? 
_reflns.pdbx_chi_squared                               ? 
_reflns.pdbx_scaling_rejects                           ? 
_reflns.pdbx_d_res_high_opt                            ? 
_reflns.pdbx_d_res_low_opt                             ? 
_reflns.pdbx_d_res_opt_method                          ? 
_reflns.phase_calculation_details                      ? 
_reflns.pdbx_Rrim_I_all                                0.139 
_reflns.pdbx_Rpim_I_all                                0.088 
_reflns.pdbx_d_opt                                     ? 
_reflns.pdbx_number_measured_all                       ? 
_reflns.pdbx_diffrn_id                                 1 
_reflns.pdbx_ordinal                                   1 
_reflns.pdbx_CC_half                                   0.982 
_reflns.pdbx_CC_star                                   ? 
_reflns.pdbx_R_split                                   ? 
_reflns.pdbx_aniso_diffraction_limit_axis_1_ortho[1]   ? 
_reflns.pdbx_aniso_diffraction_limit_axis_1_ortho[2]   ? 
_reflns.pdbx_aniso_diffraction_limit_axis_1_ortho[3]   ? 
_reflns.pdbx_aniso_diffraction_limit_axis_2_ortho[1]   ? 
_reflns.pdbx_aniso_diffraction_limit_axis_2_ortho[2]   ? 
_reflns.pdbx_aniso_diffraction_limit_axis_2_ortho[3]   ? 
_reflns.pdbx_aniso_diffraction_limit_axis_3_ortho[1]   ? 
_reflns.pdbx_aniso_diffraction_limit_axis_3_ortho[2]   ? 
_reflns.pdbx_aniso_diffraction_limit_axis_3_ortho[3]   ? 
_reflns.pdbx_aniso_diffraction_limit_1                 ? 
_reflns.pdbx_aniso_diffraction_limit_2                 ? 
_reflns.pdbx_aniso_diffraction_limit_3                 ? 
_reflns.pdbx_aniso_B_tensor_eigenvector_1_ortho[1]     ? 
_reflns.pdbx_aniso_B_tensor_eigenvector_1_ortho[2]     ? 
_reflns.pdbx_aniso_B_tensor_eigenvector_1_ortho[3]     ? 
_reflns.pdbx_aniso_B_tensor_eigenvector_2_ortho[1]     ? 
_reflns.pdbx_aniso_B_tensor_eigenvector_2_ortho[2]     ? 
_reflns.pdbx_aniso_B_tensor_eigenvector_2_ortho[3]     ? 
_reflns.pdbx_aniso_B_tensor_eigenvector_3_ortho[1]     ? 
_reflns.pdbx_aniso_B_tensor_eigenvector_3_ortho[2]     ? 
_reflns.pdbx_aniso_B_tensor_eigenvector_3_ortho[3]     ? 
_reflns.pdbx_aniso_B_tensor_eigenvalue_1               ? 
_reflns.pdbx_aniso_B_tensor_eigenvalue_2               ? 
_reflns.pdbx_aniso_B_tensor_eigenvalue_3               ? 
_reflns.pdbx_orthogonalization_convention              ? 
_reflns.pdbx_percent_possible_ellipsoidal              ? 
_reflns.pdbx_percent_possible_spherical                ? 
_reflns.pdbx_percent_possible_ellipsoidal_anomalous    ? 
_reflns.pdbx_percent_possible_spherical_anomalous      ? 
_reflns.pdbx_redundancy_anomalous                      ? 
_reflns.pdbx_CC_half_anomalous                         ? 
_reflns.pdbx_absDiff_over_sigma_anomalous              ? 
_reflns.pdbx_percent_possible_anomalous                ? 
_reflns.pdbx_observed_signal_threshold                 ? 
_reflns.pdbx_signal_type                               ? 
_reflns.pdbx_signal_details                            ? 
_reflns.pdbx_signal_software_id                        ? 
# 
loop_
_reflns_shell.d_res_high 
_reflns_shell.d_res_low 
_reflns_shell.meanI_over_sigI_all 
_reflns_shell.meanI_over_sigI_obs 
_reflns_shell.number_measured_all 
_reflns_shell.number_measured_obs 
_reflns_shell.number_possible 
_reflns_shell.number_unique_all 
_reflns_shell.number_unique_obs 
_reflns_shell.percent_possible_all 
_reflns_shell.percent_possible_obs 
_reflns_shell.Rmerge_F_all 
_reflns_shell.Rmerge_F_obs 
_reflns_shell.Rmerge_I_all 
_reflns_shell.Rmerge_I_obs 
_reflns_shell.meanI_over_sigI_gt 
_reflns_shell.meanI_over_uI_all 
_reflns_shell.meanI_over_uI_gt 
_reflns_shell.number_measured_gt 
_reflns_shell.number_unique_gt 
_reflns_shell.percent_possible_gt 
_reflns_shell.Rmerge_F_gt 
_reflns_shell.Rmerge_I_gt 
_reflns_shell.pdbx_redundancy 
_reflns_shell.pdbx_Rsym_value 
_reflns_shell.pdbx_chi_squared 
_reflns_shell.pdbx_netI_over_sigmaI_all 
_reflns_shell.pdbx_netI_over_sigmaI_obs 
_reflns_shell.pdbx_Rrim_I_all 
_reflns_shell.pdbx_Rpim_I_all 
_reflns_shell.pdbx_rejects 
_reflns_shell.pdbx_ordinal 
_reflns_shell.pdbx_diffrn_id 
_reflns_shell.pdbx_CC_half 
_reflns_shell.pdbx_CC_star 
_reflns_shell.pdbx_R_split 
_reflns_shell.pdbx_percent_possible_ellipsoidal 
_reflns_shell.pdbx_percent_possible_spherical 
_reflns_shell.pdbx_percent_possible_ellipsoidal_anomalous 
_reflns_shell.pdbx_percent_possible_spherical_anomalous 
_reflns_shell.pdbx_redundancy_anomalous 
_reflns_shell.pdbx_CC_half_anomalous 
_reflns_shell.pdbx_absDiff_over_sigma_anomalous 
_reflns_shell.pdbx_percent_possible_anomalous 
2.700 2.830  ? ? 1409 ? ? ? 620 96.300 ? ? ? ? 0.372 ? ? ? ? ? ? ? ? 2.300 ? ? ? 3.200  0.479 0.299 ? 1 1 0.855 ? ? ? ? ? ? ? ? ? 
? 
8.960 49.450 ? ? 290  ? ? ? 125 89.600 ? ? ? ? 0.064 ? ? ? ? ? ? ? ? 2.300 ? ? ? 11.500 0.084 0.054 ? 2 1 0.980 ? ? ? ? ? ? ? ? ? 
? 
# 
_refine.aniso_B[1][1]                            ? 
_refine.aniso_B[1][2]                            ? 
_refine.aniso_B[1][3]                            ? 
_refine.aniso_B[2][2]                            ? 
_refine.aniso_B[2][3]                            ? 
_refine.aniso_B[3][3]                            ? 
_refine.B_iso_max                                96.810 
_refine.B_iso_mean                               51.4063 
_refine.B_iso_min                                25.540 
_refine.correlation_coeff_Fo_to_Fc               ? 
_refine.correlation_coeff_Fo_to_Fc_free          ? 
_refine.details                                  ? 
_refine.diff_density_max                         ? 
_refine.diff_density_max_esd                     ? 
_refine.diff_density_min                         ? 
_refine.diff_density_min_esd                     ? 
_refine.diff_density_rms                         ? 
_refine.diff_density_rms_esd                     ? 
_refine.entry_id                                 7X9P 
_refine.pdbx_refine_id                           'X-RAY DIFFRACTION' 
_refine.ls_abs_structure_details                 ? 
_refine.ls_abs_structure_Flack                   ? 
_refine.ls_abs_structure_Flack_esd               ? 
_refine.ls_abs_structure_Rogers                  ? 
_refine.ls_abs_structure_Rogers_esd              ? 
_refine.ls_d_res_high                            2.7000 
_refine.ls_d_res_low                             28.1400 
_refine.ls_extinction_coef                       ? 
_refine.ls_extinction_coef_esd                   ? 
_refine.ls_extinction_expression                 ? 
_refine.ls_extinction_method                     ? 
_refine.ls_goodness_of_fit_all                   ? 
_refine.ls_goodness_of_fit_all_esd               ? 
_refine.ls_goodness_of_fit_obs                   ? 
_refine.ls_goodness_of_fit_obs_esd               ? 
_refine.ls_hydrogen_treatment                    ? 
_refine.ls_matrix_type                           ? 
_refine.ls_number_constraints                    ? 
_refine.ls_number_parameters                     ? 
_refine.ls_number_reflns_all                     ? 
_refine.ls_number_reflns_obs                     7915 
_refine.ls_number_reflns_R_free                  445 
_refine.ls_number_reflns_R_work                  7470 
_refine.ls_number_restraints                     ? 
_refine.ls_percent_reflns_obs                    83.6900 
_refine.ls_percent_reflns_R_free                 5.6200 
_refine.ls_R_factor_all                          ? 
_refine.ls_R_factor_obs                          0.2494 
_refine.ls_R_factor_R_free                       0.2790 
_refine.ls_R_factor_R_free_error                 ? 
_refine.ls_R_factor_R_free_error_details         ? 
_refine.ls_R_factor_R_work                       0.2476 
_refine.ls_R_Fsqd_factor_obs                     ? 
_refine.ls_R_I_factor_obs                        ? 
_refine.ls_redundancy_reflns_all                 ? 
_refine.ls_redundancy_reflns_obs                 ? 
_refine.ls_restrained_S_all                      ? 
_refine.ls_restrained_S_obs                      ? 
_refine.ls_shift_over_esd_max                    ? 
_refine.ls_shift_over_esd_mean                   ? 
_refine.ls_structure_factor_coef                 ? 
_refine.ls_weighting_details                     ? 
_refine.ls_weighting_scheme                      ? 
_refine.ls_wR_factor_all                         ? 
_refine.ls_wR_factor_obs                         ? 
_refine.ls_wR_factor_R_free                      ? 
_refine.ls_wR_factor_R_work                      ? 
_refine.occupancy_max                            ? 
_refine.occupancy_min                            ? 
_refine.solvent_model_details                    'FLAT BULK SOLVENT MODEL' 
_refine.solvent_model_param_bsol                 ? 
_refine.solvent_model_param_ksol                 ? 
_refine.pdbx_R_complete                          ? 
_refine.ls_R_factor_gt                           ? 
_refine.ls_goodness_of_fit_gt                    ? 
_refine.ls_goodness_of_fit_ref                   ? 
_refine.ls_shift_over_su_max                     ? 
_refine.ls_shift_over_su_max_lt                  ? 
_refine.ls_shift_over_su_mean                    ? 
_refine.ls_shift_over_su_mean_lt                 ? 
_refine.pdbx_ls_sigma_I                          ? 
_refine.pdbx_ls_sigma_F                          1.350 
_refine.pdbx_ls_sigma_Fsqd                       ? 
_refine.pdbx_data_cutoff_high_absF               ? 
_refine.pdbx_data_cutoff_high_rms_absF           ? 
_refine.pdbx_data_cutoff_low_absF                ? 
_refine.pdbx_isotropic_thermal_model             ? 
_refine.pdbx_ls_cross_valid_method               THROUGHOUT 
_refine.pdbx_method_to_determine_struct          'MOLECULAR REPLACEMENT' 
_refine.pdbx_starting_model                      6UKM 
_refine.pdbx_stereochemistry_target_values       ML 
_refine.pdbx_R_Free_selection_details            ? 
_refine.pdbx_stereochem_target_val_spec_case     ? 
_refine.pdbx_overall_ESU_R                       ? 
_refine.pdbx_overall_ESU_R_Free                  ? 
_refine.pdbx_solvent_vdw_probe_radii             1.1100 
_refine.pdbx_solvent_ion_probe_radii             ? 
_refine.pdbx_solvent_shrinkage_radii             0.9000 
_refine.pdbx_real_space_R                        ? 
_refine.pdbx_density_correlation                 ? 
_refine.pdbx_pd_number_of_powder_patterns        ? 
_refine.pdbx_pd_number_of_points                 ? 
_refine.pdbx_pd_meas_number_of_points            ? 
_refine.pdbx_pd_proc_ls_prof_R_factor            ? 
_refine.pdbx_pd_proc_ls_prof_wR_factor           ? 
_refine.pdbx_pd_Marquardt_correlation_coeff      ? 
_refine.pdbx_pd_Fsqrd_R_factor                   ? 
_refine.pdbx_pd_ls_matrix_band_width             ? 
_refine.pdbx_overall_phase_error                 33.9900 
_refine.pdbx_overall_SU_R_free_Cruickshank_DPI   ? 
_refine.pdbx_overall_SU_R_free_Blow_DPI          ? 
_refine.pdbx_overall_SU_R_Blow_DPI               ? 
_refine.pdbx_TLS_residual_ADP_flag               ? 
_refine.pdbx_diffrn_id                           1 
_refine.overall_SU_B                             ? 
_refine.overall_SU_ML                            0.3700 
_refine.overall_SU_R_Cruickshank_DPI             ? 
_refine.overall_SU_R_free                        ? 
_refine.overall_FOM_free_R_set                   ? 
_refine.overall_FOM_work_R_set                   ? 
_refine.pdbx_average_fsc_overall                 ? 
_refine.pdbx_average_fsc_work                    ? 
_refine.pdbx_average_fsc_free                    ? 
# 
_refine_hist.pdbx_refine_id                   'X-RAY DIFFRACTION' 
_refine_hist.cycle_id                         final 
_refine_hist.details                          ? 
_refine_hist.d_res_high                       2.7000 
_refine_hist.d_res_low                        28.1400 
_refine_hist.number_atoms_solvent             6 
_refine_hist.number_atoms_total               1380 
_refine_hist.number_reflns_all                ? 
_refine_hist.number_reflns_obs                ? 
_refine_hist.number_reflns_R_free             ? 
_refine_hist.number_reflns_R_work             ? 
_refine_hist.R_factor_all                     ? 
_refine_hist.R_factor_obs                     ? 
_refine_hist.R_factor_R_free                  ? 
_refine_hist.R_factor_R_work                  ? 
_refine_hist.pdbx_number_residues_total       177 
_refine_hist.pdbx_B_iso_mean_ligand           40.78 
_refine_hist.pdbx_B_iso_mean_solvent          50.01 
_refine_hist.pdbx_number_atoms_protein        1333 
_refine_hist.pdbx_number_atoms_nucleic_acid   0 
_refine_hist.pdbx_number_atoms_ligand         41 
_refine_hist.pdbx_number_atoms_lipid          ? 
_refine_hist.pdbx_number_atoms_carb           ? 
_refine_hist.pdbx_pseudo_atom_details         ? 
# 
loop_
_refine_ls_shell.pdbx_refine_id 
_refine_ls_shell.d_res_high 
_refine_ls_shell.d_res_low 
_refine_ls_shell.number_reflns_all 
_refine_ls_shell.number_reflns_obs 
_refine_ls_shell.number_reflns_R_free 
_refine_ls_shell.number_reflns_R_work 
_refine_ls_shell.percent_reflns_obs 
_refine_ls_shell.percent_reflns_R_free 
_refine_ls_shell.R_factor_all 
_refine_ls_shell.R_factor_obs 
_refine_ls_shell.R_factor_R_free 
_refine_ls_shell.R_factor_R_free_error 
_refine_ls_shell.R_factor_R_work 
_refine_ls_shell.redundancy_reflns_all 
_refine_ls_shell.redundancy_reflns_obs 
_refine_ls_shell.wR_factor_all 
_refine_ls_shell.wR_factor_obs 
_refine_ls_shell.wR_factor_R_free 
_refine_ls_shell.wR_factor_R_work 
_refine_ls_shell.pdbx_R_complete 
_refine_ls_shell.pdbx_total_number_of_bins_used 
_refine_ls_shell.pdbx_phase_error 
_refine_ls_shell.pdbx_fsc_work 
_refine_ls_shell.pdbx_fsc_free 
'X-RAY DIFFRACTION' 2.7000 3.0900  2662 . 165 2497 85.0000 . . . 0.3457 0.0000 0.3067 . . . . . . . 3 . . . 
'X-RAY DIFFRACTION' 3.0900 3.8900  2543 . 143 2400 80.0000 . . . 0.3220 0.0000 0.2701 . . . . . . . 3 . . . 
'X-RAY DIFFRACTION' 3.9000 28.1400 2710 . 137 2573 86.0000 . . . 0.2294 0.0000 0.2187 . . . . . . . 3 . . . 
# 
_struct.entry_id                     7X9P 
_struct.title                        'Crystal structure of human STING complexed with compound BSP17' 
_struct.pdbx_model_details           ? 
_struct.pdbx_formula_weight          ? 
_struct.pdbx_formula_weight_method   ? 
_struct.pdbx_model_type_details      ? 
_struct.pdbx_CASP_flag               N 
# 
_struct_keywords.entry_id        7X9P 
_struct_keywords.text            'STING agonists, IMMUNE SYSTEM' 
_struct_keywords.pdbx_keywords   'IMMUNE SYSTEM' 
# 
loop_
_struct_asym.id 
_struct_asym.pdbx_blank_PDB_chainid_flag 
_struct_asym.pdbx_modified 
_struct_asym.entity_id 
_struct_asym.details 
A N N 1 ? 
B N N 2 ? 
C N N 3 ? 
# 
loop_
_struct_conf.conf_type_id 
_struct_conf.id 
_struct_conf.pdbx_PDB_helix_id 
_struct_conf.beg_label_comp_id 
_struct_conf.beg_label_asym_id 
_struct_conf.beg_label_seq_id 
_struct_conf.pdbx_beg_PDB_ins_code 
_struct_conf.end_label_comp_id 
_struct_conf.end_label_asym_id 
_struct_conf.end_label_seq_id 
_struct_conf.pdbx_end_PDB_ins_code 
_struct_conf.beg_auth_comp_id 
_struct_conf.beg_auth_asym_id 
_struct_conf.beg_auth_seq_id 
_struct_conf.end_auth_comp_id 
_struct_conf.end_auth_asym_id 
_struct_conf.end_auth_seq_id 
_struct_conf.pdbx_PDB_helix_class 
_struct_conf.details 
_struct_conf.pdbx_PDB_helix_length 
HELX_P HELX_P1 AA1 ASN A 5   ? TYR A 18  ? ASN A 154 TYR A 167 1 ? 14 
HELX_P HELX_P2 AA2 TYR A 18  ? LEU A 23  ? TYR A 167 LEU A 172 1 ? 6  
HELX_P HELX_P3 AA3 GLU A 25  ? TYR A 37  ? GLU A 174 TYR A 186 1 ? 13 
HELX_P HELX_P4 AA4 PRO A 115 ? MET A 122 ? PRO A 264 MET A 271 1 ? 8  
HELX_P HELX_P5 AA5 SER A 131 ? ALA A 153 ? SER A 280 ALA A 302 1 ? 23 
HELX_P HELX_P6 AA6 SER A 175 ? GLU A 190 ? SER A 324 GLU A 339 1 ? 16 
# 
_struct_conf_type.id          HELX_P 
_struct_conf_type.criteria    ? 
_struct_conf_type.reference   ? 
# 
loop_
_struct_sheet.id 
_struct_sheet.type 
_struct_sheet.number_strands 
_struct_sheet.details 
AA1 ? 5 ? 
AA2 ? 2 ? 
# 
loop_
_struct_sheet_order.sheet_id 
_struct_sheet_order.range_id_1 
_struct_sheet_order.range_id_2 
_struct_sheet_order.offset 
_struct_sheet_order.sense 
AA1 1 2 ? anti-parallel 
AA1 2 3 ? anti-parallel 
AA1 3 4 ? parallel      
AA1 4 5 ? parallel      
AA2 1 2 ? anti-parallel 
# 
loop_
_struct_sheet_range.sheet_id 
_struct_sheet_range.id 
_struct_sheet_range.beg_label_comp_id 
_struct_sheet_range.beg_label_asym_id 
_struct_sheet_range.beg_label_seq_id 
_struct_sheet_range.pdbx_beg_PDB_ins_code 
_struct_sheet_range.end_label_comp_id 
_struct_sheet_range.end_label_asym_id 
_struct_sheet_range.end_label_seq_id 
_struct_sheet_range.pdbx_end_PDB_ins_code 
_struct_sheet_range.beg_auth_comp_id 
_struct_sheet_range.beg_auth_asym_id 
_struct_sheet_range.beg_auth_seq_id 
_struct_sheet_range.end_auth_comp_id 
_struct_sheet_range.end_auth_asym_id 
_struct_sheet_range.end_auth_seq_id 
AA1 1 ILE A 70  ? LYS A 75  ? ILE A 219 LYS A 224 
AA1 2 SER A 94  ? GLU A 100 ? SER A 243 GLU A 249 
AA1 3 GLN A 103 ? TYR A 112 ? GLN A 252 TYR A 261 
AA1 4 LEU A 49  ? PRO A 54  ? LEU A 198 PRO A 203 
AA1 5 CYS A 160 ? TYR A 165 ? CYS A 309 TYR A 314 
AA2 1 GLN A 79  ? HIS A 83  ? GLN A 228 HIS A 232 
AA2 2 ILE A 86  ? TYR A 91  ? ILE A 235 TYR A 240 
# 
loop_
_pdbx_struct_sheet_hbond.sheet_id 
_pdbx_struct_sheet_hbond.range_id_1 
_pdbx_struct_sheet_hbond.range_id_2 
_pdbx_struct_sheet_hbond.range_1_label_atom_id 
_pdbx_struct_sheet_hbond.range_1_label_comp_id 
_pdbx_struct_sheet_hbond.range_1_label_asym_id 
_pdbx_struct_sheet_hbond.range_1_label_seq_id 
_pdbx_struct_sheet_hbond.range_1_PDB_ins_code 
_pdbx_struct_sheet_hbond.range_1_auth_atom_id 
_pdbx_struct_sheet_hbond.range_1_auth_comp_id 
_pdbx_struct_sheet_hbond.range_1_auth_asym_id 
_pdbx_struct_sheet_hbond.range_1_auth_seq_id 
_pdbx_struct_sheet_hbond.range_2_label_atom_id 
_pdbx_struct_sheet_hbond.range_2_label_comp_id 
_pdbx_struct_sheet_hbond.range_2_label_asym_id 
_pdbx_struct_sheet_hbond.range_2_label_seq_id 
_pdbx_struct_sheet_hbond.range_2_PDB_ins_code 
_pdbx_struct_sheet_hbond.range_2_auth_atom_id 
_pdbx_struct_sheet_hbond.range_2_auth_comp_id 
_pdbx_struct_sheet_hbond.range_2_auth_asym_id 
_pdbx_struct_sheet_hbond.range_2_auth_seq_id 
AA1 1 2 N ARG A 71  ? N ARG A 220 O GLU A 97  ? O GLU A 246 
AA1 2 3 N LEU A 98  ? N LEU A 247 O GLY A 106 ? O GLY A 255 
AA1 3 4 O VAL A 109 ? O VAL A 258 N TYR A 50  ? N TYR A 199 
AA1 4 5 N LEU A 53  ? N LEU A 202 O ILE A 163 ? O ILE A 312 
AA2 1 2 N GLN A 79  ? N GLN A 228 O TYR A 91  ? O TYR A 240 
# 
_atom_sites.entry_id                    7X9P 
_atom_sites.Cartn_transf_matrix[1][1]   ? 
_atom_sites.Cartn_transf_matrix[1][2]   ? 
_atom_sites.Cartn_transf_matrix[1][3]   ? 
_atom_sites.Cartn_transf_matrix[2][1]   ? 
_atom_sites.Cartn_transf_matrix[2][2]   ? 
_atom_sites.Cartn_transf_matrix[2][3]   ? 
_atom_sites.Cartn_transf_matrix[3][1]   ? 
_atom_sites.Cartn_transf_matrix[3][2]   ? 
_atom_sites.Cartn_transf_matrix[3][3]   ? 
_atom_sites.Cartn_transf_vector[1]      ? 
_atom_sites.Cartn_transf_vector[2]      ? 
_atom_sites.Cartn_transf_vector[3]      ? 
_atom_sites.fract_transf_matrix[1][1]   -0.01955465 
_atom_sites.fract_transf_matrix[1][2]   -0.01643715 
_atom_sites.fract_transf_matrix[1][3]   -0.01638512 
_atom_sites.fract_transf_matrix[2][1]   0.01305184 
_atom_sites.fract_transf_matrix[2][2]   -0.00270430 
_atom_sites.fract_transf_matrix[2][3]   -0.01286370 
_atom_sites.fract_transf_matrix[3][1]   0.00200350 
_atom_sites.fract_transf_matrix[3][2]   -0.00909186 
_atom_sites.fract_transf_matrix[3][3]   0.00394416 
_atom_sites.fract_transf_vector[1]      0.042312 
_atom_sites.fract_transf_vector[2]      -0.031912 
_atom_sites.fract_transf_vector[3]      0.135535 
_atom_sites.solution_primary            ? 
_atom_sites.solution_secondary          ? 
_atom_sites.solution_hydrogens          ? 
_atom_sites.special_details             ? 
# 
loop_
_atom_type.symbol 
C  
N  
O  
S  
SE 
# 
loop_
_atom_site.group_PDB 
_atom_site.id 
_atom_site.type_symbol 
_atom_site.label_atom_id 
_atom_site.label_alt_id 
_atom_site.label_comp_id 
_atom_site.label_asym_id 
_atom_site.label_entity_id 
_atom_site.label_seq_id 
_atom_site.pdbx_PDB_ins_code 
_atom_site.Cartn_x 
_atom_site.Cartn_y 
_atom_site.Cartn_z 
_atom_site.occupancy 
_atom_site.B_iso_or_equiv 
_atom_site.pdbx_formal_charge 
_atom_site.auth_seq_id 
_atom_site.auth_comp_id 
_atom_site.auth_asym_id 
_atom_site.auth_atom_id 
_atom_site.pdbx_PDB_model_num 
ATOM   1    N  N    . ASN A 1 5   ? -17.670 11.705  8.527   1.00 74.24 ?  154 ASN A N    1 
ATOM   2    C  CA   . ASN A 1 5   ? -16.268 11.456  8.942   1.00 58.03 ?  154 ASN A CA   1 
ATOM   3    C  C    . ASN A 1 5   ? -15.304 12.073  7.930   1.00 57.68 ?  154 ASN A C    1 
ATOM   4    O  O    . ASN A 1 5   ? -15.670 12.189  6.756   1.00 50.82 ?  154 ASN A O    1 
ATOM   5    C  CB   . ASN A 1 5   ? -15.997 9.965   9.114   1.00 30.00 ?  154 ASN A CB   1 
ATOM   6    C  CG   . ASN A 1 5   ? -17.192 9.217   9.661   1.00 30.00 ?  154 ASN A CG   1 
ATOM   7    O  OD1  . ASN A 1 5   ? -17.787 9.635   10.652  1.00 30.00 ?  154 ASN A OD1  1 
ATOM   8    N  ND2  . ASN A 1 5   ? -17.556 8.118   9.023   1.00 30.00 ?  154 ASN A ND2  1 
ATOM   9    N  N    . VAL A 1 6   ? -14.129 12.488  8.391   1.00 52.11 ?  155 VAL A N    1 
ATOM   10   C  CA   . VAL A 1 6   ? -13.084 12.979  7.459   1.00 51.99 ?  155 VAL A CA   1 
ATOM   11   C  C    . VAL A 1 6   ? -12.447 11.733  6.866   1.00 45.88 ?  155 VAL A C    1 
ATOM   12   O  O    . VAL A 1 6   ? -12.138 11.718  5.676   1.00 46.77 ?  155 VAL A O    1 
ATOM   13   C  CB   . VAL A 1 6   ? -12.036 13.823  8.199   1.00 56.38 ?  155 VAL A CB   1 
ATOM   14   C  CG1  . VAL A 1 6   ? -12.235 13.765  9.703   1.00 59.46 ?  155 VAL A CG1  1 
ATOM   15   C  CG2  . VAL A 1 6   ? -10.614 13.437  7.830   1.00 55.05 ?  155 VAL A CG2  1 
ATOM   16   N  N    . ALA A 1 7   ? -12.293 10.718  7.704   1.00 49.75 ?  156 ALA A N    1 
ATOM   17   C  CA   . ALA A 1 7   ? -11.678 9.490   7.208   1.00 45.98 ?  156 ALA A CA   1 
ATOM   18   C  C    . ALA A 1 7   ? -12.587 8.732   6.251   1.00 38.03 ?  156 ALA A C    1 
ATOM   19   O  O    . ALA A 1 7   ? -12.091 7.997   5.388   1.00 34.13 ?  156 ALA A O    1 
ATOM   20   C  CB   . ALA A 1 7   ? -11.285 8.585   8.373   1.00 47.33 ?  156 ALA A CB   1 
ATOM   21   N  N    . HIS A 1 8   ? -13.906 8.877   6.395   1.00 43.19 ?  157 HIS A N    1 
ATOM   22   C  CA   . HIS A 1 8   ? -14.822 8.247   5.449   1.00 37.45 ?  157 HIS A CA   1 
ATOM   23   C  C    . HIS A 1 8   ? -14.627 8.809   4.049   1.00 33.42 ?  157 HIS A C    1 
ATOM   24   O  O    . HIS A 1 8   ? -14.596 8.058   3.066   1.00 33.22 ?  157 HIS A O    1 
ATOM   25   C  CB   . HIS A 1 8   ? -16.267 8.436   5.913   1.00 39.62 ?  157 HIS A CB   1 
ATOM   26   C  CG   . HIS A 1 8   ? -17.290 8.052   4.888   1.00 54.82 ?  157 HIS A CG   1 
ATOM   27   N  ND1  . HIS A 1 8   ? -17.727 8.921   3.912   1.00 56.00 ?  157 HIS A ND1  1 
ATOM   28   C  CD2  . HIS A 1 8   ? -17.963 6.894   4.689   1.00 61.56 ?  157 HIS A CD2  1 
ATOM   29   C  CE1  . HIS A 1 8   ? -18.626 8.315   3.157   1.00 57.96 ?  157 HIS A CE1  1 
ATOM   30   N  NE2  . HIS A 1 8   ? -18.788 7.084   3.605   1.00 59.60 ?  157 HIS A NE2  1 
ATOM   31   N  N    . GLY A 1 9   ? -14.487 10.129  3.938   1.00 33.12 ?  158 GLY A N    1 
ATOM   32   C  CA   . GLY A 1 9   ? -14.272 10.731  2.635   1.00 31.53 ?  158 GLY A CA   1 
ATOM   33   C  C    . GLY A 1 9   ? -12.850 10.616  2.142   1.00 33.62 ?  158 GLY A C    1 
ATOM   34   O  O    . GLY A 1 9   ? -12.613 10.630  0.929   1.00 32.10 ?  158 GLY A O    1 
ATOM   35   N  N    . LEU A 1 10  ? -11.886 10.512  3.057   1.00 31.55 ?  159 LEU A N    1 
ATOM   36   C  CA   . LEU A 1 10  ? -10.507 10.283  2.638   1.00 29.48 ?  159 LEU A CA   1 
ATOM   37   C  C    . LEU A 1 10  ? -10.349 8.910   2.002   1.00 30.80 ?  159 LEU A C    1 
ATOM   38   O  O    . LEU A 1 10  ? -9.507  8.731   1.116   1.00 32.36 ?  159 LEU A O    1 
ATOM   39   C  CB   . LEU A 1 10  ? -9.559  10.429  3.826   1.00 32.15 ?  159 LEU A CB   1 
ATOM   40   C  CG   . LEU A 1 10  ? -9.157  11.856  4.212   1.00 36.46 ?  159 LEU A CG   1 
ATOM   41   C  CD1  . LEU A 1 10  ? -8.072  11.851  5.294   1.00 35.42 ?  159 LEU A CD1  1 
ATOM   42   C  CD2  . LEU A 1 10  ? -8.750  12.681  2.996   1.00 39.80 ?  159 LEU A CD2  1 
ATOM   43   N  N    . ALA A 1 11  ? -11.155 7.937   2.435   1.00 37.78 ?  160 ALA A N    1 
ATOM   44   C  CA   . ALA A 1 11  ? -11.069 6.585   1.895   1.00 37.39 ?  160 ALA A CA   1 
ATOM   45   C  C    . ALA A 1 11  ? -11.764 6.482   0.544   1.00 32.37 ?  160 ALA A C    1 
ATOM   46   O  O    . ALA A 1 11  ? -11.219 5.893   -0.397  1.00 33.27 ?  160 ALA A O    1 
ATOM   47   C  CB   . ALA A 1 11  ? -11.672 5.588   2.885   1.00 31.66 ?  160 ALA A CB   1 
ATOM   48   N  N    . TRP A 1 12  ? -12.972 7.040   0.436   1.00 26.91 ?  161 TRP A N    1 
ATOM   49   C  CA   . TRP A 1 12  ? -13.674 7.035   -0.843  1.00 34.93 ?  161 TRP A CA   1 
ATOM   50   C  C    . TRP A 1 12  ? -12.828 7.681   -1.929  1.00 33.58 ?  161 TRP A C    1 
ATOM   51   O  O    . TRP A 1 12  ? -12.633 7.109   -3.006  1.00 37.19 ?  161 TRP A O    1 
ATOM   52   C  CB   . TRP A 1 12  ? -15.014 7.754   -0.708  1.00 25.69 ?  161 TRP A CB   1 
ATOM   53   C  CG   . TRP A 1 12  ? -16.089 6.830   -0.312  1.00 36.84 ?  161 TRP A CG   1 
ATOM   54   C  CD1  . TRP A 1 12  ? -16.705 6.760   0.898   1.00 33.09 ?  161 TRP A CD1  1 
ATOM   55   C  CD2  . TRP A 1 12  ? -16.670 5.808   -1.123  1.00 34.61 ?  161 TRP A CD2  1 
ATOM   56   N  NE1  . TRP A 1 12  ? -17.645 5.761   0.891   1.00 47.28 ?  161 TRP A NE1  1 
ATOM   57   C  CE2  . TRP A 1 12  ? -17.639 5.156   -0.339  1.00 46.03 ?  161 TRP A CE2  1 
ATOM   58   C  CE3  . TRP A 1 12  ? -16.461 5.374   -2.435  1.00 33.74 ?  161 TRP A CE3  1 
ATOM   59   C  CZ2  . TRP A 1 12  ? -18.408 4.103   -0.825  1.00 41.94 ?  161 TRP A CZ2  1 
ATOM   60   C  CZ3  . TRP A 1 12  ? -17.219 4.328   -2.916  1.00 43.26 ?  161 TRP A CZ3  1 
ATOM   61   C  CH2  . TRP A 1 12  ? -18.182 3.703   -2.113  1.00 42.90 ?  161 TRP A CH2  1 
ATOM   62   N  N    . SER A 1 13  ? -12.283 8.855   -1.646  1.00 35.04 ?  162 SER A N    1 
ATOM   63   C  CA   . SER A 1 13  ? -11.605 9.615   -2.686  1.00 37.58 ?  162 SER A CA   1 
ATOM   64   C  C    . SER A 1 13  ? -10.246 9.017   -3.029  1.00 35.16 ?  162 SER A C    1 
ATOM   65   O  O    . SER A 1 13  ? -9.761  9.166   -4.158  1.00 32.10 ?  162 SER A O    1 
ATOM   66   C  CB   . SER A 1 13  ? -11.495 11.060  -2.224  1.00 32.46 ?  162 SER A CB   1 
ATOM   67   O  OG   . SER A 1 13  ? -11.338 11.952  -3.311  1.00 43.73 ?  162 SER A OG   1 
ATOM   68   N  N    . TYR A 1 14  ? -9.610  8.335   -2.067  1.00 36.68 ?  163 TYR A N    1 
ATOM   69   C  CA   . TYR A 1 14  ? -8.418  7.555   -2.389  1.00 33.36 ?  163 TYR A CA   1 
ATOM   70   C  C    . TYR A 1 14  ? -8.752  6.446   -3.373  1.00 29.10 ?  163 TYR A C    1 
ATOM   71   O  O    . TYR A 1 14  ? -7.926  6.102   -4.228  1.00 32.87 ?  163 TYR A O    1 
ATOM   72   C  CB   . TYR A 1 14  ? -7.803  6.985   -1.106  1.00 36.06 ?  163 TYR A CB   1 
ATOM   73   C  CG   . TYR A 1 14  ? -6.463  6.278   -1.267  1.00 33.83 ?  163 TYR A CG   1 
ATOM   74   C  CD1  . TYR A 1 14  ? -5.443  6.822   -2.038  1.00 34.43 ?  163 TYR A CD1  1 
ATOM   75   C  CD2  . TYR A 1 14  ? -6.209  5.078   -0.609  1.00 32.59 ?  163 TYR A CD2  1 
ATOM   76   C  CE1  . TYR A 1 14  ? -4.217  6.178   -2.172  1.00 33.42 ?  163 TYR A CE1  1 
ATOM   77   C  CE2  . TYR A 1 14  ? -4.987  4.429   -0.733  1.00 30.28 ?  163 TYR A CE2  1 
ATOM   78   C  CZ   . TYR A 1 14  ? -3.995  4.983   -1.517  1.00 37.13 ?  163 TYR A CZ   1 
ATOM   79   O  OH   . TYR A 1 14  ? -2.782  4.339   -1.645  1.00 39.24 ?  163 TYR A OH   1 
ATOM   80   N  N    . TYR A 1 15  ? -9.964  5.901   -3.284  1.00 27.34 ?  164 TYR A N    1 
ATOM   81   C  CA   . TYR A 1 15  ? -10.417 4.911   -4.253  1.00 33.80 ?  164 TYR A CA   1 
ATOM   82   C  C    . TYR A 1 15  ? -10.753 5.567   -5.588  1.00 30.74 ?  164 TYR A C    1 
ATOM   83   O  O    . TYR A 1 15  ? -10.206 5.197   -6.633  1.00 29.13 ?  164 TYR A O    1 
ATOM   84   C  CB   . TYR A 1 15  ? -11.628 4.161   -3.696  1.00 27.08 ?  164 TYR A CB   1 
ATOM   85   C  CG   . TYR A 1 15  ? -12.465 3.474   -4.746  1.00 37.97 ?  164 TYR A CG   1 
ATOM   86   C  CD1  . TYR A 1 15  ? -11.975 2.386   -5.449  1.00 34.83 ?  164 TYR A CD1  1 
ATOM   87   C  CD2  . TYR A 1 15  ? -13.743 3.929   -5.045  1.00 37.40 ?  164 TYR A CD2  1 
ATOM   88   C  CE1  . TYR A 1 15  ? -12.737 1.760   -6.411  1.00 40.40 ?  164 TYR A CE1  1 
ATOM   89   C  CE2  . TYR A 1 15  ? -14.513 3.309   -6.009  1.00 33.44 ?  164 TYR A CE2  1 
ATOM   90   C  CZ   . TYR A 1 15  ? -14.004 2.225   -6.690  1.00 41.12 ?  164 TYR A CZ   1 
ATOM   91   O  OH   . TYR A 1 15  ? -14.767 1.600   -7.651  1.00 55.80 ?  164 TYR A OH   1 
ATOM   92   N  N    . ILE A 1 16  ? -11.649 6.558   -5.568  1.00 25.54 ?  165 ILE A N    1 
ATOM   93   C  CA   . ILE A 1 16  ? -12.051 7.240   -6.795  1.00 29.72 ?  165 ILE A CA   1 
ATOM   94   C  C    . ILE A 1 16  ? -10.917 8.062   -7.397  1.00 33.15 ?  165 ILE A C    1 
ATOM   95   O  O    . ILE A 1 16  ? -10.989 8.435   -8.573  1.00 35.34 ?  165 ILE A O    1 
ATOM   96   C  CB   . ILE A 1 16  ? -13.279 8.133   -6.528  1.00 35.93 ?  165 ILE A CB   1 
ATOM   97   C  CG1  . ILE A 1 16  ? -14.211 7.477   -5.508  1.00 32.51 ?  165 ILE A CG1  1 
ATOM   98   C  CG2  . ILE A 1 16  ? -14.030 8.427   -7.821  1.00 52.85 ?  165 ILE A CG2  1 
ATOM   99   C  CD1  . ILE A 1 16  ? -15.529 8.185   -5.332  1.00 37.58 ?  165 ILE A CD1  1 
ATOM   100  N  N    . GLY A 1 17  ? -9.868  8.353   -6.632  1.00 34.18 ?  166 GLY A N    1 
ATOM   101  C  CA   . GLY A 1 17  ? -8.809  9.213   -7.121  1.00 26.18 ?  166 GLY A CA   1 
ATOM   102  C  C    . GLY A 1 17  ? -7.540  8.504   -7.544  1.00 36.11 ?  166 GLY A C    1 
ATOM   103  O  O    . GLY A 1 17  ? -6.758  9.048   -8.331  1.00 35.65 ?  166 GLY A O    1 
ATOM   104  N  N    . TYR A 1 18  ? -7.315  7.292   -7.038  1.00 35.31 ?  167 TYR A N    1 
ATOM   105  C  CA   . TYR A 1 18  ? -6.070  6.588   -7.326  1.00 36.99 ?  167 TYR A CA   1 
ATOM   106  C  C    . TYR A 1 18  ? -6.305  5.113   -7.624  1.00 35.66 ?  167 TYR A C    1 
ATOM   107  O  O    . TYR A 1 18  ? -5.936  4.631   -8.700  1.00 37.50 ?  167 TYR A O    1 
ATOM   108  C  CB   . TYR A 1 18  ? -5.089  6.760   -6.159  1.00 32.50 ?  167 TYR A CB   1 
ATOM   109  C  CG   . TYR A 1 18  ? -3.712  6.179   -6.401  1.00 35.22 ?  167 TYR A CG   1 
ATOM   110  C  CD1  . TYR A 1 18  ? -2.943  6.593   -7.481  1.00 33.37 ?  167 TYR A CD1  1 
ATOM   111  C  CD2  . TYR A 1 18  ? -3.188  5.201   -5.563  1.00 42.33 ?  167 TYR A CD2  1 
ATOM   112  C  CE1  . TYR A 1 18  ? -1.687  6.063   -7.712  1.00 46.56 ?  167 TYR A CE1  1 
ATOM   113  C  CE2  . TYR A 1 18  ? -1.927  4.671   -5.780  1.00 40.11 ?  167 TYR A CE2  1 
ATOM   114  C  CZ   . TYR A 1 18  ? -1.185  5.103   -6.860  1.00 39.92 ?  167 TYR A CZ   1 
ATOM   115  O  OH   . TYR A 1 18  ? 0.068   4.579   -7.089  1.00 48.86 ?  167 TYR A OH   1 
ATOM   116  N  N    . LEU A 1 19  ? -6.931  4.394   -6.688  1.00 30.79 ?  168 LEU A N    1 
ATOM   117  C  CA   . LEU A 1 19  ? -7.040  2.942   -6.807  1.00 34.13 ?  168 LEU A CA   1 
ATOM   118  C  C    . LEU A 1 19  ? -7.856  2.536   -8.028  1.00 34.91 ?  168 LEU A C    1 
ATOM   119  O  O    . LEU A 1 19  ? -7.426  1.695   -8.826  1.00 32.18 ?  168 LEU A O    1 
ATOM   120  C  CB   . LEU A 1 19  ? -7.656  2.357   -5.535  1.00 30.29 ?  168 LEU A CB   1 
ATOM   121  C  CG   . LEU A 1 19  ? -6.697  2.081   -4.377  1.00 37.23 ?  168 LEU A CG   1 
ATOM   122  C  CD1  . LEU A 1 19  ? -5.469  1.325   -4.862  1.00 34.80 ?  168 LEU A CD1  1 
ATOM   123  C  CD2  . LEU A 1 19  ? -6.291  3.375   -3.705  1.00 38.70 ?  168 LEU A CD2  1 
ATOM   124  N  N    . ARG A 1 20  ? -9.042  3.128   -8.192  1.00 34.35 ?  169 ARG A N    1 
ATOM   125  C  CA   . ARG A 1 20  ? -9.912  2.768   -9.304  1.00 40.73 ?  169 ARG A CA   1 
ATOM   126  C  C    . ARG A 1 20  ? -9.299  3.094   -10.664 1.00 40.82 ?  169 ARG A C    1 
ATOM   127  O  O    . ARG A 1 20  ? -9.854  2.682   -11.689 1.00 39.78 ?  169 ARG A O    1 
ATOM   128  C  CB   . ARG A 1 20  ? -11.264 3.468   -9.140  1.00 43.31 ?  169 ARG A CB   1 
ATOM   129  C  CG   . ARG A 1 20  ? -11.466 4.652   -10.050 1.00 39.89 ?  169 ARG A CG   1 
ATOM   130  C  CD   . ARG A 1 20  ? -12.909 5.093   -10.092 1.00 37.29 ?  169 ARG A CD   1 
ATOM   131  N  NE   . ARG A 1 20  ? -12.999 6.508   -10.422 1.00 53.26 ?  169 ARG A NE   1 
ATOM   132  C  CZ   . ARG A 1 20  ? -12.789 7.002   -11.635 1.00 59.88 ?  169 ARG A CZ   1 
ATOM   133  N  NH1  . ARG A 1 20  ? -12.493 6.219   -12.661 1.00 57.64 ?  169 ARG A NH1  1 
ATOM   134  N  NH2  . ARG A 1 20  ? -12.874 8.312   -11.826 1.00 52.13 ?  169 ARG A NH2  1 
ATOM   135  N  N    . LEU A 1 21  ? -8.166  3.798   -10.696 1.00 35.08 ?  170 LEU A N    1 
ATOM   136  C  CA   . LEU A 1 21  ? -7.477  4.114   -11.938 1.00 37.07 ?  170 LEU A CA   1 
ATOM   137  C  C    . LEU A 1 21  ? -6.193  3.323   -12.151 1.00 37.40 ?  170 LEU A C    1 
ATOM   138  O  O    . LEU A 1 21  ? -5.751  3.201   -13.300 1.00 37.98 ?  170 LEU A O    1 
ATOM   139  C  CB   . LEU A 1 21  ? -7.143  5.612   -11.997 1.00 41.04 ?  170 LEU A CB   1 
ATOM   140  C  CG   . LEU A 1 21  ? -8.331  6.566   -11.855 1.00 55.89 ?  170 LEU A CG   1 
ATOM   141  C  CD1  . LEU A 1 21  ? -7.847  7.969   -11.529 1.00 36.87 ?  170 LEU A CD1  1 
ATOM   142  C  CD2  . LEU A 1 21  ? -9.173  6.566   -13.120 1.00 45.46 ?  170 LEU A CD2  1 
ATOM   143  N  N    . ILE A 1 22  ? -5.587  2.786   -11.094 1.00 37.72 ?  171 ILE A N    1 
ATOM   144  C  CA   . ILE A 1 22  ? -4.318  2.082   -11.195 1.00 39.44 ?  171 ILE A CA   1 
ATOM   145  C  C    . ILE A 1 22  ? -4.493  0.578   -11.023 1.00 36.16 ?  171 ILE A C    1 
ATOM   146  O  O    . ILE A 1 22  ? -3.802  -0.207  -11.677 1.00 41.75 ?  171 ILE A O    1 
ATOM   147  C  CB   . ILE A 1 22  ? -3.296  2.634   -10.178 1.00 38.16 ?  171 ILE A CB   1 
ATOM   148  C  CG1  . ILE A 1 22  ? -3.769  2.392   -8.747  1.00 41.48 ?  171 ILE A CG1  1 
ATOM   149  C  CG2  . ILE A 1 22  ? -3.087  4.110   -10.393 1.00 35.71 ?  171 ILE A CG2  1 
ATOM   150  C  CD1  . ILE A 1 22  ? -2.663  2.019   -7.820  1.00 43.23 ?  171 ILE A CD1  1 
ATOM   151  N  N    . LEU A 1 23  ? -5.404  0.157   -10.148 1.00 34.13 ?  172 LEU A N    1 
ATOM   152  C  CA   . LEU A 1 23  ? -5.633  -1.271  -9.956  1.00 40.18 ?  172 LEU A CA   1 
ATOM   153  C  C    . LEU A 1 23  ? -6.139  -1.969  -11.217 1.00 46.13 ?  172 LEU A C    1 
ATOM   154  O  O    . LEU A 1 23  ? -5.694  -3.098  -11.474 1.00 47.64 ?  172 LEU A O    1 
ATOM   155  C  CB   . LEU A 1 23  ? -6.603  -1.488  -8.785  1.00 35.00 ?  172 LEU A CB   1 
ATOM   156  C  CG   . LEU A 1 23  ? -6.058  -1.387  -7.360  1.00 38.01 ?  172 LEU A CG   1 
ATOM   157  C  CD1  . LEU A 1 23  ? -7.130  -1.796  -6.363  1.00 37.87 ?  172 LEU A CD1  1 
ATOM   158  C  CD2  . LEU A 1 23  ? -4.810  -2.235  -7.188  1.00 47.42 ?  172 LEU A CD2  1 
ATOM   159  N  N    . PRO A 1 24  ? -7.054  -1.386  -12.016 1.00 47.88 ?  173 PRO A N    1 
ATOM   160  C  CA   . PRO A 1 24  ? -7.473  -2.063  -13.258 1.00 39.12 ?  173 PRO A CA   1 
ATOM   161  C  C    . PRO A 1 24  ? -6.328  -2.569  -14.119 1.00 35.22 ?  173 PRO A C    1 
ATOM   162  O  O    . PRO A 1 24  ? -6.402  -3.689  -14.636 1.00 40.49 ?  173 PRO A O    1 
ATOM   163  C  CB   . PRO A 1 24  ? -8.272  -0.974  -13.989 1.00 42.15 ?  173 PRO A CB   1 
ATOM   164  C  CG   . PRO A 1 24  ? -8.709  -0.012  -12.937 1.00 39.55 ?  173 PRO A CG   1 
ATOM   165  C  CD   . PRO A 1 24  ? -7.985  -0.299  -11.658 1.00 38.52 ?  173 PRO A CD   1 
ATOM   166  N  N    . GLU A 1 25  ? -5.269  -1.778  -14.286 1.00 37.22 ?  174 GLU A N    1 
ATOM   167  C  CA   . GLU A 1 25  ? -4.151  -2.141  -15.146 1.00 46.60 ?  174 GLU A CA   1 
ATOM   168  C  C    . GLU A 1 25  ? -2.905  -2.529  -14.359 1.00 43.55 ?  174 GLU A C    1 
ATOM   169  O  O    . GLU A 1 25  ? -1.822  -2.625  -14.943 1.00 43.75 ?  174 GLU A O    1 
ATOM   170  C  CB   . GLU A 1 25  ? -3.829  -0.988  -16.098 1.00 48.71 ?  174 GLU A CB   1 
ATOM   171  C  CG   . GLU A 1 25  ? -4.712  -0.944  -17.333 1.00 59.65 ?  174 GLU A CG   1 
ATOM   172  C  CD   . GLU A 1 25  ? -4.594  -2.194  -18.184 1.00 71.07 ?  174 GLU A CD   1 
ATOM   173  O  OE1  . GLU A 1 25  ? -3.661  -2.270  -19.011 1.00 72.02 ?  174 GLU A OE1  1 
ATOM   174  O  OE2  . GLU A 1 25  ? -5.437  -3.103  -18.027 1.00 71.93 ?  174 GLU A OE2  1 
ATOM   175  N  N    . LEU A 1 26  ? -3.035  -2.764  -13.052 1.00 37.72 ?  175 LEU A N    1 
ATOM   176  C  CA   . LEU A 1 26  ? -1.863  -3.015  -12.221 1.00 41.73 ?  175 LEU A CA   1 
ATOM   177  C  C    . LEU A 1 26  ? -1.235  -4.366  -12.548 1.00 48.25 ?  175 LEU A C    1 
ATOM   178  O  O    . LEU A 1 26  ? -0.032  -4.449  -12.823 1.00 44.13 ?  175 LEU A O    1 
ATOM   179  C  CB   . LEU A 1 26  ? -2.259  -2.925  -10.743 1.00 44.73 ?  175 LEU A CB   1 
ATOM   180  C  CG   . LEU A 1 26  ? -1.234  -2.684  -9.628  1.00 51.02 ?  175 LEU A CG   1 
ATOM   181  C  CD1  . LEU A 1 26  ? -0.222  -3.806  -9.490  1.00 45.35 ?  175 LEU A CD1  1 
ATOM   182  C  CD2  . LEU A 1 26  ? -0.525  -1.356  -9.855  1.00 48.71 ?  175 LEU A CD2  1 
ATOM   183  N  N    . GLN A 1 27  ? -2.037  -5.434  -12.529 1.00 46.23 ?  176 GLN A N    1 
ATOM   184  C  CA   . GLN A 1 27  ? -1.498  -6.775  -12.733 1.00 48.78 ?  176 GLN A CA   1 
ATOM   185  C  C    . GLN A 1 27  ? -0.894  -6.944  -14.123 1.00 50.35 ?  176 GLN A C    1 
ATOM   186  O  O    . GLN A 1 27  ? 0.014   -7.763  -14.309 1.00 59.39 ?  176 GLN A O    1 
ATOM   187  C  CB   . GLN A 1 27  ? -2.590  -7.820  -12.499 1.00 54.17 ?  176 GLN A CB   1 
ATOM   188  N  N    . ALA A 1 28  ? -1.380  -6.186  -15.109 1.00 46.64 ?  177 ALA A N    1 
ATOM   189  C  CA   . ALA A 1 28  ? -0.789  -6.248  -16.442 1.00 45.52 ?  177 ALA A CA   1 
ATOM   190  C  C    . ALA A 1 28  ? 0.611   -5.648  -16.450 1.00 45.61 ?  177 ALA A C    1 
ATOM   191  O  O    . ALA A 1 28  ? 1.525   -6.195  -17.080 1.00 40.29 ?  177 ALA A O    1 
ATOM   192  C  CB   . ALA A 1 28  ? -1.688  -5.537  -17.450 1.00 53.67 ?  177 ALA A CB   1 
ATOM   193  N  N    . ARG A 1 29  ? 0.797   -4.518  -15.761 1.00 44.60 ?  178 ARG A N    1 
ATOM   194  C  CA   . ARG A 1 29  ? 2.133   -3.949  -15.618 1.00 47.49 ?  178 ARG A CA   1 
ATOM   195  C  C    . ARG A 1 29  ? 3.061   -4.898  -14.875 1.00 44.44 ?  178 ARG A C    1 
ATOM   196  O  O    . ARG A 1 29  ? 4.266   -4.931  -15.145 1.00 37.14 ?  178 ARG A O    1 
ATOM   197  C  CB   . ARG A 1 29  ? 2.057   -2.612  -14.881 1.00 43.89 ?  178 ARG A CB   1 
ATOM   198  C  CG   . ARG A 1 29  ? 1.146   -1.585  -15.529 1.00 39.46 ?  178 ARG A CG   1 
ATOM   199  C  CD   . ARG A 1 29  ? 0.852   -0.444  -14.570 1.00 33.74 ?  178 ARG A CD   1 
ATOM   200  N  NE   . ARG A 1 29  ? 2.072   0.132   -14.021 1.00 40.53 ?  178 ARG A NE   1 
ATOM   201  C  CZ   . ARG A 1 29  ? 2.156   0.719   -12.832 1.00 40.26 ?  178 ARG A CZ   1 
ATOM   202  N  NH1  . ARG A 1 29  ? 1.108   0.811   -12.032 1.00 46.89 ?  178 ARG A NH1  1 
ATOM   203  N  NH2  . ARG A 1 29  ? 3.322   1.223   -12.439 1.00 41.88 ?  178 ARG A NH2  1 
ATOM   204  N  N    . ILE A 1 30  ? 2.516   -5.680  -13.940 1.00 49.53 ?  179 ILE A N    1 
ATOM   205  C  CA   . ILE A 1 30  ? 3.327   -6.623  -13.179 1.00 50.49 ?  179 ILE A CA   1 
ATOM   206  C  C    . ILE A 1 30  ? 3.820   -7.751  -14.075 1.00 49.06 ?  179 ILE A C    1 
ATOM   207  O  O    . ILE A 1 30  ? 4.992   -8.146  -14.009 1.00 51.43 ?  179 ILE A O    1 
ATOM   208  C  CB   . ILE A 1 30  ? 2.527   -7.153  -11.978 1.00 51.52 ?  179 ILE A CB   1 
ATOM   209  C  CG1  . ILE A 1 30  ? 2.316   -6.038  -10.951 1.00 49.87 ?  179 ILE A CG1  1 
ATOM   210  C  CG2  . ILE A 1 30  ? 3.210   -8.367  -11.365 1.00 58.80 ?  179 ILE A CG2  1 
ATOM   211  C  CD1  . ILE A 1 30  ? 1.968   -6.537  -9.572  1.00 50.72 ?  179 ILE A CD1  1 
ATOM   212  N  N    . ARG A 1 31  ? 2.940   -8.290  -14.922 1.00 53.51 ?  180 ARG A N    1 
ATOM   213  C  CA   . ARG A 1 31  ? 3.351   -9.348  -15.839 1.00 56.39 ?  180 ARG A CA   1 
ATOM   214  C  C    . ARG A 1 31  ? 4.439   -8.859  -16.788 1.00 54.68 ?  180 ARG A C    1 
ATOM   215  O  O    . ARG A 1 31  ? 5.356   -9.613  -17.131 1.00 61.98 ?  180 ARG A O    1 
ATOM   216  C  CB   . ARG A 1 31  ? 2.145   -9.859  -16.627 1.00 44.24 ?  180 ARG A CB   1 
ATOM   217  N  N    . THR A 1 32  ? 4.354   -7.597  -17.213 1.00 52.52 ?  181 THR A N    1 
ATOM   218  C  CA   . THR A 1 32  ? 5.358   -7.047  -18.118 1.00 59.86 ?  181 THR A CA   1 
ATOM   219  C  C    . THR A 1 32  ? 6.738   -7.049  -17.466 1.00 55.81 ?  181 THR A C    1 
ATOM   220  O  O    . THR A 1 32  ? 7.727   -7.467  -18.081 1.00 63.76 ?  181 THR A O    1 
ATOM   221  C  CB   . THR A 1 32  ? 4.962   -5.631  -18.544 1.00 56.14 ?  181 THR A CB   1 
ATOM   222  O  OG1  . THR A 1 32  ? 3.693   -5.672  -19.208 1.00 47.34 ?  181 THR A OG1  1 
ATOM   223  C  CG2  . THR A 1 32  ? 5.999   -5.045  -19.488 1.00 49.79 ?  181 THR A CG2  1 
ATOM   224  N  N    . TYR A 1 33  ? 6.822   -6.591  -16.215 1.00 50.24 ?  182 TYR A N    1 
ATOM   225  C  CA   . TYR A 1 33  ? 8.096   -6.612  -15.503 1.00 51.36 ?  182 TYR A CA   1 
ATOM   226  C  C    . TYR A 1 33  ? 8.554   -8.042  -15.251 1.00 54.75 ?  182 TYR A C    1 
ATOM   227  O  O    . TYR A 1 33  ? 9.688   -8.408  -15.581 1.00 57.32 ?  182 TYR A O    1 
ATOM   228  C  CB   . TYR A 1 33  ? 7.978   -5.834  -14.188 1.00 46.49 ?  182 TYR A CB   1 
ATOM   229  C  CG   . TYR A 1 33  ? 9.247   -5.813  -13.352 1.00 56.78 ?  182 TYR A CG   1 
ATOM   230  C  CD1  . TYR A 1 33  ? 9.625   -6.915  -12.589 1.00 61.82 ?  182 TYR A CD1  1 
ATOM   231  C  CD2  . TYR A 1 33  ? 10.068  -4.695  -13.334 1.00 51.11 ?  182 TYR A CD2  1 
ATOM   232  C  CE1  . TYR A 1 33  ? 10.781  -6.900  -11.836 1.00 56.10 ?  182 TYR A CE1  1 
ATOM   233  C  CE2  . TYR A 1 33  ? 11.227  -4.671  -12.581 1.00 61.88 ?  182 TYR A CE2  1 
ATOM   234  C  CZ   . TYR A 1 33  ? 11.577  -5.775  -11.832 1.00 62.79 ?  182 TYR A CZ   1 
ATOM   235  O  OH   . TYR A 1 33  ? 12.730  -5.755  -11.083 1.00 71.53 ?  182 TYR A OH   1 
ATOM   236  N  N    . ASN A 1 34  ? 7.680   -8.867  -14.668 1.00 52.45 ?  183 ASN A N    1 
ATOM   237  C  CA   . ASN A 1 34  ? 8.025   -10.247 -14.349 1.00 48.47 ?  183 ASN A CA   1 
ATOM   238  C  C    . ASN A 1 34  ? 8.442   -11.051 -15.572 1.00 56.11 ?  183 ASN A C    1 
ATOM   239  O  O    . ASN A 1 34  ? 8.950   -12.165 -15.415 1.00 66.10 ?  183 ASN A O    1 
ATOM   240  C  CB   . ASN A 1 34  ? 6.845   -10.932 -13.656 1.00 52.69 ?  183 ASN A CB   1 
ATOM   241  C  CG   . ASN A 1 34  ? 6.904   -10.806 -12.147 1.00 54.19 ?  183 ASN A CG   1 
ATOM   242  O  OD1  . ASN A 1 34  ? 7.958   -10.519 -11.579 1.00 56.35 ?  183 ASN A OD1  1 
ATOM   243  N  ND2  . ASN A 1 34  ? 5.771   -11.015 -11.488 1.00 57.07 ?  183 ASN A ND2  1 
ATOM   244  N  N    . GLN A 1 35  ? 8.238   -10.519 -16.776 1.00 55.61 ?  184 GLN A N    1 
ATOM   245  C  CA   . GLN A 1 35  ? 8.716   -11.162 -17.990 1.00 61.76 ?  184 GLN A CA   1 
ATOM   246  C  C    . GLN A 1 35  ? 10.103  -10.691 -18.403 1.00 65.92 ?  184 GLN A C    1 
ATOM   247  O  O    . GLN A 1 35  ? 10.791  -11.413 -19.132 1.00 76.72 ?  184 GLN A O    1 
ATOM   248  C  CB   . GLN A 1 35  ? 7.741   -10.909 -19.143 1.00 54.76 ?  184 GLN A CB   1 
ATOM   249  N  N    . HIS A 1 36  ? 10.532  -9.509  -17.949 1.00 64.12 ?  185 HIS A N    1 
ATOM   250  C  CA   . HIS A 1 36  ? 11.763  -8.906  -18.447 1.00 68.62 ?  185 HIS A CA   1 
ATOM   251  C  C    . HIS A 1 36  ? 12.722  -8.496  -17.332 1.00 81.60 ?  185 HIS A C    1 
ATOM   252  O  O    . HIS A 1 36  ? 13.644  -7.714  -17.582 1.00 86.44 ?  185 HIS A O    1 
ATOM   253  C  CB   . HIS A 1 36  ? 11.451  -7.695  -19.329 1.00 69.69 ?  185 HIS A CB   1 
ATOM   254  N  N    . TYR A 1 37  ? 12.545  -9.008  -16.117 1.00 73.65 ?  186 TYR A N    1 
ATOM   255  C  CA   . TYR A 1 37  ? 13.478  -8.693  -15.038 1.00 66.90 ?  186 TYR A CA   1 
ATOM   256  C  C    . TYR A 1 37  ? 13.481  -9.778  -13.966 1.00 59.93 ?  186 TYR A C    1 
ATOM   257  O  O    . TYR A 1 37  ? 14.537  -10.151 -13.454 1.00 62.36 ?  186 TYR A O    1 
ATOM   258  C  CB   . TYR A 1 37  ? 13.142  -7.336  -14.414 1.00 58.69 ?  186 TYR A CB   1 
ATOM   259  N  N    . ARG A 1 42  ? 8.587   -17.370 -7.387  1.00 81.40 ?  191 ARG A N    1 
ATOM   260  C  CA   . ARG A 1 42  ? 9.962   -17.602 -6.961  1.00 75.15 ?  191 ARG A CA   1 
ATOM   261  C  C    . ARG A 1 42  ? 10.786  -16.326 -7.090  1.00 75.62 ?  191 ARG A C    1 
ATOM   262  O  O    . ARG A 1 42  ? 11.551  -16.162 -8.041  1.00 75.28 ?  191 ARG A O    1 
ATOM   263  C  CB   . ARG A 1 42  ? 10.597  -18.727 -7.780  1.00 68.41 ?  191 ARG A CB   1 
ATOM   264  N  N    . GLY A 1 43  ? 10.630  -15.426 -6.123  1.00 64.21 ?  192 GLY A N    1 
ATOM   265  C  CA   . GLY A 1 43  ? 11.273  -14.130 -6.215  1.00 56.60 ?  192 GLY A CA   1 
ATOM   266  C  C    . GLY A 1 43  ? 10.617  -13.197 -7.205  1.00 60.37 ?  192 GLY A C    1 
ATOM   267  O  O    . GLY A 1 43  ? 11.275  -12.291 -7.723  1.00 65.80 ?  192 GLY A O    1 
ATOM   268  N  N    . ALA A 1 44  ? 9.334   -13.402 -7.486  1.00 70.16 ?  193 ALA A N    1 
ATOM   269  C  CA   . ALA A 1 44  ? 8.576   -12.591 -8.426  1.00 64.41 ?  193 ALA A CA   1 
ATOM   270  C  C    . ALA A 1 44  ? 7.503   -11.804 -7.687  1.00 63.19 ?  193 ALA A C    1 
ATOM   271  O  O    . ALA A 1 44  ? 7.266   -11.991 -6.490  1.00 64.12 ?  193 ALA A O    1 
ATOM   272  C  CB   . ALA A 1 44  ? 7.947   -13.465 -9.518  1.00 62.86 ?  193 ALA A CB   1 
ATOM   273  N  N    . VAL A 1 45  ? 6.848   -10.904 -8.421  1.00 58.01 ?  194 VAL A N    1 
ATOM   274  C  CA   . VAL A 1 45  ? 5.854   -10.030 -7.815  1.00 58.08 ?  194 VAL A CA   1 
ATOM   275  C  C    . VAL A 1 45  ? 4.581   -10.817 -7.525  1.00 57.51 ?  194 VAL A C    1 
ATOM   276  O  O    . VAL A 1 45  ? 4.246   -11.790 -8.217  1.00 65.55 ?  194 VAL A O    1 
ATOM   277  C  CB   . VAL A 1 45  ? 5.572   -8.820  -8.723  1.00 61.46 ?  194 VAL A CB   1 
ATOM   278  C  CG1  . VAL A 1 45  ? 4.946   -7.694  -7.924  1.00 58.67 ?  194 VAL A CG1  1 
ATOM   279  C  CG2  . VAL A 1 45  ? 6.852   -8.350  -9.396  1.00 56.09 ?  194 VAL A CG2  1 
ATOM   280  N  N    . SER A 1 46  ? 3.862   -10.397 -6.486  1.00 52.58 ?  195 SER A N    1 
ATOM   281  C  CA   . SER A 1 46  ? 2.669   -11.090 -6.021  1.00 62.63 ?  195 SER A CA   1 
ATOM   282  C  C    . SER A 1 46  ? 1.400   -10.649 -6.743  1.00 64.86 ?  195 SER A C    1 
ATOM   283  O  O    . SER A 1 46  ? 0.300   -10.945 -6.268  1.00 68.02 ?  195 SER A O    1 
ATOM   284  C  CB   . SER A 1 46  ? 2.503   -10.894 -4.514  1.00 59.31 ?  195 SER A CB   1 
ATOM   285  O  OG   . SER A 1 46  ? 1.135   -10.870 -4.153  1.00 65.78 ?  195 SER A OG   1 
ATOM   286  N  N    . GLN A 1 47  ? 1.528   -9.937  -7.863  1.00 51.59 ?  196 GLN A N    1 
ATOM   287  C  CA   . GLN A 1 47  ? 0.408   -9.562  -8.727  1.00 64.01 ?  196 GLN A CA   1 
ATOM   288  C  C    . GLN A 1 47  ? -0.634  -8.701  -8.017  1.00 56.74 ?  196 GLN A C    1 
ATOM   289  O  O    . GLN A 1 47  ? -1.761  -8.566  -8.506  1.00 62.19 ?  196 GLN A O    1 
ATOM   290  C  CB   . GLN A 1 47  ? -0.262  -10.801 -9.334  1.00 59.25 ?  196 GLN A CB   1 
ATOM   291  N  N    . ARG A 1 48  ? -0.295  -8.108  -6.873  1.00 54.29 ?  197 ARG A N    1 
ATOM   292  C  CA   . ARG A 1 48  ? -1.253  -7.307  -6.122  1.00 47.29 ?  197 ARG A CA   1 
ATOM   293  C  C    . ARG A 1 48  ? -0.569  -6.118  -5.470  1.00 47.57 ?  197 ARG A C    1 
ATOM   294  O  O    . ARG A 1 48  ? 0.591   -6.201  -5.056  1.00 48.56 ?  197 ARG A O    1 
ATOM   295  C  CB   . ARG A 1 48  ? -1.965  -8.137  -5.048  1.00 55.78 ?  197 ARG A CB   1 
ATOM   296  C  CG   . ARG A 1 48  ? -2.789  -9.247  -5.638  1.00 59.70 ?  197 ARG A CG   1 
ATOM   297  C  CD   . ARG A 1 48  ? -3.085  -10.341 -4.668  1.00 59.16 ?  197 ARG A CD   1 
ATOM   298  N  NE   . ARG A 1 48  ? -4.490  -10.429 -4.310  1.00 65.09 ?  197 ARG A NE   1 
ATOM   299  C  CZ   . ARG A 1 48  ? -4.987  -11.349 -3.497  1.00 70.16 ?  197 ARG A CZ   1 
ATOM   300  N  NH1  . ARG A 1 48  ? -4.217  -12.285 -2.966  1.00 65.85 ?  197 ARG A NH1  1 
ATOM   301  N  NH2  . ARG A 1 48  ? -6.290  -11.341 -3.227  1.00 66.02 ?  197 ARG A NH2  1 
ATOM   302  N  N    . LEU A 1 49  ? -1.312  -5.020  -5.375  1.00 40.29 ?  198 LEU A N    1 
ATOM   303  C  CA   . LEU A 1 49  ? -0.854  -3.823  -4.685  1.00 33.32 ?  198 LEU A CA   1 
ATOM   304  C  C    . LEU A 1 49  ? -1.075  -4.005  -3.189  1.00 41.90 ?  198 LEU A C    1 
ATOM   305  O  O    . LEU A 1 49  ? -2.218  -4.085  -2.724  1.00 37.12 ?  198 LEU A O    1 
ATOM   306  C  CB   . LEU A 1 49  ? -1.599  -2.601  -5.204  1.00 43.03 ?  198 LEU A CB   1 
ATOM   307  C  CG   . LEU A 1 49  ? -1.113  -1.270  -4.645  1.00 31.74 ?  198 LEU A CG   1 
ATOM   308  C  CD1  . LEU A 1 49  ? 0.369   -1.072  -4.918  1.00 36.93 ?  198 LEU A CD1  1 
ATOM   309  C  CD2  . LEU A 1 49  ? -1.929  -0.141  -5.223  1.00 40.19 ?  198 LEU A CD2  1 
ATOM   310  N  N    . TYR A 1 50  ? 0.013   -4.070  -2.430  1.00 36.80 ?  199 TYR A N    1 
ATOM   311  C  CA   . TYR A 1 50  ? -0.049  -4.182  -0.978  1.00 33.99 ?  199 TYR A CA   1 
ATOM   312  C  C    . TYR A 1 50  ? 0.083   -2.783  -0.394  1.00 32.49 ?  199 TYR A C    1 
ATOM   313  O  O    . TYR A 1 50  ? 1.151   -2.166  -0.476  1.00 38.29 ?  199 TYR A O    1 
ATOM   314  C  CB   . TYR A 1 50  ? 1.043   -5.109  -0.456  1.00 37.32 ?  199 TYR A CB   1 
ATOM   315  C  CG   . TYR A 1 50  ? 0.866   -6.552  -0.855  1.00 43.58 ?  199 TYR A CG   1 
ATOM   316  C  CD1  . TYR A 1 50  ? 1.263   -6.997  -2.109  1.00 46.56 ?  199 TYR A CD1  1 
ATOM   317  C  CD2  . TYR A 1 50  ? 0.305   -7.469  0.019   1.00 48.04 ?  199 TYR A CD2  1 
ATOM   318  C  CE1  . TYR A 1 50  ? 1.104   -8.313  -2.479  1.00 50.72 ?  199 TYR A CE1  1 
ATOM   319  C  CE2  . TYR A 1 50  ? 0.140   -8.791  -0.342  1.00 59.25 ?  199 TYR A CE2  1 
ATOM   320  C  CZ   . TYR A 1 50  ? 0.539   -9.206  -1.593  1.00 61.97 ?  199 TYR A CZ   1 
ATOM   321  O  OH   . TYR A 1 50  ? 0.379   -10.525 -1.957  1.00 67.57 ?  199 TYR A OH   1 
ATOM   322  N  N    . ILE A 1 51  ? -1.003  -2.278  0.180   1.00 35.20 ?  200 ILE A N    1 
ATOM   323  C  CA   . ILE A 1 51  ? -1.053  -0.925  0.716   1.00 37.73 ?  200 ILE A CA   1 
ATOM   324  C  C    . ILE A 1 51  ? -0.745  -1.008  2.204   1.00 38.10 ?  200 ILE A C    1 
ATOM   325  O  O    . ILE A 1 51  ? -1.513  -1.589  2.979   1.00 41.46 ?  200 ILE A O    1 
ATOM   326  C  CB   . ILE A 1 51  ? -2.413  -0.263  0.466   1.00 38.26 ?  200 ILE A CB   1 
ATOM   327  C  CG1  . ILE A 1 51  ? -2.758  -0.283  -1.022  1.00 28.45 ?  200 ILE A CG1  1 
ATOM   328  C  CG2  . ILE A 1 51  ? -2.375  1.182   0.905   1.00 34.56 ?  200 ILE A CG2  1 
ATOM   329  C  CD1  . ILE A 1 51  ? -1.981  0.731   -1.821  1.00 40.86 ?  200 ILE A CD1  1 
ATOM   330  N  N    . LEU A 1 52  ? 0.383   -0.434  2.604   1.00 35.47 ?  201 LEU A N    1 
ATOM   331  C  CA   . LEU A 1 52  ? 0.708   -0.326  4.019   1.00 39.95 ?  201 LEU A CA   1 
ATOM   332  C  C    . LEU A 1 52  ? -0.204  0.706   4.663   1.00 36.13 ?  201 LEU A C    1 
ATOM   333  O  O    . LEU A 1 52  ? -0.278  1.851   4.204   1.00 35.25 ?  201 LEU A O    1 
ATOM   334  C  CB   . LEU A 1 52  ? 2.174   0.062   4.197   1.00 48.28 ?  201 LEU A CB   1 
ATOM   335  C  CG   . LEU A 1 52  ? 3.196   -0.880  3.562   1.00 45.80 ?  201 LEU A CG   1 
ATOM   336  C  CD1  . LEU A 1 52  ? 4.518   -0.162  3.324   1.00 44.80 ?  201 LEU A CD1  1 
ATOM   337  C  CD2  . LEU A 1 52  ? 3.400   -2.110  4.433   1.00 50.84 ?  201 LEU A CD2  1 
ATOM   338  N  N    . LEU A 1 53  ? -0.907  0.302   5.719   1.00 37.99 ?  202 LEU A N    1 
ATOM   339  C  CA   . LEU A 1 53  ? -1.828  1.186   6.420   1.00 29.52 ?  202 LEU A CA   1 
ATOM   340  C  C    . LEU A 1 53  ? -1.329  1.429   7.839   1.00 37.33 ?  202 LEU A C    1 
ATOM   341  O  O    . LEU A 1 53  ? -1.866  0.843   8.791   1.00 39.37 ?  202 LEU A O    1 
ATOM   342  C  CB   . LEU A 1 53  ? -3.237  0.585   6.442   1.00 33.72 ?  202 LEU A CB   1 
ATOM   343  C  CG   . LEU A 1 53  ? -3.933  0.338   5.096   1.00 39.45 ?  202 LEU A CG   1 
ATOM   344  C  CD1  . LEU A 1 53  ? -5.448  0.368   5.206   1.00 45.99 ?  202 LEU A CD1  1 
ATOM   345  C  CD2  . LEU A 1 53  ? -3.488  1.376   4.117   1.00 42.43 ?  202 LEU A CD2  1 
ATOM   346  N  N    . PRO A 1 54  ? -0.305  2.277   8.028   1.00 36.85 ?  203 PRO A N    1 
ATOM   347  C  CA   . PRO A 1 54  ? 0.192   2.542   9.387   1.00 44.85 ?  203 PRO A CA   1 
ATOM   348  C  C    . PRO A 1 54  ? -0.898  3.125   10.270  1.00 44.04 ?  203 PRO A C    1 
ATOM   349  O  O    . PRO A 1 54  ? -1.346  4.252   10.043  1.00 42.04 ?  203 PRO A O    1 
ATOM   350  C  CB   . PRO A 1 54  ? 1.341   3.542   9.179   1.00 57.29 ?  203 PRO A CB   1 
ATOM   351  C  CG   . PRO A 1 54  ? 1.360   3.891   7.749   1.00 56.68 ?  203 PRO A CG   1 
ATOM   352  C  CD   . PRO A 1 54  ? 0.474   2.974   6.991   1.00 44.59 ?  203 PRO A CD   1 
ATOM   353  N  N    . LEU A 1 55  ? -1.337  2.361   11.272  1.00 48.85 ?  204 LEU A N    1 
ATOM   354  C  CA   . LEU A 1 55  ? -2.418  2.824   12.137  1.00 49.64 ?  204 LEU A CA   1 
ATOM   355  C  C    . LEU A 1 55  ? -2.022  4.074   12.907  1.00 52.11 ?  204 LEU A C    1 
ATOM   356  O  O    . LEU A 1 55  ? -2.886  4.881   13.265  1.00 52.41 ?  204 LEU A O    1 
ATOM   357  C  CB   . LEU A 1 55  ? -2.841  1.712   13.096  1.00 42.36 ?  204 LEU A CB   1 
ATOM   358  C  CG   . LEU A 1 55  ? -4.151  1.004   12.752  1.00 50.56 ?  204 LEU A CG   1 
ATOM   359  C  CD1  . LEU A 1 55  ? -5.346  1.875   13.109  1.00 50.34 ?  204 LEU A CD1  1 
ATOM   360  C  CD2  . LEU A 1 55  ? -4.189  0.623   11.278  1.00 50.01 ?  204 LEU A CD2  1 
ATOM   361  N  N    . ASP A 1 56  ? -0.729  4.260   13.160  1.00 53.02 ?  205 ASP A N    1 
ATOM   362  C  CA   . ASP A 1 56  ? -0.225  5.519   13.705  1.00 58.24 ?  205 ASP A CA   1 
ATOM   363  C  C    . ASP A 1 56  ? -0.302  6.664   12.706  1.00 47.22 ?  205 ASP A C    1 
ATOM   364  O  O    . ASP A 1 56  ? 0.206   7.754   13.013  1.00 45.55 ?  205 ASP A O    1 
ATOM   365  C  CB   . ASP A 1 56  ? 1.217   5.340   14.184  1.00 51.56 ?  205 ASP A CB   1 
ATOM   366  C  CG   . ASP A 1 56  ? 2.182   5.080   13.044  1.00 61.41 ?  205 ASP A CG   1 
ATOM   367  O  OD1  . ASP A 1 56  ? 1.797   4.370   12.094  1.00 71.96 ?  205 ASP A OD1  1 
ATOM   368  O  OD2  . ASP A 1 56  ? 3.325   5.581   13.103  1.00 72.97 ?  205 ASP A OD2  1 
ATOM   369  N  N    . CYS A 1 57  ? -0.911  6.416   11.543  1.00 53.22 ?  206 CYS A N    1 
ATOM   370  C  CA   . CYS A 1 57  ? -1.009  7.395   10.459  1.00 57.90 ?  206 CYS A CA   1 
ATOM   371  C  C    . CYS A 1 57  ? 0.355   7.976   10.108  1.00 63.77 ?  206 CYS A C    1 
ATOM   372  O  O    . CYS A 1 57  ? 0.458   9.084   9.574   1.00 69.03 ?  206 CYS A O    1 
ATOM   373  C  CB   . CYS A 1 57  ? -1.998  8.505   10.803  1.00 42.56 ?  206 CYS A CB   1 
ATOM   374  S  SG   . CYS A 1 57  ? -3.724  8.007   10.720  1.00 53.23 ?  206 CYS A SG   1 
ATOM   375  N  N    . GLY A 1 58  ? 1.412   7.229   10.413  1.00 50.94 ?  207 GLY A N    1 
ATOM   376  C  CA   . GLY A 1 58  ? 2.764   7.662   10.132  1.00 52.71 ?  207 GLY A CA   1 
ATOM   377  C  C    . GLY A 1 58  ? 3.247   7.167   8.787   1.00 55.87 ?  207 GLY A C    1 
ATOM   378  O  O    . GLY A 1 58  ? 3.733   6.040   8.669   1.00 56.90 ?  207 GLY A O    1 
ATOM   379  N  N    . VAL A 1 59  ? 3.106   8.000   7.761   1.00 56.77 ?  208 VAL A N    1 
ATOM   380  C  CA   . VAL A 1 59  ? 3.543   7.638   6.417   1.00 56.03 ?  208 VAL A CA   1 
ATOM   381  C  C    . VAL A 1 59  ? 4.767   8.485   6.080   1.00 58.36 ?  208 VAL A C    1 
ATOM   382  O  O    . VAL A 1 59  ? 4.806   9.682   6.407   1.00 53.96 ?  208 VAL A O    1 
ATOM   383  C  CB   . VAL A 1 59  ? 2.404   7.800   5.395   1.00 52.61 ?  208 VAL A CB   1 
ATOM   384  C  CG1  . VAL A 1 59  ? 1.103   7.254   5.958   1.00 58.70 ?  208 VAL A CG1  1 
ATOM   385  C  CG2  . VAL A 1 59  ? 2.243   9.254   4.959   1.00 66.06 ?  208 VAL A CG2  1 
ATOM   386  N  N    . PRO A 1 60  ? 5.797   7.903   5.470   1.00 67.00 ?  209 PRO A N    1 
ATOM   387  C  CA   . PRO A 1 60  ? 7.040   8.639   5.229   1.00 61.88 ?  209 PRO A CA   1 
ATOM   388  C  C    . PRO A 1 60  ? 7.038   9.363   3.894   1.00 61.99 ?  209 PRO A C    1 
ATOM   389  O  O    . PRO A 1 60  ? 6.504   8.887   2.890   1.00 61.68 ?  209 PRO A O    1 
ATOM   390  C  CB   . PRO A 1 60  ? 8.102   7.526   5.231   1.00 56.24 ?  209 PRO A CB   1 
ATOM   391  C  CG   . PRO A 1 60  ? 7.366   6.260   5.662   1.00 59.24 ?  209 PRO A CG   1 
ATOM   392  C  CD   . PRO A 1 60  ? 5.976   6.476   5.185   1.00 61.82 ?  209 PRO A CD   1 
ATOM   393  N  N    . ASP A 1 61  ? 7.670   10.536  3.885   1.00 58.86 ?  210 ASP A N    1 
ATOM   394  C  CA   . ASP A 1 61  ? 7.873   11.272  2.646   1.00 50.11 ?  210 ASP A CA   1 
ATOM   395  C  C    . ASP A 1 61  ? 9.148   10.801  1.960   1.00 54.49 ?  210 ASP A C    1 
ATOM   396  O  O    . ASP A 1 61  ? 9.806   11.571  1.250   1.00 53.41 ?  210 ASP A O    1 
ATOM   397  C  CB   . ASP A 1 61  ? 7.930   12.774  2.916   1.00 52.80 ?  210 ASP A CB   1 
ATOM   398  C  CG   . ASP A 1 61  ? 6.715   13.503  2.393   1.00 59.87 ?  210 ASP A CG   1 
ATOM   399  O  OD1  . ASP A 1 61  ? 6.047   12.960  1.498   1.00 60.63 ?  210 ASP A OD1  1 
ATOM   400  O  OD2  . ASP A 1 61  ? 6.427   14.618  2.871   1.00 61.92 ?  210 ASP A OD2  1 
ATOM   401  N  N    . ASN A 1 62  ? 9.509   9.539   2.175   1.00 59.46 ?  211 ASN A N    1 
ATOM   402  C  CA   . ASN A 1 62  ? 10.719  8.964   1.605   1.00 63.19 ?  211 ASN A CA   1 
ATOM   403  C  C    . ASN A 1 62  ? 10.456  7.563   1.062   1.00 64.14 ?  211 ASN A C    1 
ATOM   404  O  O    . ASN A 1 62  ? 9.313   7.102   1.025   1.00 51.55 ?  211 ASN A O    1 
ATOM   405  C  CB   . ASN A 1 62  ? 11.834  8.924   2.653   1.00 59.47 ?  211 ASN A CB   1 
ATOM   406  C  CG   . ASN A 1 62  ? 11.340  8.468   4.014   1.00 68.17 ?  211 ASN A CG   1 
ATOM   407  O  OD1  . ASN A 1 62  ? 11.290  7.272   4.302   1.00 73.77 ?  211 ASN A OD1  1 
ATOM   408  N  ND2  . ASN A 1 62  ? 10.969  9.425   4.860   1.00 68.61 ?  211 ASN A ND2  1 
ATOM   409  N  N    . SER A 1 64  ? 9.866   2.909   2.711   1.00 65.45 ?  213 SER A N    1 
ATOM   410  C  CA   . SER A 1 64  ? 9.558   1.711   3.480   1.00 71.77 ?  213 SER A CA   1 
ATOM   411  C  C    . SER A 1 64  ? 10.822  1.101   4.075   1.00 66.63 ?  213 SER A C    1 
ATOM   412  O  O    . SER A 1 64  ? 10.757  0.141   4.844   1.00 60.49 ?  213 SER A O    1 
ATOM   413  C  CB   . SER A 1 64  ? 8.844   0.680   2.605   1.00 59.95 ?  213 SER A CB   1 
ATOM   414  O  OG   . SER A 1 64  ? 7.601   1.170   2.135   1.00 53.22 ?  213 SER A OG   1 
ATOM   415  N  N    . MET A 1 65  ? 11.975  1.667   3.716   1.00 73.60 ?  214 MET A N    1 
ATOM   416  C  CA   . MET A 1 65  ? 13.258  1.171   4.207   1.00 73.35 ?  214 MET A CA   1 
ATOM   417  C  C    . MET A 1 65  ? 13.475  1.451   5.686   1.00 70.72 ?  214 MET A C    1 
ATOM   418  O  O    . MET A 1 65  ? 14.501  1.022   6.231   1.00 74.01 ?  214 MET A O    1 
ATOM   419  C  CB   . MET A 1 65  ? 14.399  1.781   3.391   1.00 73.64 ?  214 MET A CB   1 
ATOM   420  C  CG   . MET A 1 65  ? 14.567  1.167   2.010   1.00 76.67 ?  214 MET A CG   1 
ATOM   421  S  SD   . MET A 1 65  ? 14.121  2.306   0.686   1.00 86.16 ?  214 MET A SD   1 
ATOM   422  C  CE   . MET A 1 65  ? 15.488  3.462   0.758   1.00 67.10 ?  214 MET A CE   1 
ATOM   423  N  N    . ALA A 1 66  ? 12.552  2.156   6.342   1.00 79.78 ?  215 ALA A N    1 
ATOM   424  C  CA   . ALA A 1 66  ? 12.657  2.367   7.782   1.00 76.46 ?  215 ALA A CA   1 
ATOM   425  C  C    . ALA A 1 66  ? 12.647  1.048   8.540   1.00 74.62 ?  215 ALA A C    1 
ATOM   426  O  O    . ALA A 1 66  ? 13.299  0.926   9.584   1.00 77.27 ?  215 ALA A O    1 
ATOM   427  C  CB   . ALA A 1 66  ? 11.517  3.263   8.260   1.00 76.49 ?  215 ALA A CB   1 
ATOM   428  N  N    . ASP A 1 67  ? 11.914  0.057   8.036   1.00 71.23 ?  216 ASP A N    1 
ATOM   429  C  CA   . ASP A 1 67  ? 11.956  -1.292  8.581   1.00 73.95 ?  216 ASP A CA   1 
ATOM   430  C  C    . ASP A 1 67  ? 12.877  -2.129  7.711   1.00 67.26 ?  216 ASP A C    1 
ATOM   431  O  O    . ASP A 1 67  ? 12.522  -2.428  6.563   1.00 63.98 ?  216 ASP A O    1 
ATOM   432  C  CB   . ASP A 1 67  ? 10.557  -1.904  8.626   1.00 70.76 ?  216 ASP A CB   1 
ATOM   433  N  N    . PRO A 1 68  ? 14.064  -2.503  8.190   1.00 73.33 ?  217 PRO A N    1 
ATOM   434  C  CA   . PRO A 1 68  ? 14.974  -3.314  7.372   1.00 69.22 ?  217 PRO A CA   1 
ATOM   435  C  C    . PRO A 1 68  ? 14.320  -4.607  6.902   1.00 67.87 ?  217 PRO A C    1 
ATOM   436  O  O    . PRO A 1 68  ? 13.278  -5.031  7.409   1.00 68.88 ?  217 PRO A O    1 
ATOM   437  C  CB   . PRO A 1 68  ? 16.157  -3.598  8.308   1.00 70.16 ?  217 PRO A CB   1 
ATOM   438  C  CG   . PRO A 1 68  ? 15.871  -2.884  9.599   1.00 72.24 ?  217 PRO A CG   1 
ATOM   439  C  CD   . PRO A 1 68  ? 14.707  -1.979  9.405   1.00 70.76 ?  217 PRO A CD   1 
ATOM   440  N  N    . ASN A 1 69  ? 14.964  -5.226  5.906   1.00 60.86 ?  218 ASN A N    1 
ATOM   441  C  CA   . ASN A 1 69  ? 14.477  -6.391  5.168   1.00 66.46 ?  218 ASN A CA   1 
ATOM   442  C  C    . ASN A 1 69  ? 13.363  -6.013  4.198   1.00 60.63 ?  218 ASN A C    1 
ATOM   443  O  O    . ASN A 1 69  ? 12.987  -6.815  3.336   1.00 59.24 ?  218 ASN A O    1 
ATOM   444  C  CB   . ASN A 1 69  ? 14.014  -7.511  6.103   1.00 68.14 ?  218 ASN A CB   1 
ATOM   445  C  CG   . ASN A 1 69  ? 15.138  -8.054  6.962   1.00 60.95 ?  218 ASN A CG   1 
ATOM   446  O  OD1  . ASN A 1 69  ? 16.226  -8.345  6.468   1.00 65.48 ?  218 ASN A OD1  1 
ATOM   447  N  ND2  . ASN A 1 69  ? 14.875  -8.205  8.254   1.00 63.46 ?  218 ASN A ND2  1 
ATOM   448  N  N    . ILE A 1 70  ? 12.831  -4.803  4.317   1.00 61.41 ?  219 ILE A N    1 
ATOM   449  C  CA   . ILE A 1 70  ? 11.934  -4.242  3.314   1.00 54.13 ?  219 ILE A CA   1 
ATOM   450  C  C    . ILE A 1 70  ? 12.795  -3.292  2.491   1.00 48.56 ?  219 ILE A C    1 
ATOM   451  O  O    . ILE A 1 70  ? 13.080  -2.163  2.906   1.00 60.19 ?  219 ILE A O    1 
ATOM   452  C  CB   . ILE A 1 70  ? 10.724  -3.543  3.942   1.00 59.82 ?  219 ILE A CB   1 
ATOM   453  C  CG1  . ILE A 1 70  ? 9.660   -4.568  4.328   1.00 62.98 ?  219 ILE A CG1  1 
ATOM   454  C  CG2  . ILE A 1 70  ? 10.078  -2.597  2.948   1.00 59.58 ?  219 ILE A CG2  1 
ATOM   455  C  CD1  . ILE A 1 70  ? 8.543   -3.994  5.169   1.00 63.36 ?  219 ILE A CD1  1 
ATOM   456  N  N    . ARG A 1 71  ? 13.251  -3.760  1.334   1.00 49.18 ?  220 ARG A N    1 
ATOM   457  C  CA   . ARG A 1 71  ? 14.227  -3.045  0.528   1.00 52.84 ?  220 ARG A CA   1 
ATOM   458  C  C    . ARG A 1 71  ? 13.697  -2.844  -0.882  1.00 52.35 ?  220 ARG A C    1 
ATOM   459  O  O    . ARG A 1 71  ? 13.046  -3.728  -1.448  1.00 44.66 ?  220 ARG A O    1 
ATOM   460  C  CB   . ARG A 1 71  ? 15.562  -3.796  0.479   1.00 47.99 ?  220 ARG A CB   1 
ATOM   461  N  N    . PHE A 1 72  ? 13.987  -1.672  -1.445  1.00 49.40 ?  221 PHE A N    1 
ATOM   462  C  CA   . PHE A 1 72  ? 13.583  -1.365  -2.806  1.00 40.79 ?  221 PHE A CA   1 
ATOM   463  C  C    . PHE A 1 72  ? 14.412  -2.170  -3.801  1.00 45.14 ?  221 PHE A C    1 
ATOM   464  O  O    . PHE A 1 72  ? 15.619  -2.355  -3.623  1.00 55.06 ?  221 PHE A O    1 
ATOM   465  C  CB   . PHE A 1 72  ? 13.740  0.131   -3.073  1.00 48.58 ?  221 PHE A CB   1 
ATOM   466  C  CG   . PHE A 1 72  ? 13.456  0.530   -4.492  1.00 52.03 ?  221 PHE A CG   1 
ATOM   467  C  CD1  . PHE A 1 72  ? 12.158  0.548   -4.978  1.00 49.77 ?  221 PHE A CD1  1 
ATOM   468  C  CD2  . PHE A 1 72  ? 14.488  0.895   -5.340  1.00 43.44 ?  221 PHE A CD2  1 
ATOM   469  C  CE1  . PHE A 1 72  ? 11.899  0.920   -6.281  1.00 46.52 ?  221 PHE A CE1  1 
ATOM   470  C  CE2  . PHE A 1 72  ? 14.235  1.265   -6.645  1.00 39.44 ?  221 PHE A CE2  1 
ATOM   471  C  CZ   . PHE A 1 72  ? 12.937  1.280   -7.116  1.00 48.57 ?  221 PHE A CZ   1 
ATOM   472  N  N    . LEU A 1 73  ? 13.753  -2.653  -4.853  1.00 45.96 ?  222 LEU A N    1 
ATOM   473  C  CA   . LEU A 1 73  ? 14.419  -3.419  -5.901  1.00 50.18 ?  222 LEU A CA   1 
ATOM   474  C  C    . LEU A 1 73  ? 14.369  -2.704  -7.244  1.00 48.30 ?  222 LEU A C    1 
ATOM   475  O  O    . LEU A 1 73  ? 15.422  -2.352  -7.789  1.00 44.96 ?  222 LEU A O    1 
ATOM   476  C  CB   . LEU A 1 73  ? 13.792  -4.816  -6.012  1.00 46.53 ?  222 LEU A CB   1 
ATOM   477  C  CG   . LEU A 1 73  ? 14.801  -5.959  -6.114  1.00 55.87 ?  222 LEU A CG   1 
ATOM   478  C  CD1  . LEU A 1 73  ? 15.910  -5.779  -5.093  1.00 56.85 ?  222 LEU A CD1  1 
ATOM   479  C  CD2  . LEU A 1 73  ? 14.117  -7.301  -5.929  1.00 70.21 ?  222 LEU A CD2  1 
ATOM   480  N  N    . ASP A 1 74  ? 13.156  -2.443  -7.717  1.00 53.27 ?  223 ASP A N    1 
ATOM   481  C  CA   . ASP A 1 74  ? 12.988  -1.774  -9.026  1.00 55.06 ?  223 ASP A CA   1 
ATOM   482  C  C    . ASP A 1 74  ? 11.657  -1.039  -9.076  1.00 45.75 ?  223 ASP A C    1 
ATOM   483  O  O    . ASP A 1 74  ? 10.853  -1.197  -8.153  1.00 41.21 ?  223 ASP A O    1 
ATOM   484  C  CB   . ASP A 1 74  ? 13.113  -2.764  -10.180 1.00 56.22 ?  223 ASP A CB   1 
ATOM   485  C  CG   . ASP A 1 74  ? 14.376  -2.534  -10.984 1.00 75.64 ?  223 ASP A CG   1 
ATOM   486  O  OD1  . ASP A 1 74  ? 14.547  -1.406  -11.485 1.00 85.21 ?  223 ASP A OD1  1 
ATOM   487  O  OD2  . ASP A 1 74  ? 15.184  -3.473  -11.084 1.00 78.98 ?  223 ASP A OD2  1 
ATOM   488  N  N    . LYS A 1 75  ? 11.465  -0.252  -10.129 1.00 45.13 ?  224 LYS A N    1 
ATOM   489  C  CA   . LYS A 1 75  ? 10.196  0.484   -10.308 1.00 43.42 ?  224 LYS A CA   1 
ATOM   490  C  C    . LYS A 1 75  ? 9.324   -0.301  -11.287 1.00 40.33 ?  224 LYS A C    1 
ATOM   491  O  O    . LYS A 1 75  ? 9.885   -0.875  -12.226 1.00 46.73 ?  224 LYS A O    1 
ATOM   492  C  CB   . LYS A 1 75  ? 10.506  1.900   -10.798 1.00 41.39 ?  224 LYS A CB   1 
ATOM   493  C  CG   . LYS A 1 75  ? 11.098  2.830   -9.750  1.00 49.64 ?  224 LYS A CG   1 
ATOM   494  C  CD   . LYS A 1 75  ? 11.711  4.077   -10.339 1.00 46.81 ?  224 LYS A CD   1 
ATOM   495  C  CE   . LYS A 1 75  ? 12.236  3.872   -11.743 1.00 51.74 ?  224 LYS A CE   1 
ATOM   496  N  NZ   . LYS A 1 75  ? 13.229  4.909   -12.107 1.00 47.97 ?  224 LYS A NZ   1 
ATOM   497  N  N    . LEU A 1 76  ? 8.012   -0.344  -11.051 1.00 44.01 ?  225 LEU A N    1 
ATOM   498  C  CA   . LEU A 1 76  ? 7.082   -1.030  -11.979 1.00 44.12 ?  225 LEU A CA   1 
ATOM   499  C  C    . LEU A 1 76  ? 6.958   -0.198  -13.250 1.00 42.92 ?  225 LEU A C    1 
ATOM   500  O  O    . LEU A 1 76  ? 6.959   1.034   -13.145 1.00 43.93 ?  225 LEU A O    1 
ATOM   501  C  CB   . LEU A 1 76  ? 5.715   -1.187  -11.312 1.00 36.84 ?  225 LEU A CB   1 
ATOM   502  C  CG   . LEU A 1 76  ? 4.760   -2.174  -11.981 1.00 43.15 ?  225 LEU A CG   1 
ATOM   503  C  CD1  . LEU A 1 76  ? 5.363   -3.568  -12.015 1.00 38.97 ?  225 LEU A CD1  1 
ATOM   504  C  CD2  . LEU A 1 76  ? 3.420   -2.198  -11.270 1.00 35.96 ?  225 LEU A CD2  1 
ATOM   505  N  N    . PRO A 1 77  ? 6.877   -0.806  -14.449 1.00 46.12 ?  226 PRO A N    1 
ATOM   506  C  CA   . PRO A 1 77  ? 6.626   -0.036  -15.671 1.00 51.02 ?  226 PRO A CA   1 
ATOM   507  C  C    . PRO A 1 77  ? 5.514   0.985   -15.470 1.00 50.23 ?  226 PRO A C    1 
ATOM   508  O  O    . PRO A 1 77  ? 4.465   0.686   -14.893 1.00 45.19 ?  226 PRO A O    1 
ATOM   509  C  CB   . PRO A 1 77  ? 6.233   -1.114  -16.684 1.00 50.60 ?  226 PRO A CB   1 
ATOM   510  C  CG   . PRO A 1 77  ? 7.012   -2.306  -16.247 1.00 55.70 ?  226 PRO A CG   1 
ATOM   511  C  CD   . PRO A 1 77  ? 7.093   -2.236  -14.737 1.00 50.87 ?  226 PRO A CD   1 
ATOM   512  N  N    . GLN A 1 78  ? 5.758   2.201   -15.948 1.00 54.93 ?  227 GLN A N    1 
ATOM   513  C  CA   . GLN A 1 78  ? 4.886   3.329   -15.659 1.00 48.90 ?  227 GLN A CA   1 
ATOM   514  C  C    . GLN A 1 78  ? 3.594   3.252   -16.459 1.00 50.76 ?  227 GLN A C    1 
ATOM   515  O  O    . GLN A 1 78  ? 3.592   2.882   -17.636 1.00 52.99 ?  227 GLN A O    1 
ATOM   516  C  CB   . GLN A 1 78  ? 5.609   4.642   -15.963 1.00 53.09 ?  227 GLN A CB   1 
ATOM   517  C  CG   . GLN A 1 78  ? 6.268   5.283   -14.755 1.00 62.96 ?  227 GLN A CG   1 
ATOM   518  C  CD   . GLN A 1 78  ? 7.274   6.351   -15.141 1.00 62.66 ?  227 GLN A CD   1 
ATOM   519  O  OE1  . GLN A 1 78  ? 7.134   7.006   -16.175 1.00 50.66 ?  227 GLN A OE1  1 
ATOM   520  N  NE2  . GLN A 1 78  ? 8.296   6.530   -14.312 1.00 76.01 ?  227 GLN A NE2  1 
ATOM   521  N  N    . GLN A 1 79  ? 2.489   3.613   -15.808 1.00 47.09 ?  228 GLN A N    1 
ATOM   522  C  CA   . GLN A 1 79  ? 1.187   3.719   -16.454 1.00 51.68 ?  228 GLN A CA   1 
ATOM   523  C  C    . GLN A 1 79  ? 0.877   5.191   -16.695 1.00 48.73 ?  228 GLN A C    1 
ATOM   524  O  O    . GLN A 1 79  ? 0.810   5.977   -15.744 1.00 42.93 ?  228 GLN A O    1 
ATOM   525  C  CB   . GLN A 1 79  ? 0.094   3.077   -15.601 1.00 46.15 ?  228 GLN A CB   1 
ATOM   526  C  CG   . GLN A 1 79  ? -1.296  3.163   -16.218 1.00 48.66 ?  228 GLN A CG   1 
ATOM   527  C  CD   . GLN A 1 79  ? -2.383  3.384   -15.185 1.00 51.60 ?  228 GLN A CD   1 
ATOM   528  O  OE1  . GLN A 1 79  ? -2.150  3.251   -13.983 1.00 49.66 ?  228 GLN A OE1  1 
ATOM   529  N  NE2  . GLN A 1 79  ? -3.579  3.727   -15.648 1.00 57.88 ?  228 GLN A NE2  1 
ATOM   530  N  N    . THR A 1 80  ? 0.694   5.559   -17.959 1.00 52.02 ?  229 THR A N    1 
ATOM   531  C  CA   . THR A 1 80  ? 0.364   6.924   -18.347 1.00 51.60 ?  229 THR A CA   1 
ATOM   532  C  C    . THR A 1 80  ? -1.105  6.979   -18.745 1.00 51.52 ?  229 THR A C    1 
ATOM   533  O  O    . THR A 1 80  ? -1.534  6.251   -19.645 1.00 49.15 ?  229 THR A O    1 
ATOM   534  C  CB   . THR A 1 80  ? 1.249   7.398   -19.500 1.00 48.10 ?  229 THR A CB   1 
ATOM   535  O  OG1  . THR A 1 80  ? 0.776   6.831   -20.728 1.00 50.75 ?  229 THR A OG1  1 
ATOM   536  C  CG2  . THR A 1 80  ? 2.692   6.973   -19.275 1.00 55.24 ?  229 THR A CG2  1 
ATOM   537  N  N    . GLY A 1 81  ? -1.868  7.839   -18.076 1.00 59.55 ?  230 GLY A N    1 
ATOM   538  C  CA   . GLY A 1 81  ? -3.275  8.003   -18.394 1.00 59.63 ?  230 GLY A CA   1 
ATOM   539  C  C    . GLY A 1 81  ? -3.746  9.429   -18.203 1.00 50.82 ?  230 GLY A C    1 
ATOM   540  O  O    . GLY A 1 81  ? -3.362  10.083  -17.234 1.00 45.42 ?  230 GLY A O    1 
ATOM   541  N  N    . ASP A 1 82  ? -4.576  9.925   -19.115 1.00 45.91 ?  231 ASP A N    1 
ATOM   542  C  CA   . ASP A 1 82  ? -5.022  11.311  -19.046 1.00 41.88 ?  231 ASP A CA   1 
ATOM   543  C  C    . ASP A 1 82  ? -6.012  11.483  -17.898 1.00 40.48 ?  231 ASP A C    1 
ATOM   544  O  O    . ASP A 1 82  ? -7.026  10.780  -17.833 1.00 36.80 ?  231 ASP A O    1 
ATOM   545  C  CB   . ASP A 1 82  ? -5.648  11.727  -20.375 1.00 43.69 ?  231 ASP A CB   1 
ATOM   546  C  CG   . ASP A 1 82  ? -4.644  11.721  -21.516 1.00 50.80 ?  231 ASP A CG   1 
ATOM   547  O  OD1  . ASP A 1 82  ? -3.455  11.999  -21.256 1.00 48.69 ?  231 ASP A OD1  1 
ATOM   548  O  OD2  . ASP A 1 82  ? -5.039  11.432  -22.665 1.00 62.26 ?  231 ASP A OD2  1 
ATOM   549  N  N    . HIS A 1 83  ? -5.717  12.424  -16.995 1.00 44.19 ?  232 HIS A N    1 
ATOM   550  C  CA   . HIS A 1 83  ? -6.524  12.613  -15.798 1.00 41.26 ?  232 HIS A CA   1 
ATOM   551  C  C    . HIS A 1 83  ? -6.643  14.093  -15.469 1.00 43.28 ?  232 HIS A C    1 
ATOM   552  O  O    . HIS A 1 83  ? -5.629  14.789  -15.379 1.00 47.72 ?  232 HIS A O    1 
ATOM   553  C  CB   . HIS A 1 83  ? -5.911  11.871  -14.603 1.00 44.63 ?  232 HIS A CB   1 
ATOM   554  C  CG   . HIS A 1 83  ? -6.839  11.733  -13.439 1.00 42.01 ?  232 HIS A CG   1 
ATOM   555  N  ND1  . HIS A 1 83  ? -6.718  12.485  -12.292 1.00 40.15 ?  232 HIS A ND1  1 
ATOM   556  C  CD2  . HIS A 1 83  ? -7.899  10.918  -13.245 1.00 44.44 ?  232 HIS A CD2  1 
ATOM   557  C  CE1  . HIS A 1 83  ? -7.669  12.141  -11.442 1.00 44.11 ?  232 HIS A CE1  1 
ATOM   558  N  NE2  . HIS A 1 83  ? -8.403  11.197  -11.998 1.00 43.99 ?  232 HIS A NE2  1 
ATOM   559  N  N    . ALA A 1 84  ? -7.882  14.556  -15.279 1.00 43.61 ?  233 ALA A N    1 
ATOM   560  C  CA   . ALA A 1 84  ? -8.194  15.895  -14.780 1.00 40.64 ?  233 ALA A CA   1 
ATOM   561  C  C    . ALA A 1 84  ? -7.354  16.992  -15.419 1.00 39.86 ?  233 ALA A C    1 
ATOM   562  O  O    . ALA A 1 84  ? -6.886  17.906  -14.730 1.00 52.52 ?  233 ALA A O    1 
ATOM   563  C  CB   . ALA A 1 84  ? -8.030  15.942  -13.261 1.00 42.07 ?  233 ALA A CB   1 
ATOM   564  N  N    . GLY A 1 85  ? -7.153  16.912  -16.732 1.00 33.62 ?  234 GLY A N    1 
ATOM   565  C  CA   . GLY A 1 85  ? -6.382  17.900  -17.447 1.00 35.50 ?  234 GLY A CA   1 
ATOM   566  C  C    . GLY A 1 85  ? -4.899  17.627  -17.531 1.00 40.40 ?  234 GLY A C    1 
ATOM   567  O  O    . GLY A 1 85  ? -4.203  18.308  -18.293 1.00 35.08 ?  234 GLY A O    1 
ATOM   568  N  N    . ILE A 1 86  ? -4.388  16.658  -16.778 1.00 46.90 ?  235 ILE A N    1 
ATOM   569  C  CA   . ILE A 1 86  ? -2.973  16.311  -16.815 1.00 39.38 ?  235 ILE A CA   1 
ATOM   570  C  C    . ILE A 1 86  ? -2.791  15.245  -17.891 1.00 41.04 ?  235 ILE A C    1 
ATOM   571  O  O    . ILE A 1 86  ? -3.173  14.089  -17.697 1.00 41.18 ?  235 ILE A O    1 
ATOM   572  C  CB   . ILE A 1 86  ? -2.486  15.815  -15.449 1.00 37.46 ?  235 ILE A CB   1 
ATOM   573  C  CG1  . ILE A 1 86  ? -2.701  16.902  -14.387 1.00 39.85 ?  235 ILE A CG1  1 
ATOM   574  C  CG2  . ILE A 1 86  ? -1.023  15.394  -15.531 1.00 43.69 ?  235 ILE A CG2  1 
ATOM   575  C  CD1  . ILE A 1 86  ? -1.742  16.841  -13.220 1.00 42.19 ?  235 ILE A CD1  1 
ATOM   576  N  N    . LYS A 1 87  ? -2.186  15.631  -19.007 1.00 41.46 ?  236 LYS A N    1 
ATOM   577  C  CA   . LYS A 1 87  ? -2.004  14.689  -20.132 1.00 46.81 ?  236 LYS A CA   1 
ATOM   578  C  C    . LYS A 1 87  ? -0.928  13.672  -19.785 1.00 49.60 ?  236 LYS A C    1 
ATOM   579  O  O    . LYS A 1 87  ? 0.103   14.064  -19.231 1.00 56.84 ?  236 LYS A O    1 
ATOM   580  C  CB   . LYS A 1 87  ? -1.615  15.435  -21.409 1.00 54.64 ?  236 LYS A CB   1 
ATOM   581  C  CG   . LYS A 1 87  ? -1.435  14.568  -22.645 1.00 58.54 ?  236 LYS A CG   1 
ATOM   582  C  CD   . LYS A 1 87  ? -2.472  14.834  -23.707 1.00 54.62 ?  236 LYS A CD   1 
ATOM   583  C  CE   . LYS A 1 87  ? -2.262  14.004  -24.954 1.00 70.52 ?  236 LYS A CE   1 
ATOM   584  N  NZ   . LYS A 1 87  ? -3.468  13.211  -25.296 1.00 76.08 ?  236 LYS A NZ   1 
ATOM   585  N  N    . ASP A 1 88  ? -1.161  12.420  -20.157 1.00 53.10 ?  237 ASP A N    1 
ATOM   586  C  CA   . ASP A 1 88  ? -0.215  11.343  -19.794 1.00 55.77 ?  237 ASP A CA   1 
ATOM   587  C  C    . ASP A 1 88  ? 0.153   11.507  -18.317 1.00 56.53 ?  237 ASP A C    1 
ATOM   588  O  O    . ASP A 1 88  ? 1.346   11.556  -18.022 1.00 53.95 ?  237 ASP A O    1 
ATOM   589  C  CB   . ASP A 1 88  ? 0.976   11.311  -20.754 1.00 58.98 ?  237 ASP A CB   1 
ATOM   590  C  CG   . ASP A 1 88  ? 0.608   10.866  -22.153 1.00 66.19 ?  237 ASP A CG   1 
ATOM   591  O  OD1  . ASP A 1 88  ? -0.482  11.245  -22.614 1.00 69.55 ?  237 ASP A OD1  1 
ATOM   592  O  OD2  . ASP A 1 88  ? 1.417   10.149  -22.768 1.00 64.01 ?  237 ASP A OD2  1 
ATOM   593  N  N    . ARG A 1 89  ? -0.842  11.621  -17.433 1.00 50.73 ?  238 ARG A N    1 
ATOM   594  C  CA   . ARG A 1 89  ? -0.550  11.628  -15.978 1.00 39.37 ?  238 ARG A CA   1 
ATOM   595  C  C    . ARG A 1 89  ? 0.024   10.259  -15.670 1.00 41.14 ?  238 ARG A C    1 
ATOM   596  O  O    . ARG A 1 89  ? -0.673  9.264   -15.870 1.00 45.84 ?  238 ARG A O    1 
ATOM   597  C  CB   . ARG A 1 89  ? -1.783  11.923  -15.123 1.00 43.61 ?  238 ARG A CB   1 
ATOM   598  C  CG   . ARG A 1 89  ? -2.011  10.952  -13.975 1.00 40.85 ?  238 ARG A CG   1 
ATOM   599  C  CD   . ARG A 1 89  ? -1.750  11.527  -12.604 1.00 43.92 ?  238 ARG A CD   1 
ATOM   600  N  NE   . ARG A 1 89  ? -1.027  10.564  -11.793 1.00 53.78 ?  238 ARG A NE   1 
ATOM   601  C  CZ   . ARG A 1 89  ? -1.032  10.542  -10.468 1.00 53.37 ?  238 ARG A CZ   1 
ATOM   602  N  NH1  . ARG A 1 89  ? -1.725  11.437  -9.791  1.00 49.19 ?  238 ARG A NH1  1 
ATOM   603  N  NH2  . ARG A 1 89  ? -0.340  9.622   -9.823  1.00 53.39 ?  238 ARG A NH2  1 
ATOM   604  N  N    . VAL A 1 90  ? 1.279   10.229  -15.261 1.00 41.94 ?  239 VAL A N    1 
ATOM   605  C  CA   . VAL A 1 90  ? 1.955   8.932   -15.030 1.00 39.75 ?  239 VAL A CA   1 
ATOM   606  C  C    . VAL A 1 90  ? 1.580   8.414   -13.648 1.00 42.68 ?  239 VAL A C    1 
ATOM   607  O  O    . VAL A 1 90  ? 1.530   9.208   -12.703 1.00 44.79 ?  239 VAL A O    1 
ATOM   608  C  CB   . VAL A 1 90  ? 3.473   9.086   -15.195 1.00 42.99 ?  239 VAL A CB   1 
ATOM   609  C  CG1  . VAL A 1 90  ? 3.858   9.210   -16.659 1.00 50.07 ?  239 VAL A CG1  1 
ATOM   610  C  CG2  . VAL A 1 90  ? 4.014   10.265  -14.404 1.00 53.98 ?  239 VAL A CG2  1 
ATOM   611  N  N    . TYR A 1 91  ? 1.285   7.122   -13.566 1.00 51.00 ?  240 TYR A N    1 
ATOM   612  C  CA   . TYR A 1 91  ? 1.021   6.496   -12.254 1.00 43.78 ?  240 TYR A CA   1 
ATOM   613  C  C    . TYR A 1 91  ? 2.232   5.607   -11.983 1.00 44.55 ?  240 TYR A C    1 
ATOM   614  O  O    . TYR A 1 91  ? 2.383   4.589   -12.658 1.00 51.58 ?  240 TYR A O    1 
ATOM   615  C  CB   . TYR A 1 91  ? -0.308  5.750   -12.292 1.00 40.92 ?  240 TYR A CB   1 
ATOM   616  C  CG   . TYR A 1 91  ? -1.516  6.618   -12.524 1.00 47.80 ?  240 TYR A CG   1 
ATOM   617  C  CD1  . TYR A 1 91  ? -1.928  6.947   -13.803 1.00 44.16 ?  240 TYR A CD1  1 
ATOM   618  C  CD2  . TYR A 1 91  ? -2.254  7.110   -11.459 1.00 46.86 ?  240 TYR A CD2  1 
ATOM   619  C  CE1  . TYR A 1 91  ? -3.041  7.741   -14.018 1.00 46.91 ?  240 TYR A CE1  1 
ATOM   620  C  CE2  . TYR A 1 91  ? -3.371  7.902   -11.656 1.00 47.95 ?  240 TYR A CE2  1 
ATOM   621  C  CZ   . TYR A 1 91  ? -3.766  8.219   -12.940 1.00 45.55 ?  240 TYR A CZ   1 
ATOM   622  O  OH   . TYR A 1 91  ? -4.864  9.004   -13.139 1.00 52.55 ?  240 TYR A OH   1 
ATOM   623  N  N    . SER A 1 92  ? 3.096   6.018   -11.061 1.00 39.92 ?  241 SER A N    1 
ATOM   624  C  CA   . SER A 1 92  ? 4.338   5.258   -10.790 1.00 33.44 ?  241 SER A CA   1 
ATOM   625  C  C    . SER A 1 92  ? 4.153   4.394   -9.549  1.00 39.64 ?  241 SER A C    1 
ATOM   626  O  O    . SER A 1 92  ? 3.506   4.855   -8.608  1.00 35.02 ?  241 SER A O    1 
ATOM   627  C  CB   . SER A 1 92  ? 5.502   6.185   -10.648 1.00 39.72 ?  241 SER A CB   1 
ATOM   628  O  OG   . SER A 1 92  ? 5.336   7.030   -9.521  1.00 55.32 ?  241 SER A OG   1 
ATOM   629  N  N    . ASN A 1 93  ? 4.684   3.171   -9.586  1.00 36.59 ?  242 ASN A N    1 
ATOM   630  C  CA   . ASN A 1 93  ? 4.596   2.274   -8.444  1.00 35.93 ?  242 ASN A CA   1 
ATOM   631  C  C    . ASN A 1 93  ? 5.912   1.520   -8.308  1.00 35.87 ?  242 ASN A C    1 
ATOM   632  O  O    . ASN A 1 93  ? 6.574   1.217   -9.304  1.00 45.72 ?  242 ASN A O    1 
ATOM   633  C  CB   . ASN A 1 93  ? 3.428   1.282   -8.579  1.00 39.49 ?  242 ASN A CB   1 
ATOM   634  C  CG   . ASN A 1 93  ? 2.091   1.976   -8.762  1.00 37.58 ?  242 ASN A CG   1 
ATOM   635  O  OD1  . ASN A 1 93  ? 1.760   2.433   -9.855  1.00 36.77 ?  242 ASN A OD1  1 
ATOM   636  N  ND2  . ASN A 1 93  ? 1.316   2.060   -7.686  1.00 28.09 ?  242 ASN A ND2  1 
ATOM   637  N  N    . SER A 1 94  ? 6.288   1.225   -7.068  1.00 35.81 ?  243 SER A N    1 
ATOM   638  C  CA   . SER A 1 94  ? 7.593   0.662   -6.756  1.00 41.94 ?  243 SER A CA   1 
ATOM   639  C  C    . SER A 1 94  ? 7.468   -0.784  -6.287  1.00 36.78 ?  243 SER A C    1 
ATOM   640  O  O    . SER A 1 94  ? 6.531   -1.134  -5.562  1.00 38.88 ?  243 SER A O    1 
ATOM   641  C  CB   . SER A 1 94  ? 8.301   1.491   -5.682  1.00 41.04 ?  243 SER A CB   1 
ATOM   642  O  OG   . SER A 1 94  ? 8.733   2.738   -6.201  1.00 41.31 ?  243 SER A OG   1 
ATOM   643  N  N    . ILE A 1 95  ? 8.423   -1.612  -6.703  1.00 31.24 ?  244 ILE A N    1 
ATOM   644  C  CA   . ILE A 1 95  ? 8.502   -3.009  -6.289  1.00 35.82 ?  244 ILE A CA   1 
ATOM   645  C  C    . ILE A 1 95  ? 9.559   -3.132  -5.202  1.00 33.75 ?  244 ILE A C    1 
ATOM   646  O  O    . ILE A 1 95  ? 10.681  -2.634  -5.357  1.00 34.32 ?  244 ILE A O    1 
ATOM   647  C  CB   . ILE A 1 95  ? 8.836   -3.930  -7.474  1.00 41.23 ?  244 ILE A CB   1 
ATOM   648  C  CG1  . ILE A 1 95  ? 8.122   -3.462  -8.743  1.00 42.74 ?  244 ILE A CG1  1 
ATOM   649  C  CG2  . ILE A 1 95  ? 8.468   -5.372  -7.145  1.00 43.86 ?  244 ILE A CG2  1 
ATOM   650  C  CD1  . ILE A 1 95  ? 8.274   -4.415  -9.907  1.00 45.25 ?  244 ILE A CD1  1 
ATOM   651  N  N    . TYR A 1 96  ? 9.210   -3.798  -4.109  1.00 36.49 ?  245 TYR A N    1 
ATOM   652  C  CA   . TYR A 1 96  ? 10.111  -3.980  -2.982  1.00 41.86 ?  245 TYR A CA   1 
ATOM   653  C  C    . TYR A 1 96  ? 10.395  -5.459  -2.772  1.00 42.97 ?  245 TYR A C    1 
ATOM   654  O  O    . TYR A 1 96  ? 9.517   -6.308  -2.960  1.00 40.37 ?  245 TYR A O    1 
ATOM   655  C  CB   . TYR A 1 96  ? 9.527   -3.386  -1.696  1.00 35.07 ?  245 TYR A CB   1 
ATOM   656  C  CG   . TYR A 1 96  ? 9.563   -1.879  -1.653  1.00 46.41 ?  245 TYR A CG   1 
ATOM   657  C  CD1  . TYR A 1 96  ? 8.725   -1.120  -2.459  1.00 40.39 ?  245 TYR A CD1  1 
ATOM   658  C  CD2  . TYR A 1 96  ? 10.444  -1.212  -0.812  1.00 42.81 ?  245 TYR A CD2  1 
ATOM   659  C  CE1  . TYR A 1 96  ? 8.759   0.257   -2.423  1.00 38.96 ?  245 TYR A CE1  1 
ATOM   660  C  CE2  . TYR A 1 96  ? 10.485  0.165   -0.769  1.00 46.03 ?  245 TYR A CE2  1 
ATOM   661  C  CZ   . TYR A 1 96  ? 9.641   0.894   -1.576  1.00 44.51 ?  245 TYR A CZ   1 
ATOM   662  O  OH   . TYR A 1 96  ? 9.686   2.267   -1.535  1.00 47.91 ?  245 TYR A OH   1 
ATOM   663  N  N    . GLU A 1 97  ? 11.629  -5.762  -2.383  1.00 48.86 ?  246 GLU A N    1 
ATOM   664  C  CA   . GLU A 1 97  ? 11.982  -7.097  -1.931  1.00 49.10 ?  246 GLU A CA   1 
ATOM   665  C  C    . GLU A 1 97  ? 11.721  -7.217  -0.434  1.00 47.61 ?  246 GLU A C    1 
ATOM   666  O  O    . GLU A 1 97  ? 11.826  -6.244  0.316   1.00 50.84 ?  246 GLU A O    1 
ATOM   667  C  CB   . GLU A 1 97  ? 13.446  -7.414  -2.245  1.00 49.82 ?  246 GLU A CB   1 
ATOM   668  C  CG   . GLU A 1 97  ? 14.392  -7.200  -1.073  1.00 60.13 ?  246 GLU A CG   1 
ATOM   669  C  CD   . GLU A 1 97  ? 15.854  -7.154  -1.480  1.00 63.06 ?  246 GLU A CD   1 
ATOM   670  O  OE1  . GLU A 1 97  ? 16.186  -7.640  -2.579  1.00 59.98 ?  246 GLU A OE1  1 
ATOM   671  O  OE2  . GLU A 1 97  ? 16.672  -6.635  -0.691  1.00 75.83 ?  246 GLU A OE2  1 
ATOM   672  N  N    . LEU A 1 98  ? 11.336  -8.424  -0.033  1.00 40.16 ?  247 LEU A N    1 
ATOM   673  C  CA   . LEU A 1 98  ? 11.135  -8.706  1.408   1.00 47.04 ?  247 LEU A CA   1 
ATOM   674  C  C    . LEU A 1 98  ? 12.120  -9.814  1.773   1.00 49.79 ?  247 LEU A C    1 
ATOM   675  O  O    . LEU A 1 98  ? 12.219  -10.787 1.023   1.00 46.57 ?  247 LEU A O    1 
ATOM   676  C  CB   . LEU A 1 98  ? 9.682   -9.115  1.653   1.00 51.94 ?  247 LEU A CB   1 
ATOM   677  C  CG   . LEU A 1 98  ? 8.638   -8.183  1.045   1.00 61.28 ?  247 LEU A CG   1 
ATOM   678  C  CD1  . LEU A 1 98  ? 7.250   -8.792  1.138   1.00 62.57 ?  247 LEU A CD1  1 
ATOM   679  C  CD2  . LEU A 1 98  ? 8.672   -6.826  1.728   1.00 63.53 ?  247 LEU A CD2  1 
ATOM   680  N  N    . LEU A 1 99  ? 12.850  -9.643  2.867   1.00 57.08 ?  248 LEU A N    1 
ATOM   681  C  CA   . LEU A 1 99  ? 13.913  -10.612 3.206   1.00 56.79 ?  248 LEU A CA   1 
ATOM   682  C  C    . LEU A 1 99  ? 13.596  -11.330 4.517   1.00 59.58 ?  248 LEU A C    1 
ATOM   683  O  O    . LEU A 1 99  ? 13.053  -10.689 5.425   1.00 58.48 ?  248 LEU A O    1 
ATOM   684  C  CB   . LEU A 1 99  ? 15.220  -9.830  3.310   1.00 61.27 ?  248 LEU A CB   1 
ATOM   685  C  CG   . LEU A 1 99  ? 15.494  -8.861  2.162   1.00 65.25 ?  248 LEU A CG   1 
ATOM   686  C  CD1  . LEU A 1 99  ? 16.568  -7.858  2.550   1.00 53.70 ?  248 LEU A CD1  1 
ATOM   687  C  CD2  . LEU A 1 99  ? 15.901  -9.618  0.911   1.00 61.92 ?  248 LEU A CD2  1 
ATOM   688  N  N    . GLU A 1 100 ? 13.896  -12.626 4.582   1.00 58.97 ?  249 GLU A N    1 
ATOM   689  C  CA   . GLU A 1 100 ? 13.709  -13.413 5.824   1.00 58.62 ?  249 GLU A CA   1 
ATOM   690  C  C    . GLU A 1 100 ? 15.015  -14.166 6.066   1.00 59.66 ?  249 GLU A C    1 
ATOM   691  O  O    . GLU A 1 100 ? 15.401  -14.951 5.187   1.00 56.36 ?  249 GLU A O    1 
ATOM   692  C  CB   . GLU A 1 100 ? 12.534  -14.371 5.670   1.00 57.74 ?  249 GLU A CB   1 
ATOM   693  C  CG   . GLU A 1 100 ? 11.995  -14.921 6.972   1.00 59.88 ?  249 GLU A CG   1 
ATOM   694  C  CD   . GLU A 1 100 ? 10.767  -15.784 6.752   1.00 69.26 ?  249 GLU A CD   1 
ATOM   695  O  OE1  . GLU A 1 100 ? 9.798   -15.281 6.159   1.00 62.74 ?  249 GLU A OE1  1 
ATOM   696  O  OE2  . GLU A 1 100 ? 10.787  -16.960 7.155   1.00 70.60 ?  249 GLU A OE2  1 
ATOM   697  N  N    . ASN A 1 101 ? 15.681  -13.888 7.186   1.00 52.68 ?  250 ASN A N    1 
ATOM   698  C  CA   . ASN A 1 101 ? 16.972  -14.541 7.519   1.00 47.05 ?  250 ASN A CA   1 
ATOM   699  C  C    . ASN A 1 101 ? 18.024  -14.044 6.535   1.00 52.23 ?  250 ASN A C    1 
ATOM   700  O  O    . ASN A 1 101 ? 19.027  -14.749 6.358   1.00 57.52 ?  250 ASN A O    1 
ATOM   701  C  CB   . ASN A 1 101 ? 16.862  -16.067 7.609   1.00 52.62 ?  250 ASN A CB   1 
ATOM   702  C  CG   . ASN A 1 101 ? 15.606  -16.520 8.317   1.00 58.08 ?  250 ASN A CG   1 
ATOM   703  O  OD1  . ASN A 1 101 ? 14.948  -17.461 7.884   1.00 64.66 ?  250 ASN A OD1  1 
ATOM   704  N  ND2  . ASN A 1 101 ? 15.255  -15.847 9.398   1.00 55.36 ?  250 ASN A ND2  1 
ATOM   705  N  N    . GLY A 1 102 ? 17.785  -12.899 5.900   1.00 55.29 ?  251 GLY A N    1 
ATOM   706  C  CA   . GLY A 1 102 ? 18.823  -12.286 5.050   1.00 54.63 ?  251 GLY A CA   1 
ATOM   707  C  C    . GLY A 1 102 ? 18.659  -12.584 3.583   1.00 57.43 ?  251 GLY A C    1 
ATOM   708  O  O    . GLY A 1 102 ? 19.369  -11.970 2.776   1.00 60.91 ?  251 GLY A O    1 
ATOM   709  N  N    . GLN A 1 103 ? 17.766  -13.505 3.251   1.00 66.31 ?  252 GLN A N    1 
ATOM   710  C  CA   . GLN A 1 103 ? 17.570  -13.907 1.837   1.00 60.80 ?  252 GLN A CA   1 
ATOM   711  C  C    . GLN A 1 103 ? 16.245  -13.336 1.360   1.00 50.30 ?  252 GLN A C    1 
ATOM   712  O  O    . GLN A 1 103 ? 15.426  -13.063 2.276   1.00 48.55 ?  252 GLN A O    1 
ATOM   713  C  CB   . GLN A 1 103 ? 17.559  -15.430 1.712   1.00 62.40 ?  252 GLN A CB   1 
ATOM   714  C  CG   . GLN A 1 103 ? 16.428  -16.107 2.471   1.00 64.74 ?  252 GLN A CG   1 
ATOM   715  C  CD   . GLN A 1 103 ? 16.780  -17.524 2.851   1.00 73.31 ?  252 GLN A CD   1 
ATOM   716  O  OE1  . GLN A 1 103 ? 16.114  -18.154 3.669   1.00 77.59 ?  252 GLN A OE1  1 
ATOM   717  N  NE2  . GLN A 1 103 ? 17.841  -18.039 2.254   1.00 70.65 ?  252 GLN A NE2  1 
ATOM   718  N  N    . ARG A 1 104 ? 16.080  -13.185 0.036   1.00 47.78 ?  253 ARG A N    1 
ATOM   719  C  CA   . ARG A 1 104 ? 14.822  -12.691 -0.589  1.00 52.06 ?  253 ARG A CA   1 
ATOM   720  C  C    . ARG A 1 104 ? 13.739  -13.758 -0.541  1.00 40.82 ?  253 ARG A C    1 
ATOM   721  O  O    . ARG A 1 104 ? 13.832  -14.737 -1.283  1.00 43.83 ?  253 ARG A O    1 
ATOM   722  C  CB   . ARG A 1 104 ? 15.012  -12.352 -2.065  1.00 52.57 ?  253 ARG A CB   1 
ATOM   723  C  CG   . ARG A 1 104 ? 13.725  -11.951 -2.770  1.00 45.43 ?  253 ARG A CG   1 
ATOM   724  C  CD   . ARG A 1 104 ? 14.008  -11.096 -3.986  1.00 57.32 ?  253 ARG A CD   1 
ATOM   725  N  NE   . ARG A 1 104 ? 15.182  -10.265 -3.777  1.00 57.10 ?  253 ARG A NE   1 
ATOM   726  C  CZ   . ARG A 1 104 ? 16.124  -10.057 -4.685  1.00 60.80 ?  253 ARG A CZ   1 
ATOM   727  N  NH1  . ARG A 1 104 ? 16.029  -10.620 -5.876  1.00 67.49 ?  253 ARG A NH1  1 
ATOM   728  N  NH2  . ARG A 1 104 ? 17.156  -9.286  -4.401  1.00 66.83 ?  253 ARG A NH2  1 
ATOM   729  N  N    . ALA A 1 105 ? 12.728  -13.525 0.278   1.00 39.73 ?  254 ALA A N    1 
ATOM   730  C  CA   . ALA A 1 105 ? 11.664  -14.514 0.452   1.00 40.34 ?  254 ALA A CA   1 
ATOM   731  C  C    . ALA A 1 105 ? 10.463  -14.037 -0.346  1.00 47.71 ?  254 ALA A C    1 
ATOM   732  O  O    . ALA A 1 105 ? 9.500   -14.798 -0.478  1.00 50.73 ?  254 ALA A O    1 
ATOM   733  C  CB   . ALA A 1 105 ? 11.362  -14.589 1.916   1.00 50.75 ?  254 ALA A CB   1 
ATOM   734  N  N    . GLY A 1 106 ? 10.540  -12.813 -0.859  1.00 50.55 ?  255 GLY A N    1 
ATOM   735  C  CA   . GLY A 1 106 ? 9.396   -12.265 -1.597  1.00 48.93 ?  255 GLY A CA   1 
ATOM   736  C  C    . GLY A 1 106 ? 9.635   -10.926 -2.245  1.00 47.24 ?  255 GLY A C    1 
ATOM   737  O  O    . GLY A 1 106 ? 10.474  -10.174 -1.756  1.00 46.91 ?  255 GLY A O    1 
ATOM   738  N  N    . THR A 1 107 ? 8.913   -10.661 -3.328  1.00 49.44 ?  256 THR A N    1 
ATOM   739  C  CA   . THR A 1 107 ? 8.970   -9.352  -4.015  1.00 43.84 ?  256 THR A CA   1 
ATOM   740  C  C    . THR A 1 107 ? 7.522   -8.938  -4.264  1.00 42.61 ?  256 THR A C    1 
ATOM   741  O  O    . THR A 1 107 ? 6.732   -9.800  -4.633  1.00 52.00 ?  256 THR A O    1 
ATOM   742  C  CB   . THR A 1 107 ? 9.804   -9.448  -5.290  1.00 53.08 ?  256 THR A CB   1 
ATOM   743  O  OG1  . THR A 1 107 ? 9.579   -10.738 -5.855  1.00 62.78 ?  256 THR A OG1  1 
ATOM   744  C  CG2  . THR A 1 107 ? 11.282  -9.250  -5.044  1.00 51.44 ?  256 THR A CG2  1 
ATOM   745  N  N    . CYS A 1 108 ? 7.189   -7.677  -4.036  1.00 42.99 ?  257 CYS A N    1 
ATOM   746  C  CA   . CYS A 1 108 ? 5.821   -7.199  -4.159  1.00 41.97 ?  257 CYS A CA   1 
ATOM   747  C  C    . CYS A 1 108 ? 5.831   -5.703  -4.422  1.00 38.73 ?  257 CYS A C    1 
ATOM   748  O  O    . CYS A 1 108 ? 6.833   -5.016  -4.200  1.00 35.39 ?  257 CYS A O    1 
ATOM   749  C  CB   . CYS A 1 108 ? 5.009   -7.508  -2.897  1.00 36.77 ?  257 CYS A CB   1 
ATOM   750  S  SG   . CYS A 1 108 ? 5.291   -6.338  -1.552  1.00 47.88 ?  257 CYS A SG   1 
ATOM   751  N  N    . VAL A 1 109 ? 4.697   -5.208  -4.903  1.00 38.20 ?  258 VAL A N    1 
ATOM   752  C  CA   . VAL A 1 109 ? 4.464   -3.776  -5.036  1.00 37.60 ?  258 VAL A CA   1 
ATOM   753  C  C    . VAL A 1 109 ? 3.926   -3.269  -3.703  1.00 37.90 ?  258 VAL A C    1 
ATOM   754  O  O    . VAL A 1 109 ? 2.844   -3.672  -3.266  1.00 29.54 ?  258 VAL A O    1 
ATOM   755  C  CB   . VAL A 1 109 ? 3.491   -3.467  -6.184  1.00 40.30 ?  258 VAL A CB   1 
ATOM   756  C  CG1  . VAL A 1 109 ? 3.496   -1.980  -6.496  1.00 37.21 ?  258 VAL A CG1  1 
ATOM   757  C  CG2  . VAL A 1 109 ? 3.867   -4.270  -7.420  1.00 34.10 ?  258 VAL A CG2  1 
ATOM   758  N  N    . LEU A 1 110 ? 4.692   -2.393  -3.057  1.00 39.68 ?  259 LEU A N    1 
ATOM   759  C  CA   . LEU A 1 110 ? 4.399   -1.910  -1.715  1.00 40.05 ?  259 LEU A CA   1 
ATOM   760  C  C    . LEU A 1 110 ? 4.360   -0.390  -1.719  1.00 38.22 ?  259 LEU A C    1 
ATOM   761  O  O    . LEU A 1 110 ? 5.221   0.256   -2.322  1.00 44.22 ?  259 LEU A O    1 
ATOM   762  C  CB   . LEU A 1 110 ? 5.456   -2.405  -0.715  1.00 35.24 ?  259 LEU A CB   1 
ATOM   763  C  CG   . LEU A 1 110 ? 5.050   -2.765  0.715   1.00 49.99 ?  259 LEU A CG   1 
ATOM   764  C  CD1  . LEU A 1 110 ? 3.991   -3.841  0.734   1.00 48.45 ?  259 LEU A CD1  1 
ATOM   765  C  CD2  . LEU A 1 110 ? 6.270   -3.210  1.507   1.00 62.09 ?  259 LEU A CD2  1 
ATOM   766  N  N    . GLU A 1 111 ? 3.365   0.175   -1.042  1.00 32.92 ?  260 GLU A N    1 
ATOM   767  C  CA   . GLU A 1 111 ? 3.275   1.623   -0.906  1.00 38.47 ?  260 GLU A CA   1 
ATOM   768  C  C    . GLU A 1 111 ? 2.339   1.960   0.247   1.00 39.05 ?  260 GLU A C    1 
ATOM   769  O  O    . GLU A 1 111 ? 1.390   1.223   0.528   1.00 33.08 ?  260 GLU A O    1 
ATOM   770  C  CB   . GLU A 1 111 ? 2.792   2.286   -2.202  1.00 51.47 ?  260 GLU A CB   1 
ATOM   771  C  CG   . GLU A 1 111 ? 1.311   2.103   -2.497  1.00 46.78 ?  260 GLU A CG   1 
ATOM   772  C  CD   . GLU A 1 111 ? 0.798   3.089   -3.531  1.00 55.36 ?  260 GLU A CD   1 
ATOM   773  O  OE1  . GLU A 1 111 ? 0.866   2.774   -4.737  1.00 53.58 ?  260 GLU A OE1  1 
ATOM   774  O  OE2  . GLU A 1 111 ? 0.331   4.178   -3.136  1.00 64.40 ?  260 GLU A OE2  1 
ATOM   775  N  N    . TYR A 1 112 ? 2.626   3.074   0.911   1.00 49.29 ?  261 TYR A N    1 
ATOM   776  C  CA   . TYR A 1 112 ? 1.789   3.537   2.008   1.00 44.29 ?  261 TYR A CA   1 
ATOM   777  C  C    . TYR A 1 112 ? 0.521   4.191   1.471   1.00 35.81 ?  261 TYR A C    1 
ATOM   778  O  O    . TYR A 1 112 ? 0.496   4.737   0.366   1.00 37.20 ?  261 TYR A O    1 
ATOM   779  C  CB   . TYR A 1 112 ? 2.527   4.547   2.888   1.00 44.40 ?  261 TYR A CB   1 
ATOM   780  C  CG   . TYR A 1 112 ? 3.707   4.001   3.662   1.00 54.07 ?  261 TYR A CG   1 
ATOM   781  C  CD1  . TYR A 1 112 ? 4.862   3.591   3.015   1.00 54.25 ?  261 TYR A CD1  1 
ATOM   782  C  CD2  . TYR A 1 112 ? 3.653   3.885   5.044   1.00 54.16 ?  261 TYR A CD2  1 
ATOM   783  C  CE1  . TYR A 1 112 ? 5.937   3.096   3.725   1.00 55.28 ?  261 TYR A CE1  1 
ATOM   784  C  CE2  . TYR A 1 112 ? 4.722   3.384   5.762   1.00 46.38 ?  261 TYR A CE2  1 
ATOM   785  C  CZ   . TYR A 1 112 ? 5.862   2.993   5.097   1.00 53.84 ?  261 TYR A CZ   1 
ATOM   786  O  OH   . TYR A 1 112 ? 6.929   2.496   5.808   1.00 70.82 ?  261 TYR A OH   1 
ATOM   787  N  N    . ALA A 1 113 ? -0.537  4.138   2.278   1.00 28.65 ?  262 ALA A N    1 
ATOM   788  C  CA   . ALA A 1 113 ? -1.739  4.910   1.985   1.00 32.87 ?  262 ALA A CA   1 
ATOM   789  C  C    . ALA A 1 113 ? -1.467  6.368   2.305   1.00 32.57 ?  262 ALA A C    1 
ATOM   790  O  O    . ALA A 1 113 ? -1.379  6.755   3.475   1.00 33.08 ?  262 ALA A O    1 
ATOM   791  C  CB   . ALA A 1 113 ? -2.930  4.401   2.785   1.00 34.01 ?  262 ALA A CB   1 
ATOM   792  N  N    . THR A 1 114 ? -1.332  7.178   1.261   1.00 30.85 ?  263 THR A N    1 
ATOM   793  C  CA   . THR A 1 114 ? -1.041  8.588   1.457   1.00 30.65 ?  263 THR A CA   1 
ATOM   794  C  C    . THR A 1 114 ? -2.132  9.354   2.215   1.00 26.01 ?  263 THR A C    1 
ATOM   795  O  O    . THR A 1 114 ? -1.773  10.301  2.932   1.00 29.91 ?  263 THR A O    1 
ATOM   796  C  CB   . THR A 1 114 ? -0.770  9.222   0.091   1.00 34.23 ?  263 THR A CB   1 
ATOM   797  O  OG1  . THR A 1 114 ? -1.686  8.683   -0.868  1.00 63.27 ?  263 THR A OG1  1 
ATOM   798  C  CG2  . THR A 1 114 ? 0.623   8.850   -0.351  1.00 30.57 ?  263 THR A CG2  1 
ATOM   799  N  N    . PRO A 1 115 ? -3.429  9.027   2.105   1.00 35.67 ?  264 PRO A N    1 
ATOM   800  C  CA   . PRO A 1 115 ? -4.425  9.793   2.879   1.00 38.30 ?  264 PRO A CA   1 
ATOM   801  C  C    . PRO A 1 115 ? -4.240  9.732   4.386   1.00 38.66 ?  264 PRO A C    1 
ATOM   802  O  O    . PRO A 1 115 ? -4.614  10.692  5.075   1.00 38.55 ?  264 PRO A O    1 
ATOM   803  C  CB   . PRO A 1 115 ? -5.751  9.155   2.447   1.00 32.37 ?  264 PRO A CB   1 
ATOM   804  C  CG   . PRO A 1 115 ? -5.490  8.716   1.064   1.00 34.69 ?  264 PRO A CG   1 
ATOM   805  C  CD   . PRO A 1 115 ? -4.096  8.167   1.112   1.00 36.47 ?  264 PRO A CD   1 
ATOM   806  N  N    . LEU A 1 116 ? -3.686  8.644   4.927   1.00 41.61 ?  265 LEU A N    1 
ATOM   807  C  CA   . LEU A 1 116 ? -3.436  8.575   6.366   1.00 45.24 ?  265 LEU A CA   1 
ATOM   808  C  C    . LEU A 1 116 ? -2.511  9.687   6.839   1.00 41.15 ?  265 LEU A C    1 
ATOM   809  O  O    . LEU A 1 116 ? -2.548  10.055  8.018   1.00 37.61 ?  265 LEU A O    1 
ATOM   810  C  CB   . LEU A 1 116 ? -2.840  7.216   6.735   1.00 40.27 ?  265 LEU A CB   1 
ATOM   811  C  CG   . LEU A 1 116 ? -3.777  6.013   6.634   1.00 42.06 ?  265 LEU A CG   1 
ATOM   812  C  CD1  . LEU A 1 116 ? -3.023  4.728   6.942   1.00 34.82 ?  265 LEU A CD1  1 
ATOM   813  C  CD2  . LEU A 1 116 ? -4.957  6.187   7.574   1.00 39.81 ?  265 LEU A CD2  1 
ATOM   814  N  N    . GLN A 1 117 ? -1.695  10.231  5.936   1.00 45.23 ?  266 GLN A N    1 
ATOM   815  C  CA   . GLN A 1 117 ? -0.774  11.307  6.280   1.00 46.88 ?  266 GLN A CA   1 
ATOM   816  C  C    . GLN A 1 117 ? -1.511  12.550  6.754   1.00 43.00 ?  266 GLN A C    1 
ATOM   817  O  O    . GLN A 1 117 ? -1.005  13.287  7.608   1.00 53.69 ?  266 GLN A O    1 
ATOM   818  C  CB   . GLN A 1 117 ? 0.082   11.618  5.060   1.00 42.10 ?  266 GLN A CB   1 
ATOM   819  C  CG   . GLN A 1 117 ? 1.272   12.496  5.289   1.00 56.72 ?  266 GLN A CG   1 
ATOM   820  C  CD   . GLN A 1 117 ? 1.697   13.167  4.009   1.00 65.46 ?  266 GLN A CD   1 
ATOM   821  O  OE1  . GLN A 1 117 ? 0.876   13.429  3.129   1.00 60.38 ?  266 GLN A OE1  1 
ATOM   822  N  NE2  . GLN A 1 117 ? 2.994   13.382  3.861   1.00 64.20 ?  266 GLN A NE2  1 
ATOM   823  N  N    . THR A 1 118 ? -2.697  12.802  6.211   1.00 36.82 ?  267 THR A N    1 
ATOM   824  C  CA   . THR A 1 118 ? -3.461  13.979  6.608   1.00 41.96 ?  267 THR A CA   1 
ATOM   825  C  C    . THR A 1 118 ? -4.006  13.825  8.018   1.00 37.37 ?  267 THR A C    1 
ATOM   826  O  O    . THR A 1 118 ? -3.910  14.749  8.833   1.00 41.82 ?  267 THR A O    1 
ATOM   827  C  CB   . THR A 1 118 ? -4.587  14.205  5.614   1.00 43.20 ?  267 THR A CB   1 
ATOM   828  O  OG1  . THR A 1 118 ? -4.035  14.142  4.298   1.00 31.92 ?  267 THR A OG1  1 
ATOM   829  C  CG2  . THR A 1 118 ? -5.247  15.558  5.842   1.00 38.30 ?  267 THR A CG2  1 
ATOM   830  N  N    . LEU A 1 119 ? -4.581  12.658  8.317   1.00 41.33 ?  268 LEU A N    1 
ATOM   831  C  CA   . LEU A 1 119 ? -5.012  12.359  9.679   1.00 47.60 ?  268 LEU A CA   1 
ATOM   832  C  C    . LEU A 1 119 ? -3.895  12.613  10.678  1.00 43.65 ?  268 LEU A C    1 
ATOM   833  O  O    . LEU A 1 119 ? -4.158  12.959  11.835  1.00 53.66 ?  268 LEU A O    1 
ATOM   834  C  CB   . LEU A 1 119 ? -5.473  10.903  9.767   1.00 45.16 ?  268 LEU A CB   1 
ATOM   835  C  CG   . LEU A 1 119 ? -6.736  10.526  8.998   1.00 44.60 ?  268 LEU A CG   1 
ATOM   836  C  CD1  . LEU A 1 119 ? -7.100  9.075   9.262   1.00 48.62 ?  268 LEU A CD1  1 
ATOM   837  C  CD2  . LEU A 1 119 ? -7.885  11.445  9.380   1.00 45.70 ?  268 LEU A CD2  1 
ATOM   838  N  N    . PHE A 1 120 ? -2.646  12.460  10.240  1.00 36.50 ?  269 PHE A N    1 
ATOM   839  C  CA   . PHE A 1 120 ? -1.498  12.731  11.097  1.00 44.50 ?  269 PHE A CA   1 
ATOM   840  C  C    . PHE A 1 120 ? -1.343  14.226  11.355  1.00 46.45 ?  269 PHE A C    1 
ATOM   841  O  O    . PHE A 1 120 ? -1.302  14.668  12.509  1.00 51.98 ?  269 PHE A O    1 
ATOM   842  C  CB   . PHE A 1 120 ? -0.235  12.155  10.456  1.00 50.15 ?  269 PHE A CB   1 
ATOM   843  C  CG   . PHE A 1 120 ? 1.004   12.363  11.270  1.00 55.38 ?  269 PHE A CG   1 
ATOM   844  C  CD1  . PHE A 1 120 ? 1.318   11.499  12.306  1.00 55.69 ?  269 PHE A CD1  1 
ATOM   845  C  CD2  . PHE A 1 120 ? 1.850   13.427  11.007  1.00 51.04 ?  269 PHE A CD2  1 
ATOM   846  C  CE1  . PHE A 1 120 ? 2.455   11.688  13.061  1.00 56.55 ?  269 PHE A CE1  1 
ATOM   847  C  CE2  . PHE A 1 120 ? 2.988   13.620  11.758  1.00 51.13 ?  269 PHE A CE2  1 
ATOM   848  C  CZ   . PHE A 1 120 ? 3.292   12.749  12.787  1.00 57.76 ?  269 PHE A CZ   1 
ATOM   849  N  N    . ALA A 1 121 ? -1.251  15.024  10.285  1.00 39.59 ?  270 ALA A N    1 
ATOM   850  C  CA   . ALA A 1 121 ? -1.050  16.461  10.441  1.00 42.63 ?  270 ALA A CA   1 
ATOM   851  C  C    . ALA A 1 121 ? -2.164  17.101  11.256  1.00 45.76 ?  270 ALA A C    1 
ATOM   852  O  O    . ALA A 1 121 ? -1.926  18.077  11.976  1.00 56.35 ?  270 ALA A O    1 
ATOM   853  C  CB   . ALA A 1 121 ? -0.944  17.127  9.071   1.00 41.78 ?  270 ALA A CB   1 
ATOM   854  N  N    . MET A 1 122 ? -3.337  16.489  11.222  1.00 45.75 ?  271 MET A N    1 
ATOM   855  C  CA   . MET A 1 122 ? -4.490  17.041  11.970  1.00 51.56 ?  271 MET A CA   1 
ATOM   856  C  C    . MET A 1 122 ? -4.402  16.598  13.429  1.00 56.31 ?  271 MET A C    1 
ATOM   857  O  O    . MET A 1 122 ? -5.166  17.112  14.253  1.00 61.95 ?  271 MET A O    1 
ATOM   858  C  CB   . MET A 1 122 ? -5.794  16.546  11.349  1.00 50.09 ?  271 MET A CB   1 
ATOM   859  C  CG   . MET A 1 122 ? -5.932  16.933  9.888   1.00 53.15 ?  271 MET A CG   1 
ATOM   860  S  SD   . MET A 1 122 ? -7.327  16.149  9.045   1.00 61.57 ?  271 MET A SD   1 
ATOM   861  C  CE   . MET A 1 122 ? -8.430  15.873  10.428  1.00 42.76 ?  271 MET A CE   1 
ATOM   862  N  N    . SER A 1 123 ? -3.487  15.690  13.734  1.00 48.11 ?  272 SER A N    1 
ATOM   863  C  CA   . SER A 1 123 ? -3.403  15.143  15.106  1.00 52.14 ?  272 SER A CA   1 
ATOM   864  C  C    . SER A 1 123 ? -2.028  15.468  15.668  1.00 55.09 ?  272 SER A C    1 
ATOM   865  O  O    . SER A 1 123 ? -1.922  15.622  16.883  1.00 55.46 ?  272 SER A O    1 
ATOM   866  C  CB   . SER A 1 123 ? -3.662  13.677  15.086  1.00 52.83 ?  272 SER A CB   1 
ATOM   867  O  OG   . SER A 1 123 ? -2.914  13.070  14.052  1.00 59.17 ?  272 SER A OG   1 
ATOM   868  N  N    . GLN A 1 124 ? -1.015  15.539  14.810  1.00 54.83 ?  273 GLN A N    1 
ATOM   869  C  CA   . GLN A 1 124 ? 0.303   15.991  15.300  1.00 53.67 ?  273 GLN A CA   1 
ATOM   870  C  C    . GLN A 1 124 ? -0.034  17.258  16.072  1.00 67.39 ?  273 GLN A C    1 
ATOM   871  O  O    . GLN A 1 124 ? -0.739  18.106  15.502  1.00 75.24 ?  273 GLN A O    1 
ATOM   872  C  CB   . GLN A 1 124 ? 1.260   16.175  14.127  1.00 49.31 ?  273 GLN A CB   1 
ATOM   873  C  CG   . GLN A 1 124 ? 2.721   15.990  14.497  1.00 60.48 ?  273 GLN A CG   1 
ATOM   874  C  CD   . GLN A 1 124 ? 3.629   16.243  13.320  1.00 55.38 ?  273 GLN A CD   1 
ATOM   875  O  OE1  . GLN A 1 124 ? 3.213   16.775  12.296  1.00 60.34 ?  273 GLN A OE1  1 
ATOM   876  N  NE2  . GLN A 1 124 ? 4.884   15.853  13.454  1.00 56.40 ?  273 GLN A NE2  1 
ATOM   877  N  N    . TYR A 1 125 ? 0.442   17.390  17.304  1.00 64.18 ?  274 TYR A N    1 
ATOM   878  C  CA   . TYR A 1 125 ? -0.036  18.535  18.112  1.00 64.40 ?  274 TYR A CA   1 
ATOM   879  C  C    . TYR A 1 125 ? 0.943   19.702  18.108  1.00 68.63 ?  274 TYR A C    1 
ATOM   880  O  O    . TYR A 1 125 ? 1.951   19.657  17.396  1.00 65.82 ?  274 TYR A O    1 
ATOM   881  C  CB   . TYR A 1 125 ? -0.339  18.060  19.532  1.00 74.25 ?  274 TYR A CB   1 
ATOM   882  C  CG   . TYR A 1 125 ? -1.192  18.990  20.356  1.00 77.73 ?  274 TYR A CG   1 
ATOM   883  C  CD1  . TYR A 1 125 ? -2.207  19.729  19.776  1.00 84.80 ?  274 TYR A CD1  1 
ATOM   884  C  CD2  . TYR A 1 125 ? -0.979  19.135  21.715  1.00 74.37 ?  274 TYR A CD2  1 
ATOM   885  C  CE1  . TYR A 1 125 ? -2.990  20.592  20.525  1.00 83.71 ?  274 TYR A CE1  1 
ATOM   886  C  CE2  . TYR A 1 125 ? -1.754  19.991  22.479  1.00 79.22 ?  274 TYR A CE2  1 
ATOM   887  C  CZ   . TYR A 1 125 ? -2.762  20.723  21.882  1.00 85.15 ?  274 TYR A CZ   1 
ATOM   888  O  OH   . TYR A 1 125 ? -3.533  21.569  22.626  1.00 85.40 ?  274 TYR A OH   1 
ATOM   889  N  N    . SER A 1 126 ? 0.594   20.748  18.853  1.00 81.47 ?  275 SER A N    1 
ATOM   890  C  CA   . SER A 1 126 ? 1.478   21.924  18.996  1.00 76.04 ?  275 SER A CA   1 
ATOM   891  C  C    . SER A 1 126 ? 2.823   21.460  19.545  1.00 68.10 ?  275 SER A C    1 
ATOM   892  O  O    . SER A 1 126 ? 2.806   20.925  20.662  1.00 66.77 ?  275 SER A O    1 
ATOM   893  C  CB   . SER A 1 126 ? 0.845   22.928  19.918  1.00 70.16 ?  275 SER A CB   1 
ATOM   894  O  OG   . SER A 1 126 ? 0.049   22.289  20.902  1.00 68.53 ?  275 SER A OG   1 
ATOM   895  N  N    . PHE A 1 130 ? -7.293  17.449  16.154  1.00 61.96 ?  279 PHE A N    1 
ATOM   896  C  CA   . PHE A 1 130 ? -7.794  16.112  16.567  1.00 65.98 ?  279 PHE A CA   1 
ATOM   897  C  C    . PHE A 1 130 ? -6.922  15.582  17.712  1.00 69.01 ?  279 PHE A C    1 
ATOM   898  O  O    . PHE A 1 130 ? -5.977  16.274  18.109  1.00 68.27 ?  279 PHE A O    1 
ATOM   899  C  CB   . PHE A 1 130 ? -7.799  15.154  15.375  1.00 56.50 ?  279 PHE A CB   1 
ATOM   900  C  CG   . PHE A 1 130 ? -8.963  15.286  14.428  1.00 57.12 ?  279 PHE A CG   1 
ATOM   901  C  CD1  . PHE A 1 130 ? -9.442  16.528  14.054  1.00 61.32 ?  279 PHE A CD1  1 
ATOM   902  C  CD2  . PHE A 1 130 ? -9.572  14.158  13.902  1.00 72.00 ?  279 PHE A CD2  1 
ATOM   903  C  CE1  . PHE A 1 130 ? -10.510 16.640  13.180  1.00 69.06 ?  279 PHE A CE1  1 
ATOM   904  C  CE2  . PHE A 1 130 ? -10.640 14.273  13.026  1.00 79.21 ?  279 PHE A CE2  1 
ATOM   905  C  CZ   . PHE A 1 130 ? -11.108 15.514  12.667  1.00 61.88 ?  279 PHE A CZ   1 
ATOM   906  N  N    . SER A 1 131 ? -7.236  14.392  18.224  1.00 70.61 ?  280 SER A N    1 
ATOM   907  C  CA   . SER A 1 131 ? -6.437  13.774  19.312  1.00 62.00 ?  280 SER A CA   1 
ATOM   908  C  C    . SER A 1 131 ? -5.760  12.520  18.775  1.00 58.33 ?  280 SER A C    1 
ATOM   909  O  O    . SER A 1 131 ? -6.168  12.049  17.707  1.00 62.42 ?  280 SER A O    1 
ATOM   910  C  CB   . SER A 1 131 ? -7.292  13.449  20.499  1.00 60.02 ?  280 SER A CB   1 
ATOM   911  O  OG   . SER A 1 131 ? -6.532  12.817  21.517  1.00 71.39 ?  280 SER A OG   1 
ATOM   912  N  N    . ARG A 1 132 ? -4.774  11.999  19.500  1.00 61.71 ?  281 ARG A N    1 
ATOM   913  C  CA   . ARG A 1 132 ? -4.038  10.791  19.047  1.00 56.71 ?  281 ARG A CA   1 
ATOM   914  C  C    . ARG A 1 132 ? -4.991  9.609   19.138  1.00 50.12 ?  281 ARG A C    1 
ATOM   915  O  O    . ARG A 1 132 ? -4.749  8.609   18.459  1.00 49.17 ?  281 ARG A O    1 
ATOM   916  C  CB   . ARG A 1 132 ? -2.777  10.593  19.890  1.00 32.11 ?  281 ARG A CB   1 
ATOM   917  N  N    . GLU A 1 133 ? -6.042  9.740   19.943  1.00 52.16 ?  282 GLU A N    1 
ATOM   918  C  CA   . GLU A 1 133 ? -7.071  8.680   20.031  1.00 52.90 ?  282 GLU A CA   1 
ATOM   919  C  C    . GLU A 1 133 ? -7.964  8.792   18.801  1.00 49.91 ?  282 GLU A C    1 
ATOM   920  O  O    . GLU A 1 133 ? -8.293  7.759   18.205  1.00 50.18 ?  282 GLU A O    1 
ATOM   921  C  CB   . GLU A 1 133 ? -7.875  8.874   21.311  1.00 51.79 ?  282 GLU A CB   1 
ATOM   922  C  CG   . GLU A 1 133 ? -7.064  8.633   22.569  1.00 60.59 ?  282 GLU A CG   1 
ATOM   923  C  CD   . GLU A 1 133 ? -6.333  9.843   23.126  1.00 57.95 ?  282 GLU A CD   1 
ATOM   924  O  OE1  . GLU A 1 133 ? -5.603  10.496  22.359  1.00 55.45 ?  282 GLU A OE1  1 
ATOM   925  O  OE2  . GLU A 1 133 ? -6.491  10.121  24.328  1.00 52.51 ?  282 GLU A OE2  1 
ATOM   926  N  N    . ASP A 1 134 ? -8.339  10.010  18.446  1.00 51.45 ?  283 ASP A N    1 
ATOM   927  C  CA   . ASP A 1 134 ? -9.194  10.239  17.260  1.00 60.15 ?  283 ASP A CA   1 
ATOM   928  C  C    . ASP A 1 134 ? -8.449  9.748   16.025  1.00 50.78 ?  283 ASP A C    1 
ATOM   929  O  O    . ASP A 1 134 ? -9.102  9.311   15.071  1.00 47.43 ?  283 ASP A O    1 
ATOM   930  C  CB   . ASP A 1 134 ? -9.578  11.716  17.174  1.00 63.20 ?  283 ASP A CB   1 
ATOM   931  C  CG   . ASP A 1 134 ? -10.327 12.213  18.396  1.00 64.85 ?  283 ASP A CG   1 
ATOM   932  O  OD1  . ASP A 1 134 ? -10.953 11.381  19.076  1.00 63.60 ?  283 ASP A OD1  1 
ATOM   933  O  OD2  . ASP A 1 134 ? -10.276 13.428  18.656  1.00 71.65 ?  283 ASP A OD2  1 
ATOM   934  N  N    . ARG A 1 135 ? -7.128  9.810   16.063  1.00 41.38 ?  284 ARG A N    1 
ATOM   935  C  CA   . ARG A 1 135 ? -6.344  9.410   14.878  1.00 46.37 ?  284 ARG A CA   1 
ATOM   936  C  C    . ARG A 1 135 ? -6.466  7.906   14.720  1.00 38.23 ?  284 ARG A C    1 
ATOM   937  O  O    . ARG A 1 135 ? -6.623  7.451   13.592  1.00 40.32 ?  284 ARG A O    1 
ATOM   938  C  CB   . ARG A 1 135 ? -4.874  9.808   15.027  1.00 48.69 ?  284 ARG A CB   1 
ATOM   939  C  CG   . ARG A 1 135 ? -4.193  10.154  13.711  1.00 45.68 ?  284 ARG A CG   1 
ATOM   940  C  CD   . ARG A 1 135 ? -2.684  10.056  13.785  1.00 48.61 ?  284 ARG A CD   1 
ATOM   941  N  NE   . ARG A 1 135 ? -2.124  10.802  14.899  1.00 64.08 ?  284 ARG A NE   1 
ATOM   942  C  CZ   . ARG A 1 135 ? -0.893  10.645  15.364  1.00 51.93 ?  284 ARG A CZ   1 
ATOM   943  N  NH1  . ARG A 1 135 ? -0.085  9.759   14.808  1.00 42.82 ?  284 ARG A NH1  1 
ATOM   944  N  NH2  . ARG A 1 135 ? -0.473  11.371  16.381  1.00 53.54 ?  284 ARG A NH2  1 
ATOM   945  N  N    . LEU A 1 136 ? -6.378  7.187   15.830  1.00 41.00 ?  285 LEU A N    1 
ATOM   946  C  CA   . LEU A 1 136 ? -6.423  5.713   15.761  1.00 42.67 ?  285 LEU A CA   1 
ATOM   947  C  C    . LEU A 1 136 ? -7.817  5.338   15.294  1.00 36.66 ?  285 LEU A C    1 
ATOM   948  O  O    . LEU A 1 136 ? -7.940  4.471   14.426  1.00 40.37 ?  285 LEU A O    1 
ATOM   949  C  CB   . LEU A 1 136 ? -6.121  5.146   17.148  1.00 46.52 ?  285 LEU A CB   1 
ATOM   950  C  CG   . LEU A 1 136 ? -6.044  3.625   17.240  1.00 52.67 ?  285 LEU A CG   1 
ATOM   951  C  CD1  . LEU A 1 136 ? -5.041  3.212   18.301  1.00 48.15 ?  285 LEU A CD1  1 
ATOM   952  C  CD2  . LEU A 1 136 ? -7.409  3.032   17.549  1.00 55.95 ?  285 LEU A CD2  1 
ATOM   953  N  N    . GLU A 1 137 ? -8.818  6.013   15.846  1.00 40.64 ?  286 GLU A N    1 
ATOM   954  C  CA   . GLU A 1 137 ? -10.191 5.671   15.489  1.00 42.82 ?  286 GLU A CA   1 
ATOM   955  C  C    . GLU A 1 137 ? -10.470 5.961   14.023  1.00 43.86 ?  286 GLU A C    1 
ATOM   956  O  O    . GLU A 1 137 ? -11.162 5.190   13.348  1.00 48.90 ?  286 GLU A O    1 
ATOM   957  C  CB   . GLU A 1 137 ? -11.167 6.444   16.373  1.00 44.83 ?  286 GLU A CB   1 
ATOM   958  C  CG   . GLU A 1 137 ? -12.599 5.944   16.307  1.00 61.57 ?  286 GLU A CG   1 
ATOM   959  C  CD   . GLU A 1 137 ? -13.563 6.850   17.047  1.00 63.32 ?  286 GLU A CD   1 
ATOM   960  O  OE1  . GLU A 1 137 ? -13.118 7.890   17.579  1.00 69.76 ?  286 GLU A OE1  1 
ATOM   961  O  OE2  . GLU A 1 137 ? -14.767 6.524   17.090  1.00 72.65 ?  286 GLU A OE2  1 
ATOM   962  N  N    . GLN A 1 138 ? -9.943  7.074   13.512  1.00 46.26 ?  287 GLN A N    1 
ATOM   963  C  CA   . GLN A 1 138 ? -10.233 7.447   12.137  1.00 46.98 ?  287 GLN A CA   1 
ATOM   964  C  C    . GLN A 1 138 ? -9.335  6.722   11.151  1.00 39.59 ?  287 GLN A C    1 
ATOM   965  O  O    . GLN A 1 138 ? -9.764  6.442   10.025  1.00 47.01 ?  287 GLN A O    1 
ATOM   966  C  CB   . GLN A 1 138 ? -10.103 8.953   11.954  1.00 50.29 ?  287 GLN A CB   1 
ATOM   967  C  CG   . GLN A 1 138 ? -11.211 9.725   12.634  1.00 55.90 ?  287 GLN A CG   1 
ATOM   968  C  CD   . GLN A 1 138 ? -12.157 10.340  11.636  1.00 63.02 ?  287 GLN A CD   1 
ATOM   969  O  OE1  . GLN A 1 138 ? -11.737 10.766  10.568  1.00 65.39 ?  287 GLN A OE1  1 
ATOM   970  N  NE2  . GLN A 1 138 ? -13.439 10.406  11.982  1.00 57.97 ?  287 GLN A NE2  1 
ATOM   971  N  N    . ALA A 1 139 ? -8.094  6.424   11.535  1.00 38.33 ?  288 ALA A N    1 
ATOM   972  C  CA   . ALA A 1 139 ? -7.289  5.517   10.727  1.00 38.67 ?  288 ALA A CA   1 
ATOM   973  C  C    . ALA A 1 139 ? -7.980  4.168   10.587  1.00 41.74 ?  288 ALA A C    1 
ATOM   974  O  O    . ALA A 1 139 ? -8.022  3.594   9.495   1.00 32.57 ?  288 ALA A O    1 
ATOM   975  C  CB   . ALA A 1 139 ? -5.903  5.346   11.341  1.00 37.74 ?  288 ALA A CB   1 
ATOM   976  N  N    . LYS A 1 140 ? -8.541  3.658   11.686  1.00 43.12 ?  289 LYS A N    1 
ATOM   977  C  CA   . LYS A 1 140 ? -9.284  2.403   11.633  1.00 37.02 ?  289 LYS A CA   1 
ATOM   978  C  C    . LYS A 1 140 ? -10.501 2.522   10.725  1.00 39.91 ?  289 LYS A C    1 
ATOM   979  O  O    . LYS A 1 140 ? -10.787 1.615   9.934   1.00 35.35 ?  289 LYS A O    1 
ATOM   980  C  CB   . LYS A 1 140 ? -9.704  1.984   13.041  1.00 28.73 ?  289 LYS A CB   1 
ATOM   981  N  N    . LEU A 1 141 ? -11.236 3.634   10.830  1.00 40.09 ?  290 LEU A N    1 
ATOM   982  C  CA   . LEU A 1 141 ? -12.373 3.861   9.945   1.00 40.67 ?  290 LEU A CA   1 
ATOM   983  C  C    . LEU A 1 141 ? -11.926 3.907   8.490   1.00 41.76 ?  290 LEU A C    1 
ATOM   984  O  O    . LEU A 1 141 ? -12.560 3.309   7.614   1.00 47.40 ?  290 LEU A O    1 
ATOM   985  C  CB   . LEU A 1 141 ? -13.089 5.156   10.334  1.00 50.38 ?  290 LEU A CB   1 
ATOM   986  C  CG   . LEU A 1 141 ? -14.573 5.286   9.978   1.00 58.29 ?  290 LEU A CG   1 
ATOM   987  C  CD1  . LEU A 1 141 ? -15.291 6.144   11.008  1.00 61.45 ?  290 LEU A CD1  1 
ATOM   988  C  CD2  . LEU A 1 141 ? -14.753 5.869   8.584   1.00 43.50 ?  290 LEU A CD2  1 
ATOM   989  N  N    . PHE A 1 142 ? -10.829 4.618   8.217   1.00 36.86 ?  291 PHE A N    1 
ATOM   990  C  CA   . PHE A 1 142 ? -10.287 4.676   6.864   1.00 35.47 ?  291 PHE A CA   1 
ATOM   991  C  C    . PHE A 1 142 ? -9.988  3.278   6.333   1.00 35.42 ?  291 PHE A C    1 
ATOM   992  O  O    . PHE A 1 142 ? -10.342 2.945   5.198   1.00 44.18 ?  291 PHE A O    1 
ATOM   993  C  CB   . PHE A 1 142 ? -9.027  5.548   6.850   1.00 31.46 ?  291 PHE A CB   1 
ATOM   994  C  CG   . PHE A 1 142 ? -8.257  5.496   5.557   1.00 32.50 ?  291 PHE A CG   1 
ATOM   995  C  CD1  . PHE A 1 142 ? -8.563  6.361   4.520   1.00 26.22 ?  291 PHE A CD1  1 
ATOM   996  C  CD2  . PHE A 1 142 ? -7.212  4.600   5.386   1.00 32.62 ?  291 PHE A CD2  1 
ATOM   997  C  CE1  . PHE A 1 142 ? -7.857  6.322   3.333   1.00 31.21 ?  291 PHE A CE1  1 
ATOM   998  C  CE2  . PHE A 1 142 ? -6.503  4.556   4.201   1.00 40.25 ?  291 PHE A CE2  1 
ATOM   999  C  CZ   . PHE A 1 142 ? -6.824  5.419   3.175   1.00 31.31 ?  291 PHE A CZ   1 
ATOM   1000 N  N    . CYS A 1 143 ? -9.339  2.447   7.152   1.00 39.14 ?  292 CYS A N    1 
ATOM   1001 C  CA   . CYS A 1 143 ? -9.053  1.073   6.749   1.00 36.06 ?  292 CYS A CA   1 
ATOM   1002 C  C    . CYS A 1 143 ? -10.342 0.285   6.550   1.00 39.13 ?  292 CYS A C    1 
ATOM   1003 O  O    . CYS A 1 143 ? -10.514 -0.404  5.540   1.00 45.63 ?  292 CYS A O    1 
ATOM   1004 C  CB   . CYS A 1 143 ? -8.173  0.389   7.798   1.00 45.33 ?  292 CYS A CB   1 
ATOM   1005 S  SG   . CYS A 1 143 ? -6.650  1.264   8.227   1.00 54.46 ?  292 CYS A SG   1 
ATOM   1006 N  N    . ARG A 1 144 ? -11.257 0.374   7.520   1.00 39.34 ?  293 ARG A N    1 
ATOM   1007 C  CA   . ARG A 1 144 ? -12.509 -0.372  7.438   1.00 40.67 ?  293 ARG A CA   1 
ATOM   1008 C  C    . ARG A 1 144 ? -13.361 0.103   6.269   1.00 43.75 ?  293 ARG A C    1 
ATOM   1009 O  O    . ARG A 1 144 ? -13.990 -0.711  5.583   1.00 43.37 ?  293 ARG A O    1 
ATOM   1010 C  CB   . ARG A 1 144 ? -13.280 -0.242  8.750   1.00 39.39 ?  293 ARG A CB   1 
ATOM   1011 N  N    . THR A 1 145 ? -13.398 1.415   6.027   1.00 40.77 ?  294 THR A N    1 
ATOM   1012 C  CA   . THR A 1 145 ? -14.162 1.928   4.896   1.00 37.60 ?  294 THR A CA   1 
ATOM   1013 C  C    . THR A 1 145 ? -13.515 1.526   3.578   1.00 41.04 ?  294 THR A C    1 
ATOM   1014 O  O    . THR A 1 145 ? -14.173 0.948   2.705   1.00 46.60 ?  294 THR A O    1 
ATOM   1015 C  CB   . THR A 1 145 ? -14.299 3.449   4.991   1.00 35.98 ?  294 THR A CB   1 
ATOM   1016 O  OG1  . THR A 1 145 ? -15.168 3.782   6.081   1.00 38.78 ?  294 THR A OG1  1 
ATOM   1017 C  CG2  . THR A 1 145 ? -14.884 4.011   3.705   1.00 43.52 ?  294 THR A CG2  1 
ATOM   1018 N  N    . LEU A 1 146 ? -12.215 1.798   3.425   1.00 34.27 ?  295 LEU A N    1 
ATOM   1019 C  CA   . LEU A 1 146 ? -11.530 1.473   2.179   1.00 42.02 ?  295 LEU A CA   1 
ATOM   1020 C  C    . LEU A 1 146 ? -11.560 -0.023  1.887   1.00 45.07 ?  295 LEU A C    1 
ATOM   1021 O  O    . LEU A 1 146 ? -11.574 -0.428  0.719   1.00 45.03 ?  295 LEU A O    1 
ATOM   1022 C  CB   . LEU A 1 146 ? -10.087 1.982   2.226   1.00 30.87 ?  295 LEU A CB   1 
ATOM   1023 C  CG   . LEU A 1 146 ? -9.161  1.639   1.058   1.00 39.28 ?  295 LEU A CG   1 
ATOM   1024 C  CD1  . LEU A 1 146 ? -9.632  2.320   -0.219  1.00 39.22 ?  295 LEU A CD1  1 
ATOM   1025 C  CD2  . LEU A 1 146 ? -7.728  2.032   1.380   1.00 31.49 ?  295 LEU A CD2  1 
ATOM   1026 N  N    . GLU A 1 147 ? -11.588 -0.859  2.929   1.00 36.36 ?  296 GLU A N    1 
ATOM   1027 C  CA   . GLU A 1 147 ? -11.700 -2.297  2.707   1.00 44.73 ?  296 GLU A CA   1 
ATOM   1028 C  C    . GLU A 1 147 ? -13.096 -2.675  2.227   1.00 41.55 ?  296 GLU A C    1 
ATOM   1029 O  O    . GLU A 1 147 ? -13.251 -3.588  1.408   1.00 38.53 ?  296 GLU A O    1 
ATOM   1030 C  CB   . GLU A 1 147 ? -11.344 -3.057  3.984   1.00 40.70 ?  296 GLU A CB   1 
ATOM   1031 N  N    . ASP A 1 148 ? -14.125 -1.984  2.725   1.00 44.76 ?  297 ASP A N    1 
ATOM   1032 C  CA   . ASP A 1 148 ? -15.486 -2.263  2.278   1.00 50.88 ?  297 ASP A CA   1 
ATOM   1033 C  C    . ASP A 1 148 ? -15.706 -1.788  0.848   1.00 43.75 ?  297 ASP A C    1 
ATOM   1034 O  O    . ASP A 1 148 ? -16.386 -2.461  0.062   1.00 39.33 ?  297 ASP A O    1 
ATOM   1035 C  CB   . ASP A 1 148 ? -16.495 -1.610  3.223   1.00 56.60 ?  297 ASP A CB   1 
ATOM   1036 C  CG   . ASP A 1 148 ? -17.835 -2.319  3.222   1.00 75.39 ?  297 ASP A CG   1 
ATOM   1037 O  OD1  . ASP A 1 148 ? -17.849 -3.568  3.206   1.00 74.80 ?  297 ASP A OD1  1 
ATOM   1038 O  OD2  . ASP A 1 148 ? -18.875 -1.627  3.237   1.00 82.75 ?  297 ASP A OD2  1 
ATOM   1039 N  N    . ILE A 1 149 ? -15.148 -0.627  0.495   1.00 39.42 ?  298 ILE A N    1 
ATOM   1040 C  CA   . ILE A 1 149 ? -15.180 -0.172  -0.895  1.00 44.99 ?  298 ILE A CA   1 
ATOM   1041 C  C    . ILE A 1 149 ? -14.516 -1.200  -1.799  1.00 40.70 ?  298 ILE A C    1 
ATOM   1042 O  O    . ILE A 1 149 ? -15.118 -1.700  -2.754  1.00 42.26 ?  298 ILE A O    1 
ATOM   1043 C  CB   . ILE A 1 149 ? -14.502 1.202   -1.031  1.00 40.81 ?  298 ILE A CB   1 
ATOM   1044 C  CG1  . ILE A 1 149 ? -14.955 2.144   0.084   1.00 50.04 ?  298 ILE A CG1  1 
ATOM   1045 C  CG2  . ILE A 1 149 ? -14.782 1.797   -2.404  1.00 35.55 ?  298 ILE A CG2  1 
ATOM   1046 C  CD1  . ILE A 1 149 ? -14.496 3.565   -0.090  1.00 36.00 ?  298 ILE A CD1  1 
ATOM   1047 N  N    . LEU A 1 150 ? -13.262 -1.539  -1.491  1.00 39.16 ?  299 LEU A N    1 
ATOM   1048 C  CA   . LEU A 1 150 ? -12.499 -2.482  -2.300  1.00 44.44 ?  299 LEU A CA   1 
ATOM   1049 C  C    . LEU A 1 150 ? -13.098 -3.883  -2.300  1.00 40.58 ?  299 LEU A C    1 
ATOM   1050 O  O    . LEU A 1 150 ? -12.689 -4.710  -3.120  1.00 47.19 ?  299 LEU A O    1 
ATOM   1051 C  CB   . LEU A 1 150 ? -11.053 -2.531  -1.803  1.00 46.45 ?  299 LEU A CB   1 
ATOM   1052 C  CG   . LEU A 1 150 ? -10.221 -1.271  -2.064  1.00 38.78 ?  299 LEU A CG   1 
ATOM   1053 C  CD1  . LEU A 1 150 ? -8.740  -1.566  -1.912  1.00 34.60 ?  299 LEU A CD1  1 
ATOM   1054 C  CD2  . LEU A 1 150 ? -10.515 -0.692  -3.442  1.00 34.24 ?  299 LEU A CD2  1 
ATOM   1055 N  N    . ALA A 1 151 ? -14.045 -4.175  -1.407  1.00 42.64 ?  300 ALA A N    1 
ATOM   1056 C  CA   . ALA A 1 151 ? -14.732 -5.459  -1.453  1.00 37.49 ?  300 ALA A CA   1 
ATOM   1057 C  C    . ALA A 1 151 ? -15.834 -5.449  -2.505  1.00 39.61 ?  300 ALA A C    1 
ATOM   1058 O  O    . ALA A 1 151 ? -15.921 -6.360  -3.338  1.00 40.16 ?  300 ALA A O    1 
ATOM   1059 C  CB   . ALA A 1 151 ? -15.303 -5.802  -0.076  1.00 36.02 ?  300 ALA A CB   1 
ATOM   1060 N  N    . ASP A 1 152 ? -16.681 -4.422  -2.485  1.00 46.99 ?  301 ASP A N    1 
ATOM   1061 C  CA   . ASP A 1 152 ? -17.738 -4.265  -3.473  1.00 44.26 ?  301 ASP A CA   1 
ATOM   1062 C  C    . ASP A 1 152 ? -17.235 -3.678  -4.787  1.00 41.44 ?  301 ASP A C    1 
ATOM   1063 O  O    . ASP A 1 152 ? -17.967 -3.717  -5.782  1.00 55.19 ?  301 ASP A O    1 
ATOM   1064 C  CB   . ASP A 1 152 ? -18.846 -3.379  -2.903  1.00 41.24 ?  301 ASP A CB   1 
ATOM   1065 C  CG   . ASP A 1 152 ? -20.221 -3.782  -3.383  1.00 48.84 ?  301 ASP A CG   1 
ATOM   1066 O  OD1  . ASP A 1 152 ? -20.318 -4.683  -4.243  1.00 56.27 ?  301 ASP A OD1  1 
ATOM   1067 O  OD2  . ASP A 1 152 ? -21.207 -3.193  -2.896  1.00 54.31 ?  301 ASP A OD2  1 
ATOM   1068 N  N    . ALA A 1 153 ? -16.015 -3.153  -4.817  1.00 40.56 ?  302 ALA A N    1 
ATOM   1069 C  CA   . ALA A 1 153 ? -15.511 -2.515  -6.021  1.00 51.56 ?  302 ALA A CA   1 
ATOM   1070 C  C    . ALA A 1 153 ? -15.268 -3.555  -7.113  1.00 51.49 ?  302 ALA A C    1 
ATOM   1071 O  O    . ALA A 1 153 ? -14.800 -4.662  -6.827  1.00 55.81 ?  302 ALA A O    1 
ATOM   1072 C  CB   . ALA A 1 153 ? -14.217 -1.754  -5.735  1.00 46.80 ?  302 ALA A CB   1 
ATOM   1073 N  N    . PRO A 1 154 ? -15.582 -3.233  -8.371  1.00 49.95 ?  303 PRO A N    1 
ATOM   1074 C  CA   . PRO A 1 154 ? -15.288 -4.170  -9.462  1.00 51.96 ?  303 PRO A CA   1 
ATOM   1075 C  C    . PRO A 1 154 ? -13.847 -4.126  -9.936  1.00 52.96 ?  303 PRO A C    1 
ATOM   1076 O  O    . PRO A 1 154 ? -13.392 -5.095  -10.560 1.00 53.67 ?  303 PRO A O    1 
ATOM   1077 C  CB   . PRO A 1 154 ? -16.248 -3.717  -10.568 1.00 47.82 ?  303 PRO A CB   1 
ATOM   1078 C  CG   . PRO A 1 154 ? -16.324 -2.233  -10.362 1.00 55.90 ?  303 PRO A CG   1 
ATOM   1079 C  CD   . PRO A 1 154 ? -16.267 -2.021  -8.858  1.00 54.57 ?  303 PRO A CD   1 
ATOM   1080 N  N    . GLU A 1 155 ? -13.119 -3.041  -9.667  1.00 42.79 ?  304 GLU A N    1 
ATOM   1081 C  CA   . GLU A 1 155 ? -11.720 -2.960  -10.068 1.00 46.19 ?  304 GLU A CA   1 
ATOM   1082 C  C    . GLU A 1 155 ? -10.804 -3.651  -9.066  1.00 47.70 ?  304 GLU A C    1 
ATOM   1083 O  O    . GLU A 1 155 ? -9.706  -4.086  -9.435  1.00 46.33 ?  304 GLU A O    1 
ATOM   1084 C  CB   . GLU A 1 155 ? -11.307 -1.500  -10.238 1.00 41.77 ?  304 GLU A CB   1 
ATOM   1085 C  CG   . GLU A 1 155 ? -12.300 -0.669  -11.033 1.00 47.63 ?  304 GLU A CG   1 
ATOM   1086 C  CD   . GLU A 1 155 ? -13.181 0.177   -10.141 1.00 52.98 ?  304 GLU A CD   1 
ATOM   1087 O  OE1  . GLU A 1 155 ? -12.947 0.177   -8.915  1.00 50.76 ?  304 GLU A OE1  1 
ATOM   1088 O  OE2  . GLU A 1 155 ? -14.104 0.842   -10.658 1.00 61.52 ?  304 GLU A OE2  1 
ATOM   1089 N  N    . SER A 1 156 ? -11.228 -3.756  -7.810  1.00 46.55 ?  305 SER A N    1 
ATOM   1090 C  CA   . SER A 1 156 ? -10.475 -4.481  -6.790  1.00 46.45 ?  305 SER A CA   1 
ATOM   1091 C  C    . SER A 1 156 ? -10.890 -5.944  -6.860  1.00 50.74 ?  305 SER A C    1 
ATOM   1092 O  O    . SER A 1 156 ? -11.930 -6.335  -6.325  1.00 48.72 ?  305 SER A O    1 
ATOM   1093 C  CB   . SER A 1 156 ? -10.723 -3.887  -5.408  1.00 49.78 ?  305 SER A CB   1 
ATOM   1094 N  N    . GLN A 1 157 ? -10.075 -6.761  -7.529  1.00 45.50 ?  306 GLN A N    1 
ATOM   1095 C  CA   . GLN A 1 157 ? -10.409 -8.170  -7.745  1.00 45.99 ?  306 GLN A CA   1 
ATOM   1096 C  C    . GLN A 1 157 ? -9.104  -8.969  -7.710  1.00 49.13 ?  306 GLN A C    1 
ATOM   1097 O  O    . GLN A 1 157 ? -8.417  -9.099  -8.726  1.00 37.89 ?  306 GLN A O    1 
ATOM   1098 C  CB   . GLN A 1 157 ? -11.154 -8.361  -9.056  1.00 61.65 ?  306 GLN A CB   1 
ATOM   1099 N  N    . ASN A 1 158 ? -8.791  -9.512  -6.533  1.00 45.87 ?  307 ASN A N    1 
ATOM   1100 C  CA   . ASN A 1 158 ? -7.541  -10.234 -6.289  1.00 49.53 ?  307 ASN A CA   1 
ATOM   1101 C  C    . ASN A 1 158 ? -6.343  -9.433  -6.792  1.00 50.88 ?  307 ASN A C    1 
ATOM   1102 O  O    . ASN A 1 158 ? -5.449  -9.946  -7.468  1.00 46.48 ?  307 ASN A O    1 
ATOM   1103 C  CB   . ASN A 1 158 ? -7.579  -11.631 -6.910  1.00 50.84 ?  307 ASN A CB   1 
ATOM   1104 C  CG   . ASN A 1 158 ? -7.950  -12.704 -5.904  1.00 60.89 ?  307 ASN A CG   1 
ATOM   1105 O  OD1  . ASN A 1 158 ? -7.133  -13.102 -5.073  1.00 64.69 ?  307 ASN A OD1  1 
ATOM   1106 N  ND2  . ASN A 1 158 ? -9.192  -13.173 -5.966  1.00 61.16 ?  307 ASN A ND2  1 
ATOM   1107 N  N    . ASN A 1 159 ? -6.339  -8.146  -6.447  1.00 49.90 ?  308 ASN A N    1 
ATOM   1108 C  CA   . ASN A 1 159 ? -5.310  -7.221  -6.899  1.00 47.76 ?  308 ASN A CA   1 
ATOM   1109 C  C    . ASN A 1 159 ? -4.834  -6.267  -5.817  1.00 42.33 ?  308 ASN A C    1 
ATOM   1110 O  O    . ASN A 1 159 ? -3.894  -5.508  -6.070  1.00 42.05 ?  308 ASN A O    1 
ATOM   1111 C  CB   . ASN A 1 159 ? -5.827  -6.397  -8.085  1.00 40.10 ?  308 ASN A CB   1 
ATOM   1112 C  CG   . ASN A 1 159 ? -7.078  -5.623  -7.739  1.00 41.58 ?  308 ASN A CG   1 
ATOM   1113 O  OD1  . ASN A 1 159 ? -7.702  -5.869  -6.707  1.00 52.50 ?  308 ASN A OD1  1 
ATOM   1114 N  ND2  . ASN A 1 159 ? -7.451  -4.683  -8.596  1.00 49.43 ?  308 ASN A ND2  1 
ATOM   1115 N  N    . CYS A 1 160 ? -5.440  -6.266  -4.634  1.00 34.30 ?  309 CYS A N    1 
ATOM   1116 C  CA   . CYS A 1 160 ? -5.118  -5.290  -3.608  1.00 40.90 ?  309 CYS A CA   1 
ATOM   1117 C  C    . CYS A 1 160 ? -5.211  -5.931  -2.235  1.00 39.04 ?  309 CYS A C    1 
ATOM   1118 O  O    . CYS A 1 160 ? -6.121  -6.721  -1.967  1.00 42.47 ?  309 CYS A O    1 
ATOM   1119 C  CB   . CYS A 1 160 ? -6.058  -4.078  -3.677  1.00 38.47 ?  309 CYS A CB   1 
ATOM   1120 S  SG   . CYS A 1 160 ? -5.475  -2.637  -2.757  1.00 52.00 ?  309 CYS A SG   1 
ATOM   1121 N  N    . ARG A 1 161 ? -4.261  -5.585  -1.373  1.00 41.88 ?  310 ARG A N    1 
ATOM   1122 C  CA   . ARG A 1 161 ? -4.289  -5.986  0.023   1.00 47.36 ?  310 ARG A CA   1 
ATOM   1123 C  C    . ARG A 1 161 ? -3.999  -4.786  0.909   1.00 44.04 ?  310 ARG A C    1 
ATOM   1124 O  O    . ARG A 1 161 ? -3.088  -3.998  0.630   1.00 46.02 ?  310 ARG A O    1 
ATOM   1125 C  CB   . ARG A 1 161 ? -3.289  -7.104  0.328   1.00 49.45 ?  310 ARG A CB   1 
ATOM   1126 C  CG   . ARG A 1 161 ? -3.596  -7.757  1.661   1.00 51.99 ?  310 ARG A CG   1 
ATOM   1127 C  CD   . ARG A 1 161 ? -4.841  -8.624  1.590   1.00 67.99 ?  310 ARG A CD   1 
ATOM   1128 N  NE   . ARG A 1 161 ? -4.683  -9.780  0.718   1.00 69.82 ?  310 ARG A NE   1 
ATOM   1129 C  CZ   . ARG A 1 161 ? -5.689  -10.505 0.250   1.00 67.19 ?  310 ARG A CZ   1 
ATOM   1130 N  NH1  . ARG A 1 161 ? -6.945  -10.119 0.391   1.00 71.33 ?  310 ARG A NH1  1 
ATOM   1131 N  NH2  . ARG A 1 161 ? -5.426  -11.636 -0.396  1.00 67.37 ?  310 ARG A NH2  1 
ATOM   1132 N  N    . LEU A 1 162 ? -4.774  -4.657  1.981   1.00 32.15 ?  311 LEU A N    1 
ATOM   1133 C  CA   . LEU A 1 162 ? -4.648  -3.555  2.925   1.00 38.81 ?  311 LEU A CA   1 
ATOM   1134 C  C    . LEU A 1 162 ? -3.906  -4.060  4.157   1.00 41.42 ?  311 LEU A C    1 
ATOM   1135 O  O    . LEU A 1 162 ? -4.461  -4.819  4.955   1.00 53.48 ?  311 LEU A O    1 
ATOM   1136 C  CB   . LEU A 1 162 ? -6.025  -3.003  3.292   1.00 46.33 ?  311 LEU A CB   1 
ATOM   1137 C  CG   . LEU A 1 162 ? -6.753  -2.232  2.190   1.00 34.57 ?  311 LEU A CG   1 
ATOM   1138 C  CD1  . LEU A 1 162 ? -7.938  -1.468  2.757   1.00 40.49 ?  311 LEU A CD1  1 
ATOM   1139 C  CD2  . LEU A 1 162 ? -5.804  -1.292  1.465   1.00 30.89 ?  311 LEU A CD2  1 
ATOM   1140 N  N    . ILE A 1 163 ? -2.654  -3.640  4.305   1.00 44.11 ?  312 ILE A N    1 
ATOM   1141 C  CA   . ILE A 1 163 ? -1.801  -4.095  5.402   1.00 45.64 ?  312 ILE A CA   1 
ATOM   1142 C  C    . ILE A 1 163 ? -1.895  -3.034  6.494   1.00 37.02 ?  312 ILE A C    1 
ATOM   1143 O  O    . ILE A 1 163 ? -1.170  -2.037  6.494   1.00 43.46 ?  312 ILE A O    1 
ATOM   1144 C  CB   . ILE A 1 163 ? -0.360  -4.333  4.950   1.00 44.11 ?  312 ILE A CB   1 
ATOM   1145 C  CG1  . ILE A 1 163 ? -0.277  -5.447  3.900   1.00 47.83 ?  312 ILE A CG1  1 
ATOM   1146 C  CG2  . ILE A 1 163 ? 0.509   -4.717  6.135   1.00 40.54 ?  312 ILE A CG2  1 
ATOM   1147 C  CD1  . ILE A 1 163 ? -1.362  -6.489  4.000   1.00 50.53 ?  312 ILE A CD1  1 
ATOM   1148 N  N    . ALA A 1 164 ? -2.808  -3.247  7.436   1.00 30.75 ?  313 ALA A N    1 
ATOM   1149 C  CA   . ALA A 1 164 ? -2.922  -2.392  8.607   1.00 35.67 ?  313 ALA A CA   1 
ATOM   1150 C  C    . ALA A 1 164 ? -2.020  -2.922  9.714   1.00 43.85 ?  313 ALA A C    1 
ATOM   1151 O  O    . ALA A 1 164 ? -1.950  -4.131  9.950   1.00 52.01 ?  313 ALA A O    1 
ATOM   1152 C  CB   . ALA A 1 164 ? -4.370  -2.321  9.092   1.00 36.52 ?  313 ALA A CB   1 
ATOM   1153 N  N    . TYR A 1 165 ? -1.323  -2.010  10.386  1.00 44.94 ?  314 TYR A N    1 
ATOM   1154 C  CA   . TYR A 1 165 ? -0.337  -2.403  11.381  1.00 51.47 ?  314 TYR A CA   1 
ATOM   1155 C  C    . TYR A 1 165 ? -0.089  -1.236  12.322  1.00 53.16 ?  314 TYR A C    1 
ATOM   1156 O  O    . TYR A 1 165 ? -0.438  -0.090  12.029  1.00 54.51 ?  314 TYR A O    1 
ATOM   1157 C  CB   . TYR A 1 165 ? 0.978   -2.847  10.733  1.00 55.34 ?  314 TYR A CB   1 
ATOM   1158 C  CG   . TYR A 1 165 ? 1.609   -1.795  9.845   1.00 54.22 ?  314 TYR A CG   1 
ATOM   1159 C  CD1  . TYR A 1 165 ? 1.091   -1.514  8.587   1.00 50.39 ?  314 TYR A CD1  1 
ATOM   1160 C  CD2  . TYR A 1 165 ? 2.736   -1.100  10.259  1.00 59.09 ?  314 TYR A CD2  1 
ATOM   1161 C  CE1  . TYR A 1 165 ? 1.666   -0.556  7.775   1.00 61.31 ?  314 TYR A CE1  1 
ATOM   1162 C  CE2  . TYR A 1 165 ? 3.315   -0.136  9.457   1.00 67.10 ?  314 TYR A CE2  1 
ATOM   1163 C  CZ   . TYR A 1 165 ? 2.779   0.127   8.213   1.00 64.64 ?  314 TYR A CZ   1 
ATOM   1164 O  OH   . TYR A 1 165 ? 3.358   1.079   7.409   1.00 67.83 ?  314 TYR A OH   1 
ATOM   1165 N  N    . GLN A 1 166 ? 0.538   -1.546  13.457  1.00 48.62 ?  315 GLN A N    1 
ATOM   1166 C  CA   . GLN A 1 166 ? 0.874   -0.528  14.451  1.00 48.10 ?  315 GLN A CA   1 
ATOM   1167 C  C    . GLN A 1 166 ? 2.088   -1.028  15.229  1.00 57.48 ?  315 GLN A C    1 
ATOM   1168 O  O    . GLN A 1 166 ? 1.943   -1.804  16.179  1.00 63.33 ?  315 GLN A O    1 
ATOM   1169 C  CB   . GLN A 1 166 ? -0.304  -0.249  15.374  1.00 50.08 ?  315 GLN A CB   1 
ATOM   1170 C  CG   . GLN A 1 166 ? 0.005   0.746   16.480  1.00 54.78 ?  315 GLN A CG   1 
ATOM   1171 C  CD   . GLN A 1 166 ? -0.466  2.147   16.149  1.00 55.37 ?  315 GLN A CD   1 
ATOM   1172 O  OE1  . GLN A 1 166 ? -0.268  2.629   15.036  1.00 62.43 ?  315 GLN A OE1  1 
ATOM   1173 N  NE2  . GLN A 1 166 ? -1.088  2.809   17.117  1.00 45.78 ?  315 GLN A NE2  1 
ATOM   1174 N  N    . GLU A 1 167 ? 3.269   -0.591  14.817  1.00 55.55 ?  316 GLU A N    1 
ATOM   1175 C  CA   . GLU A 1 167 ? 4.473   -0.884  15.580  1.00 59.53 ?  316 GLU A CA   1 
ATOM   1176 C  C    . GLU A 1 167 ? 4.401   -0.146  16.909  1.00 61.58 ?  316 GLU A C    1 
ATOM   1177 O  O    . GLU A 1 167 ? 4.391   1.094   16.918  1.00 61.83 ?  316 GLU A O    1 
ATOM   1178 C  CB   . GLU A 1 167 ? 5.719   -0.470  14.800  1.00 49.43 ?  316 GLU A CB   1 
ATOM   1179 N  N    . PRO A 1 168 ? 4.331   -0.871  18.047  1.00 59.56 ?  317 PRO A N    1 
ATOM   1180 C  CA   . PRO A 1 168 ? 4.149   -0.230  19.339  1.00 61.26 ?  317 PRO A CA   1 
ATOM   1181 C  C    . PRO A 1 168 ? 5.343   0.669   19.648  1.00 59.81 ?  317 PRO A C    1 
ATOM   1182 O  O    . PRO A 1 168 ? 5.216   1.534   20.480  1.00 56.56 ?  317 PRO A O    1 
ATOM   1183 C  CB   . PRO A 1 168 ? 4.123   -1.407  20.316  1.00 60.02 ?  317 PRO A CB   1 
ATOM   1184 C  CG   . PRO A 1 168 ? 4.899   -2.488  19.622  1.00 63.72 ?  317 PRO A CG   1 
ATOM   1185 C  CD   . PRO A 1 168 ? 4.476   -2.331  18.182  1.00 61.03 ?  317 PRO A CD   1 
ATOM   1186 N  N    . ALA A 1 169 ? 6.450   0.437   18.957  1.00 55.09 ?  318 ALA A N    1 
ATOM   1187 C  CA   . ALA A 1 169 ? 7.665   1.228   19.212  1.00 60.27 ?  318 ALA A CA   1 
ATOM   1188 C  C    . ALA A 1 169 ? 8.725   0.855   18.182  1.00 61.06 ?  318 ALA A C    1 
ATOM   1189 O  O    . ALA A 1 169 ? 8.545   -0.146  17.487  1.00 62.68 ?  318 ALA A O    1 
ATOM   1190 C  CB   . ALA A 1 169 ? 8.140   0.960   20.611  1.00 62.32 ?  318 ALA A CB   1 
ATOM   1191 N  N    . ASP A 1 170 ? 9.785   1.649   18.091  1.00 62.91 ?  319 ASP A N    1 
ATOM   1192 C  CA   . ASP A 1 170 ? 10.843  1.395   17.083  1.00 71.40 ?  319 ASP A CA   1 
ATOM   1193 C  C    . ASP A 1 170 ? 11.611  0.144   17.501  1.00 74.85 ?  319 ASP A C    1 
ATOM   1194 O  O    . ASP A 1 170 ? 11.732  -0.779  16.677  1.00 72.74 ?  319 ASP A O    1 
ATOM   1195 C  CB   . ASP A 1 170 ? 11.743  2.621   16.934  1.00 70.88 ?  319 ASP A CB   1 
ATOM   1196 N  N    . ASP A 1 171 ? 12.137  0.133   18.723  1.00 85.30 ?  320 ASP A N    1 
ATOM   1197 C  CA   . ASP A 1 171 ? 12.799  -1.088  19.243  1.00 85.36 ?  320 ASP A CA   1 
ATOM   1198 C  C    . ASP A 1 171 ? 11.684  -2.054  19.629  1.00 83.13 ?  320 ASP A C    1 
ATOM   1199 O  O    . ASP A 1 171 ? 11.456  -2.232  20.836  1.00 96.81 ?  320 ASP A O    1 
ATOM   1200 C  CB   . ASP A 1 171 ? 13.689  -0.769  20.441  1.00 69.46 ?  320 ASP A CB   1 
ATOM   1201 N  N    . SER A 1 172 ? 10.996  -2.615  18.638  1.00 71.92 ?  321 SER A N    1 
ATOM   1202 C  CA   . SER A 1 172 ? 9.844   -3.494  18.939  1.00 72.05 ?  321 SER A CA   1 
ATOM   1203 C  C    . SER A 1 172 ? 10.046  -4.840  18.261  1.00 67.99 ?  321 SER A C    1 
ATOM   1204 O  O    . SER A 1 172 ? 10.774  -4.889  17.259  1.00 71.51 ?  321 SER A O    1 
ATOM   1205 C  CB   . SER A 1 172 ? 8.578   -2.867  18.488  1.00 75.47 ?  321 SER A CB   1 
ATOM   1206 O  OG   . SER A 1 172 ? 8.061   -2.013  19.491  1.00 79.22 ?  321 SER A OG   1 
ATOM   1207 N  N    . PHE A 1 174 ? 8.233   -6.320  16.351  1.00 83.62 ?  323 PHE A N    1 
ATOM   1208 C  CA   . PHE A 1 174 ? 7.325   -6.406  15.180  1.00 75.81 ?  323 PHE A CA   1 
ATOM   1209 C  C    . PHE A 1 174 ? 8.147   -6.299  13.894  1.00 73.92 ?  323 PHE A C    1 
ATOM   1210 O  O    . PHE A 1 174 ? 8.963   -5.373  13.775  1.00 77.91 ?  323 PHE A O    1 
ATOM   1211 C  CB   . PHE A 1 174 ? 6.241   -5.332  15.269  1.00 77.28 ?  323 PHE A CB   1 
ATOM   1212 C  CG   . PHE A 1 174 ? 5.392   -5.177  14.035  1.00 82.25 ?  323 PHE A CG   1 
ATOM   1213 C  CD1  . PHE A 1 174 ? 4.909   -6.286  13.360  1.00 88.34 ?  323 PHE A CD1  1 
ATOM   1214 C  CD2  . PHE A 1 174 ? 5.070   -3.921  13.551  1.00 79.29 ?  323 PHE A CD2  1 
ATOM   1215 C  CE1  . PHE A 1 174 ? 4.125   -6.141  12.227  1.00 89.45 ?  323 PHE A CE1  1 
ATOM   1216 C  CE2  . PHE A 1 174 ? 4.284   -3.779  12.419  1.00 78.24 ?  323 PHE A CE2  1 
ATOM   1217 C  CZ   . PHE A 1 174 ? 3.816   -4.888  11.758  1.00 77.58 ?  323 PHE A CZ   1 
ATOM   1218 N  N    . SER A 1 175 ? 7.960   -7.241  12.976  1.00 70.34 ?  324 SER A N    1 
ATOM   1219 C  CA   . SER A 1 175 ? 8.623   -7.212  11.678  1.00 71.40 ?  324 SER A CA   1 
ATOM   1220 C  C    . SER A 1 175 ? 7.552   -7.099  10.603  1.00 75.22 ?  324 SER A C    1 
ATOM   1221 O  O    . SER A 1 175 ? 6.826   -8.066  10.341  1.00 76.71 ?  324 SER A O    1 
ATOM   1222 C  CB   . SER A 1 175 ? 9.482   -8.459  11.465  1.00 71.17 ?  324 SER A CB   1 
ATOM   1223 O  OG   . SER A 1 175 ? 9.518   -8.824  10.098  1.00 67.73 ?  324 SER A OG   1 
ATOM   1224 N  N    . LEU A 1 176 ? 7.440   -5.916  9.994   1.00 66.03 ?  325 LEU A N    1 
ATOM   1225 C  CA   . LEU A 1 176 ? 6.577   -5.774  8.828   1.00 67.27 ?  325 LEU A CA   1 
ATOM   1226 C  C    . LEU A 1 176 ? 6.968   -6.760  7.740   1.00 70.77 ?  325 LEU A C    1 
ATOM   1227 O  O    . LEU A 1 176 ? 6.101   -7.319  7.057   1.00 74.24 ?  325 LEU A O    1 
ATOM   1228 C  CB   . LEU A 1 176 ? 6.639   -4.348  8.285   1.00 74.34 ?  325 LEU A CB   1 
ATOM   1229 C  CG   . LEU A 1 176 ? 5.673   -3.333  8.886   1.00 77.74 ?  325 LEU A CG   1 
ATOM   1230 C  CD1  . LEU A 1 176 ? 6.318   -2.561  10.027  1.00 87.42 ?  325 LEU A CD1  1 
ATOM   1231 C  CD2  . LEU A 1 176 ? 5.193   -2.403  7.789   1.00 65.73 ?  325 LEU A CD2  1 
ATOM   1232 N  N    . SER A 1 177 ? 8.274   -6.979  7.561   1.00 68.01 ?  326 SER A N    1 
ATOM   1233 C  CA   . SER A 1 177 ? 8.744   -7.986  6.619   1.00 67.37 ?  326 SER A CA   1 
ATOM   1234 C  C    . SER A 1 177 ? 8.037   -9.313  6.848   1.00 64.89 ?  326 SER A C    1 
ATOM   1235 O  O    . SER A 1 177 ? 7.496   -9.911  5.914   1.00 63.08 ?  326 SER A O    1 
ATOM   1236 C  CB   . SER A 1 177 ? 10.260  -8.149  6.745   1.00 65.97 ?  326 SER A CB   1 
ATOM   1237 O  OG   . SER A 1 177 ? 10.885  -6.899  6.973   1.00 71.55 ?  326 SER A OG   1 
ATOM   1238 N  N    . GLN A 1 178 ? 8.000   -9.772  8.103   1.00 64.60 ?  327 GLN A N    1 
ATOM   1239 C  CA   . GLN A 1 178 ? 7.253   -10.985 8.419   1.00 64.22 ?  327 GLN A CA   1 
ATOM   1240 C  C    . GLN A 1 178 ? 5.752   -10.779 8.266   1.00 62.07 ?  327 GLN A C    1 
ATOM   1241 O  O    . GLN A 1 178 ? 5.027   -11.728 7.950   1.00 57.36 ?  327 GLN A O    1 
ATOM   1242 C  CB   . GLN A 1 178 ? 7.583   -11.452 9.836   1.00 50.82 ?  327 GLN A CB   1 
ATOM   1243 C  CG   . GLN A 1 178 ? 8.842   -12.300 9.930   1.00 55.34 ?  327 GLN A CG   1 
ATOM   1244 C  CD   . GLN A 1 178 ? 9.057   -13.156 8.699   1.00 49.91 ?  327 GLN A CD   1 
ATOM   1245 O  OE1  . GLN A 1 178 ? 9.820   -12.795 7.802   1.00 48.51 ?  327 GLN A OE1  1 
ATOM   1246 N  NE2  . GLN A 1 178 ? 8.385   -14.300 8.650   1.00 50.82 ?  327 GLN A NE2  1 
ATOM   1247 N  N    . GLU A 1 179 ? 5.269   -9.552  8.481   1.00 54.22 ?  328 GLU A N    1 
ATOM   1248 C  CA   . GLU A 1 179 ? 3.844   -9.282  8.330   1.00 58.29 ?  328 GLU A CA   1 
ATOM   1249 C  C    . GLU A 1 179 ? 3.433   -9.300  6.863   1.00 59.48 ?  328 GLU A C    1 
ATOM   1250 O  O    . GLU A 1 179 ? 2.425   -9.917  6.499   1.00 57.23 ?  328 GLU A O    1 
ATOM   1251 C  CB   . GLU A 1 179 ? 3.493   -7.939  8.974   1.00 52.66 ?  328 GLU A CB   1 
ATOM   1252 N  N    . VAL A 1 180 ? 4.205   -8.635  6.002   1.00 53.14 ?  329 VAL A N    1 
ATOM   1253 C  CA   . VAL A 1 180 ? 3.881   -8.628  4.578   1.00 56.16 ?  329 VAL A CA   1 
ATOM   1254 C  C    . VAL A 1 180 ? 4.205   -9.976  3.943   1.00 48.72 ?  329 VAL A C    1 
ATOM   1255 O  O    . VAL A 1 180 ? 3.473   -10.452 3.067   1.00 50.54 ?  329 VAL A O    1 
ATOM   1256 C  CB   . VAL A 1 180 ? 4.602   -7.474  3.859   1.00 57.60 ?  329 VAL A CB   1 
ATOM   1257 C  CG1  . VAL A 1 180 ? 3.993   -7.248  2.489   1.00 55.58 ?  329 VAL A CG1  1 
ATOM   1258 C  CG2  . VAL A 1 180 ? 4.504   -6.198  4.675   1.00 53.39 ?  329 VAL A CG2  1 
ATOM   1259 N  N    . LEU A 1 181 ? 5.303   -10.610 4.365   1.00 52.46 ?  330 LEU A N    1 
ATOM   1260 C  CA   . LEU A 1 181 ? 5.635   -11.927 3.832   1.00 54.11 ?  330 LEU A CA   1 
ATOM   1261 C  C    . LEU A 1 181 ? 4.536   -12.933 4.140   1.00 56.84 ?  330 LEU A C    1 
ATOM   1262 O  O    . LEU A 1 181 ? 4.189   -13.759 3.290   1.00 51.93 ?  330 LEU A O    1 
ATOM   1263 C  CB   . LEU A 1 181 ? 6.969   -12.419 4.386   1.00 51.13 ?  330 LEU A CB   1 
ATOM   1264 C  CG   . LEU A 1 181 ? 8.182   -12.291 3.466   1.00 56.15 ?  330 LEU A CG   1 
ATOM   1265 C  CD1  . LEU A 1 181 ? 9.449   -12.681 4.207   1.00 54.27 ?  330 LEU A CD1  1 
ATOM   1266 C  CD2  . LEU A 1 181 ? 7.999   -13.143 2.219   1.00 53.05 ?  330 LEU A CD2  1 
ATOM   1267 N  N    . ARG A 1 182 ? 3.976   -12.876 5.352   1.00 61.59 ?  331 ARG A N    1 
ATOM   1268 C  CA   . ARG A 1 182 ? 2.863   -13.751 5.702   1.00 59.14 ?  331 ARG A CA   1 
ATOM   1269 C  C    . ARG A 1 182 ? 1.735   -13.626 4.685   1.00 62.73 ?  331 ARG A C    1 
ATOM   1270 O  O    . ARG A 1 182 ? 1.198   -14.632 4.207   1.00 66.54 ?  331 ARG A O    1 
ATOM   1271 C  CB   . ARG A 1 182 ? 2.362   -13.425 7.110   1.00 60.34 ?  331 ARG A CB   1 
ATOM   1272 N  N    . HIS A 1 183 ? 1.375   -12.391 4.330   1.00 60.51 ?  332 HIS A N    1 
ATOM   1273 C  CA   . HIS A 1 183 ? 0.387   -12.183 3.278   1.00 58.66 ?  332 HIS A CA   1 
ATOM   1274 C  C    . HIS A 1 183 ? 0.872   -12.749 1.950   1.00 59.51 ?  332 HIS A C    1 
ATOM   1275 O  O    . HIS A 1 183 ? 0.076   -13.262 1.156   1.00 65.60 ?  332 HIS A O    1 
ATOM   1276 C  CB   . HIS A 1 183 ? 0.069   -10.694 3.148   1.00 58.78 ?  332 HIS A CB   1 
ATOM   1277 C  CG   . HIS A 1 183 ? -0.497  -10.084 4.394   1.00 65.40 ?  332 HIS A CG   1 
ATOM   1278 N  ND1  . HIS A 1 183 ? 0.227   -9.238  5.205   1.00 66.60 ?  332 HIS A ND1  1 
ATOM   1279 C  CD2  . HIS A 1 183 ? -1.721  -10.195 4.964   1.00 67.17 ?  332 HIS A CD2  1 
ATOM   1280 C  CE1  . HIS A 1 183 ? -0.523  -8.859  6.225   1.00 55.02 ?  332 HIS A CE1  1 
ATOM   1281 N  NE2  . HIS A 1 183 ? -1.711  -9.421  6.100   1.00 64.19 ?  332 HIS A NE2  1 
ATOM   1282 N  N    . LEU A 1 184 ? 2.183   -12.676 1.695   1.00 57.17 ?  333 LEU A N    1 
ATOM   1283 C  CA   . LEU A 1 184 ? 2.726   -13.217 0.450   1.00 59.03 ?  333 LEU A CA   1 
ATOM   1284 C  C    . LEU A 1 184 ? 2.598   -14.735 0.384   1.00 62.33 ?  333 LEU A C    1 
ATOM   1285 O  O    . LEU A 1 184 ? 2.488   -15.295 -0.712  1.00 60.74 ?  333 LEU A O    1 
ATOM   1286 C  CB   . LEU A 1 184 ? 4.195   -12.819 0.292   1.00 61.58 ?  333 LEU A CB   1 
ATOM   1287 C  CG   . LEU A 1 184 ? 4.575   -11.394 -0.114  1.00 62.22 ?  333 LEU A CG   1 
ATOM   1288 C  CD1  . LEU A 1 184 ? 5.846   -11.421 -0.950  1.00 57.54 ?  333 LEU A CD1  1 
ATOM   1289 C  CD2  . LEU A 1 184 ? 3.454   -10.715 -0.871  1.00 56.60 ?  333 LEU A CD2  1 
ATOM   1290 N  N    . ARG A 1 185 ? 2.619   -15.418 1.530   1.00 66.91 ?  334 ARG A N    1 
ATOM   1291 C  CA   . ARG A 1 185 ? 2.564   -16.878 1.516   1.00 70.83 ?  334 ARG A CA   1 
ATOM   1292 C  C    . ARG A 1 185 ? 1.161   -17.383 1.204   1.00 71.74 ?  334 ARG A C    1 
ATOM   1293 O  O    . ARG A 1 185 ? 0.992   -18.300 0.395   1.00 72.18 ?  334 ARG A O    1 
ATOM   1294 C  CB   . ARG A 1 185 ? 3.049   -17.450 2.851   1.00 72.54 ?  334 ARG A CB   1 
ATOM   1295 C  CG   . ARG A 1 185 ? 4.265   -16.754 3.433   1.00 73.38 ?  334 ARG A CG   1 
ATOM   1296 C  CD   . ARG A 1 185 ? 5.552   -17.179 2.746   1.00 79.03 ?  334 ARG A CD   1 
ATOM   1297 N  NE   . ARG A 1 185 ? 6.723   -16.866 3.556   1.00 72.82 ?  334 ARG A NE   1 
ATOM   1298 C  CZ   . ARG A 1 185 ? 7.975   -17.101 3.191   1.00 73.87 ?  334 ARG A CZ   1 
ATOM   1299 N  NH1  . ARG A 1 185 ? 8.262   -17.656 2.023   1.00 71.08 ?  334 ARG A NH1  1 
ATOM   1300 N  NH2  . ARG A 1 185 ? 8.967   -16.770 4.015   1.00 70.98 ?  334 ARG A NH2  1 
ATOM   1301 N  N    . GLN A 1 186 ? 0.141   -16.801 1.844   1.00 71.82 ?  335 GLN A N    1 
ATOM   1302 C  CA   . GLN A 1 186 ? -1.234  -17.189 1.540   1.00 75.01 ?  335 GLN A CA   1 
ATOM   1303 C  C    . GLN A 1 186 ? -1.570  -16.916 0.085   1.00 73.25 ?  335 GLN A C    1 
ATOM   1304 O  O    . GLN A 1 186 ? -2.396  -17.619 -0.507  1.00 78.62 ?  335 GLN A O    1 
ATOM   1305 C  CB   . GLN A 1 186 ? -2.206  -16.455 2.462   1.00 67.62 ?  335 GLN A CB   1 
ATOM   1306 C  CG   . GLN A 1 186 ? -2.574  -17.279 3.668   1.00 83.62 ?  335 GLN A CG   1 
ATOM   1307 C  CD   . GLN A 1 186 ? -1.516  -17.199 4.742   1.00 85.95 ?  335 GLN A CD   1 
ATOM   1308 O  OE1  . GLN A 1 186 ? -0.929  -16.145 4.973   1.00 81.32 ?  335 GLN A OE1  1 
ATOM   1309 N  NE2  . GLN A 1 186 ? -1.222  -18.332 5.364   1.00 75.04 ?  335 GLN A NE2  1 
ATOM   1310 N  N    . GLU A 1 187 ? -0.936  -15.901 -0.503  1.00 71.93 ?  336 GLU A N    1 
ATOM   1311 C  CA   . GLU A 1 187 ? -0.996  -15.694 -1.941  1.00 74.37 ?  336 GLU A CA   1 
ATOM   1312 C  C    . GLU A 1 187 ? -0.545  -16.938 -2.693  1.00 76.71 ?  336 GLU A C    1 
ATOM   1313 O  O    . GLU A 1 187 ? -1.275  -17.485 -3.525  1.00 80.36 ?  336 GLU A O    1 
ATOM   1314 C  CB   . GLU A 1 187 ? -0.125  -14.501 -2.321  1.00 76.02 ?  336 GLU A CB   1 
ATOM   1315 C  CG   . GLU A 1 187 ? -0.162  -14.190 -3.785  1.00 79.81 ?  336 GLU A CG   1 
ATOM   1316 C  CD   . GLU A 1 187 ? -1.028  -13.000 -4.068  1.00 81.94 ?  336 GLU A CD   1 
ATOM   1317 O  OE1  . GLU A 1 187 ? -1.312  -12.251 -3.107  1.00 76.38 ?  336 GLU A OE1  1 
ATOM   1318 O  OE2  . GLU A 1 187 ? -1.435  -12.828 -5.234  1.00 81.75 ?  336 GLU A OE2  1 
ATOM   1319 N  N    . GLU A 1 188 ? 0.681   -17.389 -2.414  1.00 76.93 ?  337 GLU A N    1 
ATOM   1320 C  CA   . GLU A 1 188 ? 1.200   -18.583 -3.068  1.00 84.43 ?  337 GLU A CA   1 
ATOM   1321 C  C    . GLU A 1 188 ? 0.396   -19.817 -2.681  1.00 84.43 ?  337 GLU A C    1 
ATOM   1322 O  O    . GLU A 1 188 ? 0.172   -20.707 -3.509  1.00 92.01 ?  337 GLU A O    1 
ATOM   1323 C  CB   . GLU A 1 188 ? 2.677   -18.769 -2.718  1.00 74.38 ?  337 GLU A CB   1 
ATOM   1324 N  N    . LYS A 1 189 ? -0.055  -19.883 -1.426  1.00 82.97 ?  338 LYS A N    1 
ATOM   1325 C  CA   . LYS A 1 189 ? -0.863  -21.014 -0.982  1.00 82.13 ?  338 LYS A CA   1 
ATOM   1326 C  C    . LYS A 1 189 ? -2.244  -21.024 -1.625  1.00 79.12 ?  338 LYS A C    1 
ATOM   1327 O  O    . LYS A 1 189 ? -2.916  -22.060 -1.597  1.00 78.64 ?  338 LYS A O    1 
ATOM   1328 C  CB   . LYS A 1 189 ? -0.996  -20.998 0.541   1.00 78.35 ?  338 LYS A CB   1 
ATOM   1329 N  N    . GLU A 1 190 ? -2.677  -19.906 -2.198  1.00 73.65 ?  339 GLU A N    1 
ATOM   1330 C  CA   . GLU A 1 190 ? -3.969  -19.839 -2.872  1.00 71.44 ?  339 GLU A CA   1 
ATOM   1331 C  C    . GLU A 1 190 ? -3.800  -19.403 -4.323  1.00 77.57 ?  339 GLU A C    1 
ATOM   1332 O  O    . GLU A 1 190 ? -2.774  -19.674 -4.948  1.00 83.35 ?  339 GLU A O    1 
ATOM   1333 C  CB   . GLU A 1 190 ? -4.910  -18.878 -2.139  1.00 59.91 ?  339 GLU A CB   1 
HETATM 1334 C  C10  . A8A B 2 .   ? -5.916  13.928  -2.029  0.50 35.06 ?  401 A8A A C10  1 
HETATM 1335 C  C13  . A8A B 2 .   ? -4.411  14.343  -5.503  0.50 39.22 ?  401 A8A A C13  1 
HETATM 1336 C  C15  . A8A B 2 .   ? -2.699  14.215  -7.517  0.50 43.17 ?  401 A8A A C15  1 
HETATM 1337 C  C17  . A8A B 2 .   ? -4.069  14.250  -9.615  0.50 42.82 ?  401 A8A A C17  1 
HETATM 1338 C  C24  . A8A B 2 .   ? -3.679  12.972  -2.090  0.50 34.92 ?  401 A8A A C24  1 
HETATM 1339 C  C28  . A8A B 2 .   ? -6.073  10.116  -2.586  0.50 34.92 ?  401 A8A A C28  1 
HETATM 1340 C  C01  . A8A B 2 .   ? -9.035  12.901  -4.995  0.50 37.04 ?  401 A8A A C01  1 
HETATM 1341 C  C03  . A8A B 2 .   ? -7.673  11.426  -3.822  0.50 35.46 ?  401 A8A A C03  1 
HETATM 1342 C  C04  . A8A B 2 .   ? -7.290  10.770  -2.649  0.50 34.95 ?  401 A8A A C04  1 
HETATM 1343 C  C06  . A8A B 2 .   ? -7.699  11.379  -0.397  0.50 38.95 ?  401 A8A A C06  1 
HETATM 1344 C  C07  . A8A B 2 .   ? -8.457  12.696  -0.287  0.50 34.92 ?  401 A8A A C07  1 
HETATM 1345 C  C08  . A8A B 2 .   ? -7.497  13.877  -0.158  0.50 39.03 ?  401 A8A A C08  1 
HETATM 1346 C  C11  . A8A B 2 .   ? -5.773  14.278  -3.362  0.50 34.92 ?  401 A8A A C11  1 
HETATM 1347 C  C12  . A8A B 2 .   ? -4.613  13.987  -4.059  0.50 36.69 ?  401 A8A A C12  1 
HETATM 1348 C  C14  . A8A B 2 .   ? -3.168  13.977  -6.084  0.50 41.42 ?  401 A8A A C14  1 
HETATM 1349 C  C16  . A8A B 2 .   ? -3.534  15.082  -8.455  0.50 48.83 ?  401 A8A A C16  1 
HETATM 1350 C  C18  . A8A B 2 .   ? -4.757  12.991  -9.104  0.50 47.37 ?  401 A8A A C18  1 
HETATM 1351 C  C23  . A8A B 2 .   ? -3.555  13.325  -3.410  0.50 34.97 ?  401 A8A A C23  1 
HETATM 1352 C  C25  . A8A B 2 .   ? -4.846  13.264  -1.379  0.50 35.47 ?  401 A8A A C25  1 
HETATM 1353 C  C27  . A8A B 2 .   ? -3.882  11.936  0.280   0.50 37.50 ?  401 A8A A C27  1 
HETATM 1354 C  C29  . A8A B 2 .   ? -5.235  10.124  -3.691  0.50 36.30 ?  401 A8A A C29  1 
HETATM 1355 C  C30  . A8A B 2 .   ? -5.622  10.793  -4.874  0.50 35.03 ?  401 A8A A C30  1 
HETATM 1356 C  C32  . A8A B 2 .   ? -3.144  9.544   -4.928  0.50 41.47 ?  401 A8A A C32  1 
HETATM 1357 C  C33  . A8A B 2 .   ? -1.772  8.950   -5.211  0.50 44.46 ?  401 A8A A C33  1 
HETATM 1358 C  C34  . A8A B 2 .   ? -1.096  8.083   -4.155  0.50 47.90 ?  401 A8A A C34  1 
HETATM 1359 C  C35  . A8A B 2 .   ? 0.224   8.702   -3.707  0.50 44.50 ?  401 A8A A C35  1 
HETATM 1360 C  C36  . A8A B 2 .   ? 0.069   10.187  -3.386  0.50 47.00 ?  401 A8A A C36  1 
HETATM 1361 C  C40  . A8A B 2 .   ? -3.896  9.450   -3.726  0.50 38.93 ?  401 A8A A C40  1 
HETATM 1362 C  C41  . A8A B 2 .   ? -6.832  11.438  -4.933  0.50 34.92 ?  401 A8A A C41  1 
HETATM 1363 O  O02  . A8A B 2 .   ? -8.903  12.079  -3.875  0.50 37.19 ?  401 A8A A O02  1 
HETATM 1364 O  O05  . A8A B 2 .   ? -8.168  10.766  -1.555  0.50 38.46 ?  401 A8A A O05  1 
HETATM 1365 O  O09  . A8A B 2 .   ? -7.152  14.292  -1.450  0.50 36.17 ?  401 A8A A O09  1 
HETATM 1366 O  O19  . A8A B 2 .   ? -5.482  13.033  -8.078  0.50 49.54 -1 401 A8A A O19  1 
HETATM 1367 O  O20  . A8A B 2 .   ? -4.614  11.911  -9.734  0.50 47.96 ?  401 A8A A O20  1 
HETATM 1368 O  O21  . A8A B 2 .   ? -1.695  13.730  -7.905  0.50 46.36 ?  401 A8A A O21  1 
HETATM 1369 O  O26  . A8A B 2 .   ? -4.871  12.866  -0.042  0.50 37.63 ?  401 A8A A O26  1 
HETATM 1370 O  O37  . A8A B 2 .   ? 0.950   11.003  -3.758  0.50 52.73 -1 401 A8A A O37  1 
HETATM 1371 O  O38  . A8A B 2 .   ? -0.937  10.589  -2.748  0.50 51.35 ?  401 A8A A O38  1 
HETATM 1372 O  O39  . A8A B 2 .   ? -1.233  9.159   -6.240  0.50 44.39 ?  401 A8A A O39  1 
HETATM 1373 SE SE22 . A8A B 2 .   ? -2.221  13.144  -4.711  0.50 47.71 ?  401 A8A A SE22 1 
HETATM 1374 SE SE31 . A8A B 2 .   ? -4.208  10.549  -6.084  0.50 44.34 ?  401 A8A A SE31 1 
HETATM 1375 O  O    . HOH C 3 .   ? 12.820  -16.954 -9.789  1.00 30.04 ?  501 HOH A O    1 
HETATM 1376 O  O    . HOH C 3 .   ? 2.443   19.839  15.036  1.00 53.63 ?  502 HOH A O    1 
HETATM 1377 O  O    . HOH C 3 .   ? -5.072  5.672   -16.197 1.00 49.40 ?  503 HOH A O    1 
HETATM 1378 O  O    . HOH C 3 .   ? 5.767   0.616   8.045   1.00 59.64 ?  504 HOH A O    1 
HETATM 1379 O  O    . HOH C 3 .   ? -13.670 10.807  15.652  1.00 57.15 ?  505 HOH A O    1 
HETATM 1380 O  O    . HOH C 3 .   ? 20.949  -9.999  9.449   1.00 50.22 ?  506 HOH A O    1 
# 
loop_
_pdbx_poly_seq_scheme.asym_id 
_pdbx_poly_seq_scheme.entity_id 
_pdbx_poly_seq_scheme.seq_id 
_pdbx_poly_seq_scheme.mon_id 
_pdbx_poly_seq_scheme.ndb_seq_num 
_pdbx_poly_seq_scheme.pdb_seq_num 
_pdbx_poly_seq_scheme.auth_seq_num 
_pdbx_poly_seq_scheme.pdb_mon_id 
_pdbx_poly_seq_scheme.auth_mon_id 
_pdbx_poly_seq_scheme.pdb_strand_id 
_pdbx_poly_seq_scheme.pdb_ins_code 
_pdbx_poly_seq_scheme.hetero 
A 1 1   LYS 1   150 ?   ?   ?   A . n 
A 1 2   GLY 2   151 ?   ?   ?   A . n 
A 1 3   ASN 3   152 ?   ?   ?   A . n 
A 1 4   PHE 4   153 ?   ?   ?   A . n 
A 1 5   ASN 5   154 154 ASN ASN A . n 
A 1 6   VAL 6   155 155 VAL VAL A . n 
A 1 7   ALA 7   156 156 ALA ALA A . n 
A 1 8   HIS 8   157 157 HIS HIS A . n 
A 1 9   GLY 9   158 158 GLY GLY A . n 
A 1 10  LEU 10  159 159 LEU LEU A . n 
A 1 11  ALA 11  160 160 ALA ALA A . n 
A 1 12  TRP 12  161 161 TRP TRP A . n 
A 1 13  SER 13  162 162 SER SER A . n 
A 1 14  TYR 14  163 163 TYR TYR A . n 
A 1 15  TYR 15  164 164 TYR TYR A . n 
A 1 16  ILE 16  165 165 ILE ILE A . n 
A 1 17  GLY 17  166 166 GLY GLY A . n 
A 1 18  TYR 18  167 167 TYR TYR A . n 
A 1 19  LEU 19  168 168 LEU LEU A . n 
A 1 20  ARG 20  169 169 ARG ARG A . n 
A 1 21  LEU 21  170 170 LEU LEU A . n 
A 1 22  ILE 22  171 171 ILE ILE A . n 
A 1 23  LEU 23  172 172 LEU LEU A . n 
A 1 24  PRO 24  173 173 PRO PRO A . n 
A 1 25  GLU 25  174 174 GLU GLU A . n 
A 1 26  LEU 26  175 175 LEU LEU A . n 
A 1 27  GLN 27  176 176 GLN GLN A . n 
A 1 28  ALA 28  177 177 ALA ALA A . n 
A 1 29  ARG 29  178 178 ARG ARG A . n 
A 1 30  ILE 30  179 179 ILE ILE A . n 
A 1 31  ARG 31  180 180 ARG ARG A . n 
A 1 32  THR 32  181 181 THR THR A . n 
A 1 33  TYR 33  182 182 TYR TYR A . n 
A 1 34  ASN 34  183 183 ASN ASN A . n 
A 1 35  GLN 35  184 184 GLN GLN A . n 
A 1 36  HIS 36  185 185 HIS HIS A . n 
A 1 37  TYR 37  186 186 TYR TYR A . n 
A 1 38  ASN 38  187 ?   ?   ?   A . n 
A 1 39  ASN 39  188 ?   ?   ?   A . n 
A 1 40  LEU 40  189 ?   ?   ?   A . n 
A 1 41  LEU 41  190 ?   ?   ?   A . n 
A 1 42  ARG 42  191 191 ARG ARG A . n 
A 1 43  GLY 43  192 192 GLY GLY A . n 
A 1 44  ALA 44  193 193 ALA ALA A . n 
A 1 45  VAL 45  194 194 VAL VAL A . n 
A 1 46  SER 46  195 195 SER SER A . n 
A 1 47  GLN 47  196 196 GLN GLN A . n 
A 1 48  ARG 48  197 197 ARG ARG A . n 
A 1 49  LEU 49  198 198 LEU LEU A . n 
A 1 50  TYR 50  199 199 TYR TYR A . n 
A 1 51  ILE 51  200 200 ILE ILE A . n 
A 1 52  LEU 52  201 201 LEU LEU A . n 
A 1 53  LEU 53  202 202 LEU LEU A . n 
A 1 54  PRO 54  203 203 PRO PRO A . n 
A 1 55  LEU 55  204 204 LEU LEU A . n 
A 1 56  ASP 56  205 205 ASP ASP A . n 
A 1 57  CYS 57  206 206 CYS CYS A . n 
A 1 58  GLY 58  207 207 GLY GLY A . n 
A 1 59  VAL 59  208 208 VAL VAL A . n 
A 1 60  PRO 60  209 209 PRO PRO A . n 
A 1 61  ASP 61  210 210 ASP ASP A . n 
A 1 62  ASN 62  211 211 ASN ASN A . n 
A 1 63  LEU 63  212 ?   ?   ?   A . n 
A 1 64  SER 64  213 213 SER SER A . n 
A 1 65  MET 65  214 214 MET MET A . n 
A 1 66  ALA 66  215 215 ALA ALA A . n 
A 1 67  ASP 67  216 216 ASP ASP A . n 
A 1 68  PRO 68  217 217 PRO PRO A . n 
A 1 69  ASN 69  218 218 ASN ASN A . n 
A 1 70  ILE 70  219 219 ILE ILE A . n 
A 1 71  ARG 71  220 220 ARG ARG A . n 
A 1 72  PHE 72  221 221 PHE PHE A . n 
A 1 73  LEU 73  222 222 LEU LEU A . n 
A 1 74  ASP 74  223 223 ASP ASP A . n 
A 1 75  LYS 75  224 224 LYS LYS A . n 
A 1 76  LEU 76  225 225 LEU LEU A . n 
A 1 77  PRO 77  226 226 PRO PRO A . n 
A 1 78  GLN 78  227 227 GLN GLN A . n 
A 1 79  GLN 79  228 228 GLN GLN A . n 
A 1 80  THR 80  229 229 THR THR A . n 
A 1 81  GLY 81  230 230 GLY GLY A . n 
A 1 82  ASP 82  231 231 ASP ASP A . n 
A 1 83  HIS 83  232 232 HIS HIS A . n 
A 1 84  ALA 84  233 233 ALA ALA A . n 
A 1 85  GLY 85  234 234 GLY GLY A . n 
A 1 86  ILE 86  235 235 ILE ILE A . n 
A 1 87  LYS 87  236 236 LYS LYS A . n 
A 1 88  ASP 88  237 237 ASP ASP A . n 
A 1 89  ARG 89  238 238 ARG ARG A . n 
A 1 90  VAL 90  239 239 VAL VAL A . n 
A 1 91  TYR 91  240 240 TYR TYR A . n 
A 1 92  SER 92  241 241 SER SER A . n 
A 1 93  ASN 93  242 242 ASN ASN A . n 
A 1 94  SER 94  243 243 SER SER A . n 
A 1 95  ILE 95  244 244 ILE ILE A . n 
A 1 96  TYR 96  245 245 TYR TYR A . n 
A 1 97  GLU 97  246 246 GLU GLU A . n 
A 1 98  LEU 98  247 247 LEU LEU A . n 
A 1 99  LEU 99  248 248 LEU LEU A . n 
A 1 100 GLU 100 249 249 GLU GLU A . n 
A 1 101 ASN 101 250 250 ASN ASN A . n 
A 1 102 GLY 102 251 251 GLY GLY A . n 
A 1 103 GLN 103 252 252 GLN GLN A . n 
A 1 104 ARG 104 253 253 ARG ARG A . n 
A 1 105 ALA 105 254 254 ALA ALA A . n 
A 1 106 GLY 106 255 255 GLY GLY A . n 
A 1 107 THR 107 256 256 THR THR A . n 
A 1 108 CYS 108 257 257 CYS CYS A . n 
A 1 109 VAL 109 258 258 VAL VAL A . n 
A 1 110 LEU 110 259 259 LEU LEU A . n 
A 1 111 GLU 111 260 260 GLU GLU A . n 
A 1 112 TYR 112 261 261 TYR TYR A . n 
A 1 113 ALA 113 262 262 ALA ALA A . n 
A 1 114 THR 114 263 263 THR THR A . n 
A 1 115 PRO 115 264 264 PRO PRO A . n 
A 1 116 LEU 116 265 265 LEU LEU A . n 
A 1 117 GLN 117 266 266 GLN GLN A . n 
A 1 118 THR 118 267 267 THR THR A . n 
A 1 119 LEU 119 268 268 LEU LEU A . n 
A 1 120 PHE 120 269 269 PHE PHE A . n 
A 1 121 ALA 121 270 270 ALA ALA A . n 
A 1 122 MET 122 271 271 MET MET A . n 
A 1 123 SER 123 272 272 SER SER A . n 
A 1 124 GLN 124 273 273 GLN GLN A . n 
A 1 125 TYR 125 274 274 TYR TYR A . n 
A 1 126 SER 126 275 275 SER SER A . n 
A 1 127 GLN 127 276 ?   ?   ?   A . n 
A 1 128 ALA 128 277 ?   ?   ?   A . n 
A 1 129 GLY 129 278 ?   ?   ?   A . n 
A 1 130 PHE 130 279 279 PHE PHE A . n 
A 1 131 SER 131 280 280 SER SER A . n 
A 1 132 ARG 132 281 281 ARG ARG A . n 
A 1 133 GLU 133 282 282 GLU GLU A . n 
A 1 134 ASP 134 283 283 ASP ASP A . n 
A 1 135 ARG 135 284 284 ARG ARG A . n 
A 1 136 LEU 136 285 285 LEU LEU A . n 
A 1 137 GLU 137 286 286 GLU GLU A . n 
A 1 138 GLN 138 287 287 GLN GLN A . n 
A 1 139 ALA 139 288 288 ALA ALA A . n 
A 1 140 LYS 140 289 289 LYS LYS A . n 
A 1 141 LEU 141 290 290 LEU LEU A . n 
A 1 142 PHE 142 291 291 PHE PHE A . n 
A 1 143 CYS 143 292 292 CYS CYS A . n 
A 1 144 ARG 144 293 293 ARG ARG A . n 
A 1 145 THR 145 294 294 THR THR A . n 
A 1 146 LEU 146 295 295 LEU LEU A . n 
A 1 147 GLU 147 296 296 GLU GLU A . n 
A 1 148 ASP 148 297 297 ASP ASP A . n 
A 1 149 ILE 149 298 298 ILE ILE A . n 
A 1 150 LEU 150 299 299 LEU LEU A . n 
A 1 151 ALA 151 300 300 ALA ALA A . n 
A 1 152 ASP 152 301 301 ASP ASP A . n 
A 1 153 ALA 153 302 302 ALA ALA A . n 
A 1 154 PRO 154 303 303 PRO PRO A . n 
A 1 155 GLU 155 304 304 GLU GLU A . n 
A 1 156 SER 156 305 305 SER SER A . n 
A 1 157 GLN 157 306 306 GLN GLN A . n 
A 1 158 ASN 158 307 307 ASN ASN A . n 
A 1 159 ASN 159 308 308 ASN ASN A . n 
A 1 160 CYS 160 309 309 CYS CYS A . n 
A 1 161 ARG 161 310 310 ARG ARG A . n 
A 1 162 LEU 162 311 311 LEU LEU A . n 
A 1 163 ILE 163 312 312 ILE ILE A . n 
A 1 164 ALA 164 313 313 ALA ALA A . n 
A 1 165 TYR 165 314 314 TYR TYR A . n 
A 1 166 GLN 166 315 315 GLN GLN A . n 
A 1 167 GLU 167 316 316 GLU GLU A . n 
A 1 168 PRO 168 317 317 PRO PRO A . n 
A 1 169 ALA 169 318 318 ALA ALA A . n 
A 1 170 ASP 170 319 319 ASP ASP A . n 
A 1 171 ASP 171 320 320 ASP ASP A . n 
A 1 172 SER 172 321 321 SER SER A . n 
A 1 173 SER 173 322 ?   ?   ?   A . n 
A 1 174 PHE 174 323 323 PHE PHE A . n 
A 1 175 SER 175 324 324 SER SER A . n 
A 1 176 LEU 176 325 325 LEU LEU A . n 
A 1 177 SER 177 326 326 SER SER A . n 
A 1 178 GLN 178 327 327 GLN GLN A . n 
A 1 179 GLU 179 328 328 GLU GLU A . n 
A 1 180 VAL 180 329 329 VAL VAL A . n 
A 1 181 LEU 181 330 330 LEU LEU A . n 
A 1 182 ARG 182 331 331 ARG ARG A . n 
A 1 183 HIS 183 332 332 HIS HIS A . n 
A 1 184 LEU 184 333 333 LEU LEU A . n 
A 1 185 ARG 185 334 334 ARG ARG A . n 
A 1 186 GLN 186 335 335 GLN GLN A . n 
A 1 187 GLU 187 336 336 GLU GLU A . n 
A 1 188 GLU 188 337 337 GLU GLU A . n 
A 1 189 LYS 189 338 338 LYS LYS A . n 
A 1 190 GLU 190 339 339 GLU GLU A . n 
A 1 191 GLU 191 340 ?   ?   ?   A . n 
A 1 192 VAL 192 341 ?   ?   ?   A . n 
A 1 193 THR 193 342 ?   ?   ?   A . n 
A 1 194 VAL 194 343 ?   ?   ?   A . n 
A 1 195 GLY 195 344 ?   ?   ?   A . n 
A 1 196 SER 196 345 ?   ?   ?   A . n 
A 1 197 LEU 197 346 ?   ?   ?   A . n 
A 1 198 LYS 198 347 ?   ?   ?   A . n 
A 1 199 THR 199 348 ?   ?   ?   A . n 
A 1 200 SER 200 349 ?   ?   ?   A . n 
A 1 201 ALA 201 350 ?   ?   ?   A . n 
A 1 202 VAL 202 351 ?   ?   ?   A . n 
A 1 203 PRO 203 352 ?   ?   ?   A . n 
A 1 204 SER 204 353 ?   ?   ?   A . n 
A 1 205 THR 205 354 ?   ?   ?   A . n 
A 1 206 SER 206 355 ?   ?   ?   A . n 
A 1 207 THR 207 356 ?   ?   ?   A . n 
A 1 208 MET 208 357 ?   ?   ?   A . n 
A 1 209 SER 209 358 ?   ?   ?   A . n 
A 1 210 GLN 210 359 ?   ?   ?   A . n 
A 1 211 GLU 211 360 ?   ?   ?   A . n 
A 1 212 PRO 212 361 ?   ?   ?   A . n 
A 1 213 GLU 213 362 ?   ?   ?   A . n 
A 1 214 LEU 214 363 ?   ?   ?   A . n 
A 1 215 LEU 215 364 ?   ?   ?   A . n 
A 1 216 ILE 216 365 ?   ?   ?   A . n 
A 1 217 SER 217 366 ?   ?   ?   A . n 
A 1 218 GLY 218 367 ?   ?   ?   A . n 
A 1 219 MET 219 368 ?   ?   ?   A . n 
A 1 220 GLU 220 369 ?   ?   ?   A . n 
A 1 221 LYS 221 370 ?   ?   ?   A . n 
A 1 222 PRO 222 371 ?   ?   ?   A . n 
A 1 223 LEU 223 372 ?   ?   ?   A . n 
A 1 224 PRO 224 373 ?   ?   ?   A . n 
A 1 225 LEU 225 374 ?   ?   ?   A . n 
A 1 226 ARG 226 375 ?   ?   ?   A . n 
A 1 227 THR 227 376 ?   ?   ?   A . n 
A 1 228 ASP 228 377 ?   ?   ?   A . n 
A 1 229 PHE 229 378 ?   ?   ?   A . n 
A 1 230 SER 230 379 ?   ?   ?   A . n 
# 
_pdbx_contact_author.id                 2 
_pdbx_contact_author.email              bianjl@cpu.edu.cn 
_pdbx_contact_author.name_first         Jinlei 
_pdbx_contact_author.name_last          Bian 
_pdbx_contact_author.name_mi            ? 
_pdbx_contact_author.role               'principal investigator/group leader' 
_pdbx_contact_author.identifier_ORCID   0000-0003-4552-1195 
# 
loop_
_pdbx_nonpoly_scheme.asym_id 
_pdbx_nonpoly_scheme.entity_id 
_pdbx_nonpoly_scheme.mon_id 
_pdbx_nonpoly_scheme.ndb_seq_num 
_pdbx_nonpoly_scheme.pdb_seq_num 
_pdbx_nonpoly_scheme.auth_seq_num 
_pdbx_nonpoly_scheme.pdb_mon_id 
_pdbx_nonpoly_scheme.auth_mon_id 
_pdbx_nonpoly_scheme.pdb_strand_id 
_pdbx_nonpoly_scheme.pdb_ins_code 
B 2 A8A 1 401 401 A8A LIG A . 
C 3 HOH 1 501 9   HOH HOH A . 
C 3 HOH 2 502 11  HOH HOH A . 
C 3 HOH 3 503 1   HOH HOH A . 
C 3 HOH 4 504 6   HOH HOH A . 
C 3 HOH 5 505 10  HOH HOH A . 
C 3 HOH 6 506 3   HOH HOH A . 
# 
_pdbx_struct_assembly.id                   1 
_pdbx_struct_assembly.details              author_and_software_defined_assembly 
_pdbx_struct_assembly.method_details       PISA 
_pdbx_struct_assembly.oligomeric_details   dimeric 
_pdbx_struct_assembly.oligomeric_count     2 
# 
_pdbx_struct_assembly_gen.assembly_id       1 
_pdbx_struct_assembly_gen.oper_expression   1,2 
_pdbx_struct_assembly_gen.asym_id_list      A,B,C 
# 
loop_
_pdbx_struct_assembly_prop.biol_id 
_pdbx_struct_assembly_prop.type 
_pdbx_struct_assembly_prop.value 
_pdbx_struct_assembly_prop.details 
1 'ABSA (A^2)' 3420  ? 
1 MORE         -15   ? 
1 'SSA (A^2)'  15520 ? 
# 
loop_
_pdbx_struct_oper_list.id 
_pdbx_struct_oper_list.type 
_pdbx_struct_oper_list.name 
_pdbx_struct_oper_list.symmetry_operation 
_pdbx_struct_oper_list.matrix[1][1] 
_pdbx_struct_oper_list.matrix[1][2] 
_pdbx_struct_oper_list.matrix[1][3] 
_pdbx_struct_oper_list.vector[1] 
_pdbx_struct_oper_list.matrix[2][1] 
_pdbx_struct_oper_list.matrix[2][2] 
_pdbx_struct_oper_list.matrix[2][3] 
_pdbx_struct_oper_list.vector[2] 
_pdbx_struct_oper_list.matrix[3][1] 
_pdbx_struct_oper_list.matrix[3][2] 
_pdbx_struct_oper_list.matrix[3][3] 
_pdbx_struct_oper_list.vector[3] 
1 'identity operation'         1_555 x,y,z   1.0000000000  0.0000000000  0.0000000000  0.0000000000  0.0000000000  1.0000000000  0.0000000000 0.0000000000  0.0000000000  0.0000000000 1.0000000000  0.0000000000   
2 'crystal symmetry operation' 2_555 -x,y,-z -0.0071036403 -0.2057247089 -0.9785841213 -6.1385702002 -0.2057247089 -0.9573745483 0.2027592624 23.6069568919 -0.9785841213 0.2027592624 -0.0355218114 -11.1911670167 
# 
_pdbx_struct_special_symmetry.id              1 
_pdbx_struct_special_symmetry.PDB_model_num   1 
_pdbx_struct_special_symmetry.auth_asym_id    A 
_pdbx_struct_special_symmetry.auth_comp_id    A8A 
_pdbx_struct_special_symmetry.auth_seq_id     401 
_pdbx_struct_special_symmetry.PDB_ins_code    ? 
_pdbx_struct_special_symmetry.label_asym_id   B 
_pdbx_struct_special_symmetry.label_comp_id   A8A 
_pdbx_struct_special_symmetry.label_seq_id    . 
# 
loop_
_pdbx_audit_revision_history.ordinal 
_pdbx_audit_revision_history.data_content_type 
_pdbx_audit_revision_history.major_revision 
_pdbx_audit_revision_history.minor_revision 
_pdbx_audit_revision_history.revision_date 
1 'Structure model' 1 0 2023-03-22 
2 'Structure model' 1 1 2023-11-15 
3 'Structure model' 1 2 2023-11-29 
# 
_pdbx_audit_revision_details.ordinal             1 
_pdbx_audit_revision_details.revision_ordinal    1 
_pdbx_audit_revision_details.data_content_type   'Structure model' 
_pdbx_audit_revision_details.provider            repository 
_pdbx_audit_revision_details.type                'Initial release' 
_pdbx_audit_revision_details.description         ? 
_pdbx_audit_revision_details.details             ? 
# 
loop_
_pdbx_audit_revision_group.ordinal 
_pdbx_audit_revision_group.revision_ordinal 
_pdbx_audit_revision_group.data_content_type 
_pdbx_audit_revision_group.group 
1 2 'Structure model' 'Data collection'        
2 3 'Structure model' 'Refinement description' 
# 
loop_
_pdbx_audit_revision_category.ordinal 
_pdbx_audit_revision_category.revision_ordinal 
_pdbx_audit_revision_category.data_content_type 
_pdbx_audit_revision_category.category 
1 2 'Structure model' chem_comp_atom                
2 2 'Structure model' chem_comp_bond                
3 3 'Structure model' pdbx_initial_refinement_model 
# 
loop_
_software.citation_id 
_software.classification 
_software.compiler_name 
_software.compiler_version 
_software.contact_author 
_software.contact_author_email 
_software.date 
_software.description 
_software.dependencies 
_software.hardware 
_software.language 
_software.location 
_software.mods 
_software.name 
_software.os 
_software.os_version 
_software.type 
_software.version 
_software.pdbx_ordinal 
? 'data scaling'    ? ? ? ? ? ? ? ? ? ? ? Aimless     ? ? ? 0.7.7     1 
? refinement        ? ? ? ? ? ? ? ? ? ? ? PHENIX      ? ? ? 1.19_4092 2 
? 'data extraction' ? ? ? ? ? ? ? ? ? ? ? PDB_EXTRACT ? ? ? 3.27      3 
? 'data reduction'  ? ? ? ? ? ? ? ? ? ? ? XDS         ? ? ? .         4 
? phasing           ? ? ? ? ? ? ? ? ? ? ? PHASER      ? ? ? .         5 
# 
_pdbx_entry_details.entry_id                 7X9P 
_pdbx_entry_details.has_ligand_of_interest   Y 
_pdbx_entry_details.compound_details         ? 
_pdbx_entry_details.source_details           ? 
_pdbx_entry_details.nonpolymer_details       ? 
_pdbx_entry_details.sequence_details         ? 
# 
loop_
_pdbx_validate_torsion.id 
_pdbx_validate_torsion.PDB_model_num 
_pdbx_validate_torsion.auth_comp_id 
_pdbx_validate_torsion.auth_asym_id 
_pdbx_validate_torsion.auth_seq_id 
_pdbx_validate_torsion.PDB_ins_code 
_pdbx_validate_torsion.label_alt_id 
_pdbx_validate_torsion.phi 
_pdbx_validate_torsion.psi 
1 1 TYR A 167 ? ? -137.68 -56.99 
2 1 LEU A 202 ? ? -115.09 76.37  
3 1 ASP A 205 ? ? -69.67  5.81   
4 1 ASN A 218 ? ? 74.06   -11.84 
# 
loop_
_pdbx_unobs_or_zero_occ_atoms.id 
_pdbx_unobs_or_zero_occ_atoms.PDB_model_num 
_pdbx_unobs_or_zero_occ_atoms.polymer_flag 
_pdbx_unobs_or_zero_occ_atoms.occupancy_flag 
_pdbx_unobs_or_zero_occ_atoms.auth_asym_id 
_pdbx_unobs_or_zero_occ_atoms.auth_comp_id 
_pdbx_unobs_or_zero_occ_atoms.auth_seq_id 
_pdbx_unobs_or_zero_occ_atoms.PDB_ins_code 
_pdbx_unobs_or_zero_occ_atoms.auth_atom_id 
_pdbx_unobs_or_zero_occ_atoms.label_alt_id 
_pdbx_unobs_or_zero_occ_atoms.label_asym_id 
_pdbx_unobs_or_zero_occ_atoms.label_comp_id 
_pdbx_unobs_or_zero_occ_atoms.label_seq_id 
_pdbx_unobs_or_zero_occ_atoms.label_atom_id 
1   1 Y 1 A GLN 176 ? CG  ? A GLN 27  CG  
2   1 Y 1 A GLN 176 ? CD  ? A GLN 27  CD  
3   1 Y 1 A GLN 176 ? OE1 ? A GLN 27  OE1 
4   1 Y 1 A GLN 176 ? NE2 ? A GLN 27  NE2 
5   1 Y 1 A ARG 180 ? CG  ? A ARG 31  CG  
6   1 Y 1 A ARG 180 ? CD  ? A ARG 31  CD  
7   1 Y 1 A ARG 180 ? NE  ? A ARG 31  NE  
8   1 Y 1 A ARG 180 ? CZ  ? A ARG 31  CZ  
9   1 Y 1 A ARG 180 ? NH1 ? A ARG 31  NH1 
10  1 Y 1 A ARG 180 ? NH2 ? A ARG 31  NH2 
11  1 Y 1 A GLN 184 ? CG  ? A GLN 35  CG  
12  1 Y 1 A GLN 184 ? CD  ? A GLN 35  CD  
13  1 Y 1 A GLN 184 ? OE1 ? A GLN 35  OE1 
14  1 Y 1 A GLN 184 ? NE2 ? A GLN 35  NE2 
15  1 Y 1 A HIS 185 ? CG  ? A HIS 36  CG  
16  1 Y 1 A HIS 185 ? ND1 ? A HIS 36  ND1 
17  1 Y 1 A HIS 185 ? CD2 ? A HIS 36  CD2 
18  1 Y 1 A HIS 185 ? CE1 ? A HIS 36  CE1 
19  1 Y 1 A HIS 185 ? NE2 ? A HIS 36  NE2 
20  1 Y 1 A TYR 186 ? CG  ? A TYR 37  CG  
21  1 Y 1 A TYR 186 ? CD1 ? A TYR 37  CD1 
22  1 Y 1 A TYR 186 ? CD2 ? A TYR 37  CD2 
23  1 Y 1 A TYR 186 ? CE1 ? A TYR 37  CE1 
24  1 Y 1 A TYR 186 ? CE2 ? A TYR 37  CE2 
25  1 Y 1 A TYR 186 ? CZ  ? A TYR 37  CZ  
26  1 Y 1 A TYR 186 ? OH  ? A TYR 37  OH  
27  1 Y 1 A ARG 191 ? CG  ? A ARG 42  CG  
28  1 Y 1 A ARG 191 ? CD  ? A ARG 42  CD  
29  1 Y 1 A ARG 191 ? NE  ? A ARG 42  NE  
30  1 Y 1 A ARG 191 ? CZ  ? A ARG 42  CZ  
31  1 Y 1 A ARG 191 ? NH1 ? A ARG 42  NH1 
32  1 Y 1 A ARG 191 ? NH2 ? A ARG 42  NH2 
33  1 Y 1 A GLN 196 ? CG  ? A GLN 47  CG  
34  1 Y 1 A GLN 196 ? CD  ? A GLN 47  CD  
35  1 Y 1 A GLN 196 ? OE1 ? A GLN 47  OE1 
36  1 Y 1 A GLN 196 ? NE2 ? A GLN 47  NE2 
37  1 Y 1 A ASP 216 ? CG  ? A ASP 67  CG  
38  1 Y 1 A ASP 216 ? OD1 ? A ASP 67  OD1 
39  1 Y 1 A ASP 216 ? OD2 ? A ASP 67  OD2 
40  1 Y 1 A ARG 220 ? CG  ? A ARG 71  CG  
41  1 Y 1 A ARG 220 ? CD  ? A ARG 71  CD  
42  1 Y 1 A ARG 220 ? NE  ? A ARG 71  NE  
43  1 Y 1 A ARG 220 ? CZ  ? A ARG 71  CZ  
44  1 Y 1 A ARG 220 ? NH1 ? A ARG 71  NH1 
45  1 Y 1 A ARG 220 ? NH2 ? A ARG 71  NH2 
46  1 Y 1 A ARG 281 ? CG  ? A ARG 132 CG  
47  1 Y 1 A ARG 281 ? CD  ? A ARG 132 CD  
48  1 Y 1 A ARG 281 ? NE  ? A ARG 132 NE  
49  1 Y 1 A ARG 281 ? CZ  ? A ARG 132 CZ  
50  1 Y 1 A ARG 281 ? NH1 ? A ARG 132 NH1 
51  1 Y 1 A ARG 281 ? NH2 ? A ARG 132 NH2 
52  1 Y 1 A LYS 289 ? CG  ? A LYS 140 CG  
53  1 Y 1 A LYS 289 ? CD  ? A LYS 140 CD  
54  1 Y 1 A LYS 289 ? CE  ? A LYS 140 CE  
55  1 Y 1 A LYS 289 ? NZ  ? A LYS 140 NZ  
56  1 Y 1 A ARG 293 ? CG  ? A ARG 144 CG  
57  1 Y 1 A ARG 293 ? CD  ? A ARG 144 CD  
58  1 Y 1 A ARG 293 ? NE  ? A ARG 144 NE  
59  1 Y 1 A ARG 293 ? CZ  ? A ARG 144 CZ  
60  1 Y 1 A ARG 293 ? NH1 ? A ARG 144 NH1 
61  1 Y 1 A ARG 293 ? NH2 ? A ARG 144 NH2 
62  1 Y 1 A GLU 296 ? CG  ? A GLU 147 CG  
63  1 Y 1 A GLU 296 ? CD  ? A GLU 147 CD  
64  1 Y 1 A GLU 296 ? OE1 ? A GLU 147 OE1 
65  1 Y 1 A GLU 296 ? OE2 ? A GLU 147 OE2 
66  1 Y 1 A SER 305 ? OG  ? A SER 156 OG  
67  1 Y 1 A GLN 306 ? CG  ? A GLN 157 CG  
68  1 Y 1 A GLN 306 ? CD  ? A GLN 157 CD  
69  1 Y 1 A GLN 306 ? OE1 ? A GLN 157 OE1 
70  1 Y 1 A GLN 306 ? NE2 ? A GLN 157 NE2 
71  1 Y 1 A GLU 316 ? CG  ? A GLU 167 CG  
72  1 Y 1 A GLU 316 ? CD  ? A GLU 167 CD  
73  1 Y 1 A GLU 316 ? OE1 ? A GLU 167 OE1 
74  1 Y 1 A GLU 316 ? OE2 ? A GLU 167 OE2 
75  1 Y 1 A ASP 319 ? CG  ? A ASP 170 CG  
76  1 Y 1 A ASP 319 ? OD1 ? A ASP 170 OD1 
77  1 Y 1 A ASP 319 ? OD2 ? A ASP 170 OD2 
78  1 Y 1 A ASP 320 ? CG  ? A ASP 171 CG  
79  1 Y 1 A ASP 320 ? OD1 ? A ASP 171 OD1 
80  1 Y 1 A ASP 320 ? OD2 ? A ASP 171 OD2 
81  1 Y 1 A GLU 328 ? CG  ? A GLU 179 CG  
82  1 Y 1 A GLU 328 ? CD  ? A GLU 179 CD  
83  1 Y 1 A GLU 328 ? OE1 ? A GLU 179 OE1 
84  1 Y 1 A GLU 328 ? OE2 ? A GLU 179 OE2 
85  1 Y 1 A ARG 331 ? CG  ? A ARG 182 CG  
86  1 Y 1 A ARG 331 ? CD  ? A ARG 182 CD  
87  1 Y 1 A ARG 331 ? NE  ? A ARG 182 NE  
88  1 Y 1 A ARG 331 ? CZ  ? A ARG 182 CZ  
89  1 Y 1 A ARG 331 ? NH1 ? A ARG 182 NH1 
90  1 Y 1 A ARG 331 ? NH2 ? A ARG 182 NH2 
91  1 Y 1 A GLU 337 ? CG  ? A GLU 188 CG  
92  1 Y 1 A GLU 337 ? CD  ? A GLU 188 CD  
93  1 Y 1 A GLU 337 ? OE1 ? A GLU 188 OE1 
94  1 Y 1 A GLU 337 ? OE2 ? A GLU 188 OE2 
95  1 Y 1 A LYS 338 ? CG  ? A LYS 189 CG  
96  1 Y 1 A LYS 338 ? CD  ? A LYS 189 CD  
97  1 Y 1 A LYS 338 ? CE  ? A LYS 189 CE  
98  1 Y 1 A LYS 338 ? NZ  ? A LYS 189 NZ  
99  1 Y 1 A GLU 339 ? CG  ? A GLU 190 CG  
100 1 Y 1 A GLU 339 ? CD  ? A GLU 190 CD  
101 1 Y 1 A GLU 339 ? OE1 ? A GLU 190 OE1 
102 1 Y 1 A GLU 339 ? OE2 ? A GLU 190 OE2 
# 
loop_
_pdbx_unobs_or_zero_occ_residues.id 
_pdbx_unobs_or_zero_occ_residues.PDB_model_num 
_pdbx_unobs_or_zero_occ_residues.polymer_flag 
_pdbx_unobs_or_zero_occ_residues.occupancy_flag 
_pdbx_unobs_or_zero_occ_residues.auth_asym_id 
_pdbx_unobs_or_zero_occ_residues.auth_comp_id 
_pdbx_unobs_or_zero_occ_residues.auth_seq_id 
_pdbx_unobs_or_zero_occ_residues.PDB_ins_code 
_pdbx_unobs_or_zero_occ_residues.label_asym_id 
_pdbx_unobs_or_zero_occ_residues.label_comp_id 
_pdbx_unobs_or_zero_occ_residues.label_seq_id 
1  1 Y 1 A LYS 150 ? A LYS 1   
2  1 Y 1 A GLY 151 ? A GLY 2   
3  1 Y 1 A ASN 152 ? A ASN 3   
4  1 Y 1 A PHE 153 ? A PHE 4   
5  1 Y 1 A ASN 187 ? A ASN 38  
6  1 Y 1 A ASN 188 ? A ASN 39  
7  1 Y 1 A LEU 189 ? A LEU 40  
8  1 Y 1 A LEU 190 ? A LEU 41  
9  1 Y 1 A LEU 212 ? A LEU 63  
10 1 Y 1 A GLN 276 ? A GLN 127 
11 1 Y 1 A ALA 277 ? A ALA 128 
12 1 Y 1 A GLY 278 ? A GLY 129 
13 1 Y 1 A SER 322 ? A SER 173 
14 1 Y 1 A GLU 340 ? A GLU 191 
15 1 Y 1 A VAL 341 ? A VAL 192 
16 1 Y 1 A THR 342 ? A THR 193 
17 1 Y 1 A VAL 343 ? A VAL 194 
18 1 Y 1 A GLY 344 ? A GLY 195 
19 1 Y 1 A SER 345 ? A SER 196 
20 1 Y 1 A LEU 346 ? A LEU 197 
21 1 Y 1 A LYS 347 ? A LYS 198 
22 1 Y 1 A THR 348 ? A THR 199 
23 1 Y 1 A SER 349 ? A SER 200 
24 1 Y 1 A ALA 350 ? A ALA 201 
25 1 Y 1 A VAL 351 ? A VAL 202 
26 1 Y 1 A PRO 352 ? A PRO 203 
27 1 Y 1 A SER 353 ? A SER 204 
28 1 Y 1 A THR 354 ? A THR 205 
29 1 Y 1 A SER 355 ? A SER 206 
30 1 Y 1 A THR 356 ? A THR 207 
31 1 Y 1 A MET 357 ? A MET 208 
32 1 Y 1 A SER 358 ? A SER 209 
33 1 Y 1 A GLN 359 ? A GLN 210 
34 1 Y 1 A GLU 360 ? A GLU 211 
35 1 Y 1 A PRO 361 ? A PRO 212 
36 1 Y 1 A GLU 362 ? A GLU 213 
37 1 Y 1 A LEU 363 ? A LEU 214 
38 1 Y 1 A LEU 364 ? A LEU 215 
39 1 Y 1 A ILE 365 ? A ILE 216 
40 1 Y 1 A SER 366 ? A SER 217 
41 1 Y 1 A GLY 367 ? A GLY 218 
42 1 Y 1 A MET 368 ? A MET 219 
43 1 Y 1 A GLU 369 ? A GLU 220 
44 1 Y 1 A LYS 370 ? A LYS 221 
45 1 Y 1 A PRO 371 ? A PRO 222 
46 1 Y 1 A LEU 372 ? A LEU 223 
47 1 Y 1 A PRO 373 ? A PRO 224 
48 1 Y 1 A LEU 374 ? A LEU 225 
49 1 Y 1 A ARG 375 ? A ARG 226 
50 1 Y 1 A THR 376 ? A THR 227 
51 1 Y 1 A ASP 377 ? A ASP 228 
52 1 Y 1 A PHE 378 ? A PHE 229 
53 1 Y 1 A SER 379 ? A SER 230 
# 
loop_
_chem_comp_atom.comp_id 
_chem_comp_atom.atom_id 
_chem_comp_atom.type_symbol 
_chem_comp_atom.pdbx_aromatic_flag 
_chem_comp_atom.pdbx_stereo_config 
_chem_comp_atom.pdbx_ordinal 
A8A C10  C  Y N 1   
A8A C13  C  Y N 2   
A8A C15  C  N N 3   
A8A C17  C  N N 4   
A8A C24  C  Y N 5   
A8A C28  C  Y N 6   
A8A C01  C  N N 7   
A8A C03  C  Y N 8   
A8A C04  C  Y N 9   
A8A C06  C  N N 10  
A8A C07  C  N N 11  
A8A C08  C  N N 12  
A8A C11  C  Y N 13  
A8A C12  C  Y N 14  
A8A C14  C  Y N 15  
A8A C16  C  N N 16  
A8A C18  C  N N 17  
A8A C23  C  Y N 18  
A8A C25  C  Y N 19  
A8A C27  C  N N 20  
A8A C29  C  Y N 21  
A8A C30  C  Y N 22  
A8A C32  C  Y N 23  
A8A C33  C  N N 24  
A8A C34  C  N N 25  
A8A C35  C  N N 26  
A8A C36  C  N N 27  
A8A C40  C  Y N 28  
A8A C41  C  Y N 29  
A8A O02  O  N N 30  
A8A O05  O  N N 31  
A8A O09  O  N N 32  
A8A O19  O  N N 33  
A8A O20  O  N N 34  
A8A O21  O  N N 35  
A8A O26  O  N N 36  
A8A O37  O  N N 37  
A8A O38  O  N N 38  
A8A O39  O  N N 39  
A8A SE22 SE Y N 40  
A8A SE31 SE Y N 41  
A8A H1   H  N N 42  
A8A H2   H  N N 43  
A8A H3   H  N N 44  
A8A H4   H  N N 45  
A8A H5   H  N N 46  
A8A H6   H  N N 47  
A8A H7   H  N N 48  
A8A H8   H  N N 49  
A8A H9   H  N N 50  
A8A H10  H  N N 51  
A8A H11  H  N N 52  
A8A H12  H  N N 53  
A8A H13  H  N N 54  
A8A H14  H  N N 55  
A8A H15  H  N N 56  
A8A H16  H  N N 57  
A8A H17  H  N N 58  
A8A H18  H  N N 59  
A8A H19  H  N N 60  
A8A H20  H  N N 61  
A8A H21  H  N N 62  
A8A H22  H  N N 63  
A8A H23  H  N N 64  
A8A H24  H  N N 65  
A8A H25  H  N N 66  
A8A H26  H  N N 67  
A8A H27  H  N N 68  
A8A H28  H  N N 69  
ALA N    N  N N 70  
ALA CA   C  N S 71  
ALA C    C  N N 72  
ALA O    O  N N 73  
ALA CB   C  N N 74  
ALA OXT  O  N N 75  
ALA H    H  N N 76  
ALA H2   H  N N 77  
ALA HA   H  N N 78  
ALA HB1  H  N N 79  
ALA HB2  H  N N 80  
ALA HB3  H  N N 81  
ALA HXT  H  N N 82  
ARG N    N  N N 83  
ARG CA   C  N S 84  
ARG C    C  N N 85  
ARG O    O  N N 86  
ARG CB   C  N N 87  
ARG CG   C  N N 88  
ARG CD   C  N N 89  
ARG NE   N  N N 90  
ARG CZ   C  N N 91  
ARG NH1  N  N N 92  
ARG NH2  N  N N 93  
ARG OXT  O  N N 94  
ARG H    H  N N 95  
ARG H2   H  N N 96  
ARG HA   H  N N 97  
ARG HB2  H  N N 98  
ARG HB3  H  N N 99  
ARG HG2  H  N N 100 
ARG HG3  H  N N 101 
ARG HD2  H  N N 102 
ARG HD3  H  N N 103 
ARG HE   H  N N 104 
ARG HH11 H  N N 105 
ARG HH12 H  N N 106 
ARG HH21 H  N N 107 
ARG HH22 H  N N 108 
ARG HXT  H  N N 109 
ASN N    N  N N 110 
ASN CA   C  N S 111 
ASN C    C  N N 112 
ASN O    O  N N 113 
ASN CB   C  N N 114 
ASN CG   C  N N 115 
ASN OD1  O  N N 116 
ASN ND2  N  N N 117 
ASN OXT  O  N N 118 
ASN H    H  N N 119 
ASN H2   H  N N 120 
ASN HA   H  N N 121 
ASN HB2  H  N N 122 
ASN HB3  H  N N 123 
ASN HD21 H  N N 124 
ASN HD22 H  N N 125 
ASN HXT  H  N N 126 
ASP N    N  N N 127 
ASP CA   C  N S 128 
ASP C    C  N N 129 
ASP O    O  N N 130 
ASP CB   C  N N 131 
ASP CG   C  N N 132 
ASP OD1  O  N N 133 
ASP OD2  O  N N 134 
ASP OXT  O  N N 135 
ASP H    H  N N 136 
ASP H2   H  N N 137 
ASP HA   H  N N 138 
ASP HB2  H  N N 139 
ASP HB3  H  N N 140 
ASP HD2  H  N N 141 
ASP HXT  H  N N 142 
CYS N    N  N N 143 
CYS CA   C  N R 144 
CYS C    C  N N 145 
CYS O    O  N N 146 
CYS CB   C  N N 147 
CYS SG   S  N N 148 
CYS OXT  O  N N 149 
CYS H    H  N N 150 
CYS H2   H  N N 151 
CYS HA   H  N N 152 
CYS HB2  H  N N 153 
CYS HB3  H  N N 154 
CYS HG   H  N N 155 
CYS HXT  H  N N 156 
GLN N    N  N N 157 
GLN CA   C  N S 158 
GLN C    C  N N 159 
GLN O    O  N N 160 
GLN CB   C  N N 161 
GLN CG   C  N N 162 
GLN CD   C  N N 163 
GLN OE1  O  N N 164 
GLN NE2  N  N N 165 
GLN OXT  O  N N 166 
GLN H    H  N N 167 
GLN H2   H  N N 168 
GLN HA   H  N N 169 
GLN HB2  H  N N 170 
GLN HB3  H  N N 171 
GLN HG2  H  N N 172 
GLN HG3  H  N N 173 
GLN HE21 H  N N 174 
GLN HE22 H  N N 175 
GLN HXT  H  N N 176 
GLU N    N  N N 177 
GLU CA   C  N S 178 
GLU C    C  N N 179 
GLU O    O  N N 180 
GLU CB   C  N N 181 
GLU CG   C  N N 182 
GLU CD   C  N N 183 
GLU OE1  O  N N 184 
GLU OE2  O  N N 185 
GLU OXT  O  N N 186 
GLU H    H  N N 187 
GLU H2   H  N N 188 
GLU HA   H  N N 189 
GLU HB2  H  N N 190 
GLU HB3  H  N N 191 
GLU HG2  H  N N 192 
GLU HG3  H  N N 193 
GLU HE2  H  N N 194 
GLU HXT  H  N N 195 
GLY N    N  N N 196 
GLY CA   C  N N 197 
GLY C    C  N N 198 
GLY O    O  N N 199 
GLY OXT  O  N N 200 
GLY H    H  N N 201 
GLY H2   H  N N 202 
GLY HA2  H  N N 203 
GLY HA3  H  N N 204 
GLY HXT  H  N N 205 
HIS N    N  N N 206 
HIS CA   C  N S 207 
HIS C    C  N N 208 
HIS O    O  N N 209 
HIS CB   C  N N 210 
HIS CG   C  Y N 211 
HIS ND1  N  Y N 212 
HIS CD2  C  Y N 213 
HIS CE1  C  Y N 214 
HIS NE2  N  Y N 215 
HIS OXT  O  N N 216 
HIS H    H  N N 217 
HIS H2   H  N N 218 
HIS HA   H  N N 219 
HIS HB2  H  N N 220 
HIS HB3  H  N N 221 
HIS HD1  H  N N 222 
HIS HD2  H  N N 223 
HIS HE1  H  N N 224 
HIS HE2  H  N N 225 
HIS HXT  H  N N 226 
HOH O    O  N N 227 
HOH H1   H  N N 228 
HOH H2   H  N N 229 
ILE N    N  N N 230 
ILE CA   C  N S 231 
ILE C    C  N N 232 
ILE O    O  N N 233 
ILE CB   C  N S 234 
ILE CG1  C  N N 235 
ILE CG2  C  N N 236 
ILE CD1  C  N N 237 
ILE OXT  O  N N 238 
ILE H    H  N N 239 
ILE H2   H  N N 240 
ILE HA   H  N N 241 
ILE HB   H  N N 242 
ILE HG12 H  N N 243 
ILE HG13 H  N N 244 
ILE HG21 H  N N 245 
ILE HG22 H  N N 246 
ILE HG23 H  N N 247 
ILE HD11 H  N N 248 
ILE HD12 H  N N 249 
ILE HD13 H  N N 250 
ILE HXT  H  N N 251 
LEU N    N  N N 252 
LEU CA   C  N S 253 
LEU C    C  N N 254 
LEU O    O  N N 255 
LEU CB   C  N N 256 
LEU CG   C  N N 257 
LEU CD1  C  N N 258 
LEU CD2  C  N N 259 
LEU OXT  O  N N 260 
LEU H    H  N N 261 
LEU H2   H  N N 262 
LEU HA   H  N N 263 
LEU HB2  H  N N 264 
LEU HB3  H  N N 265 
LEU HG   H  N N 266 
LEU HD11 H  N N 267 
LEU HD12 H  N N 268 
LEU HD13 H  N N 269 
LEU HD21 H  N N 270 
LEU HD22 H  N N 271 
LEU HD23 H  N N 272 
LEU HXT  H  N N 273 
LYS N    N  N N 274 
LYS CA   C  N S 275 
LYS C    C  N N 276 
LYS O    O  N N 277 
LYS CB   C  N N 278 
LYS CG   C  N N 279 
LYS CD   C  N N 280 
LYS CE   C  N N 281 
LYS NZ   N  N N 282 
LYS OXT  O  N N 283 
LYS H    H  N N 284 
LYS H2   H  N N 285 
LYS HA   H  N N 286 
LYS HB2  H  N N 287 
LYS HB3  H  N N 288 
LYS HG2  H  N N 289 
LYS HG3  H  N N 290 
LYS HD2  H  N N 291 
LYS HD3  H  N N 292 
LYS HE2  H  N N 293 
LYS HE3  H  N N 294 
LYS HZ1  H  N N 295 
LYS HZ2  H  N N 296 
LYS HZ3  H  N N 297 
LYS HXT  H  N N 298 
MET N    N  N N 299 
MET CA   C  N S 300 
MET C    C  N N 301 
MET O    O  N N 302 
MET CB   C  N N 303 
MET CG   C  N N 304 
MET SD   S  N N 305 
MET CE   C  N N 306 
MET OXT  O  N N 307 
MET H    H  N N 308 
MET H2   H  N N 309 
MET HA   H  N N 310 
MET HB2  H  N N 311 
MET HB3  H  N N 312 
MET HG2  H  N N 313 
MET HG3  H  N N 314 
MET HE1  H  N N 315 
MET HE2  H  N N 316 
MET HE3  H  N N 317 
MET HXT  H  N N 318 
PHE N    N  N N 319 
PHE CA   C  N S 320 
PHE C    C  N N 321 
PHE O    O  N N 322 
PHE CB   C  N N 323 
PHE CG   C  Y N 324 
PHE CD1  C  Y N 325 
PHE CD2  C  Y N 326 
PHE CE1  C  Y N 327 
PHE CE2  C  Y N 328 
PHE CZ   C  Y N 329 
PHE OXT  O  N N 330 
PHE H    H  N N 331 
PHE H2   H  N N 332 
PHE HA   H  N N 333 
PHE HB2  H  N N 334 
PHE HB3  H  N N 335 
PHE HD1  H  N N 336 
PHE HD2  H  N N 337 
PHE HE1  H  N N 338 
PHE HE2  H  N N 339 
PHE HZ   H  N N 340 
PHE HXT  H  N N 341 
PRO N    N  N N 342 
PRO CA   C  N S 343 
PRO C    C  N N 344 
PRO O    O  N N 345 
PRO CB   C  N N 346 
PRO CG   C  N N 347 
PRO CD   C  N N 348 
PRO OXT  O  N N 349 
PRO H    H  N N 350 
PRO HA   H  N N 351 
PRO HB2  H  N N 352 
PRO HB3  H  N N 353 
PRO HG2  H  N N 354 
PRO HG3  H  N N 355 
PRO HD2  H  N N 356 
PRO HD3  H  N N 357 
PRO HXT  H  N N 358 
SER N    N  N N 359 
SER CA   C  N S 360 
SER C    C  N N 361 
SER O    O  N N 362 
SER CB   C  N N 363 
SER OG   O  N N 364 
SER OXT  O  N N 365 
SER H    H  N N 366 
SER H2   H  N N 367 
SER HA   H  N N 368 
SER HB2  H  N N 369 
SER HB3  H  N N 370 
SER HG   H  N N 371 
SER HXT  H  N N 372 
THR N    N  N N 373 
THR CA   C  N S 374 
THR C    C  N N 375 
THR O    O  N N 376 
THR CB   C  N R 377 
THR OG1  O  N N 378 
THR CG2  C  N N 379 
THR OXT  O  N N 380 
THR H    H  N N 381 
THR H2   H  N N 382 
THR HA   H  N N 383 
THR HB   H  N N 384 
THR HG1  H  N N 385 
THR HG21 H  N N 386 
THR HG22 H  N N 387 
THR HG23 H  N N 388 
THR HXT  H  N N 389 
TRP N    N  N N 390 
TRP CA   C  N S 391 
TRP C    C  N N 392 
TRP O    O  N N 393 
TRP CB   C  N N 394 
TRP CG   C  Y N 395 
TRP CD1  C  Y N 396 
TRP CD2  C  Y N 397 
TRP NE1  N  Y N 398 
TRP CE2  C  Y N 399 
TRP CE3  C  Y N 400 
TRP CZ2  C  Y N 401 
TRP CZ3  C  Y N 402 
TRP CH2  C  Y N 403 
TRP OXT  O  N N 404 
TRP H    H  N N 405 
TRP H2   H  N N 406 
TRP HA   H  N N 407 
TRP HB2  H  N N 408 
TRP HB3  H  N N 409 
TRP HD1  H  N N 410 
TRP HE1  H  N N 411 
TRP HE3  H  N N 412 
TRP HZ2  H  N N 413 
TRP HZ3  H  N N 414 
TRP HH2  H  N N 415 
TRP HXT  H  N N 416 
TYR N    N  N N 417 
TYR CA   C  N S 418 
TYR C    C  N N 419 
TYR O    O  N N 420 
TYR CB   C  N N 421 
TYR CG   C  Y N 422 
TYR CD1  C  Y N 423 
TYR CD2  C  Y N 424 
TYR CE1  C  Y N 425 
TYR CE2  C  Y N 426 
TYR CZ   C  Y N 427 
TYR OH   O  N N 428 
TYR OXT  O  N N 429 
TYR H    H  N N 430 
TYR H2   H  N N 431 
TYR HA   H  N N 432 
TYR HB2  H  N N 433 
TYR HB3  H  N N 434 
TYR HD1  H  N N 435 
TYR HD2  H  N N 436 
TYR HE1  H  N N 437 
TYR HE2  H  N N 438 
TYR HH   H  N N 439 
TYR HXT  H  N N 440 
VAL N    N  N N 441 
VAL CA   C  N S 442 
VAL C    C  N N 443 
VAL O    O  N N 444 
VAL CB   C  N N 445 
VAL CG1  C  N N 446 
VAL CG2  C  N N 447 
VAL OXT  O  N N 448 
VAL H    H  N N 449 
VAL H2   H  N N 450 
VAL HA   H  N N 451 
VAL HB   H  N N 452 
VAL HG11 H  N N 453 
VAL HG12 H  N N 454 
VAL HG13 H  N N 455 
VAL HG21 H  N N 456 
VAL HG22 H  N N 457 
VAL HG23 H  N N 458 
VAL HXT  H  N N 459 
# 
loop_
_chem_comp_bond.comp_id 
_chem_comp_bond.atom_id_1 
_chem_comp_bond.atom_id_2 
_chem_comp_bond.value_order 
_chem_comp_bond.pdbx_aromatic_flag 
_chem_comp_bond.pdbx_stereo_config 
_chem_comp_bond.pdbx_ordinal 
A8A C16  C17  sing N N 1   
A8A C16  C15  sing N N 2   
A8A C17  C18  sing N N 3   
A8A C15  O21  doub N N 4   
A8A C15  C14  sing N N 5   
A8A C18  O19  doub N N 6   
A8A C18  O20  sing N N 7   
A8A C13  C14  doub Y N 8   
A8A C13  C12  sing Y N 9   
A8A C14  SE22 sing Y N 10  
A8A C01  O02  sing N N 11  
A8A C11  C12  doub Y N 12  
A8A C11  C10  sing Y N 13  
A8A C12  C23  sing Y N 14  
A8A O09  C10  sing N N 15  
A8A O09  C08  sing N N 16  
A8A C10  C25  doub Y N 17  
A8A O02  C03  sing N N 18  
A8A SE22 C23  sing Y N 19  
A8A C08  C07  sing N N 20  
A8A C23  C24  doub Y N 21  
A8A C41  C03  doub Y N 22  
A8A C41  C30  sing Y N 23  
A8A C25  C24  sing Y N 24  
A8A C25  O26  sing N N 25  
A8A C03  C04  sing Y N 26  
A8A C07  C06  sing N N 27  
A8A C30  SE31 sing Y N 28  
A8A C30  C29  doub Y N 29  
A8A SE31 C32  sing Y N 30  
A8A O26  C27  sing N N 31  
A8A C04  O05  sing N N 32  
A8A C04  C28  doub Y N 33  
A8A C06  O05  sing N N 34  
A8A C29  C28  sing Y N 35  
A8A C29  C40  sing Y N 36  
A8A O37  C36  doub N N 37  
A8A C32  C40  doub Y N 38  
A8A C32  C33  sing N N 39  
A8A O39  C33  doub N N 40  
A8A O38  C36  sing N N 41  
A8A C36  C35  sing N N 42  
A8A C33  C34  sing N N 43  
A8A C35  C34  sing N N 44  
A8A C13  H1   sing N N 45  
A8A C17  H2   sing N N 46  
A8A C17  H3   sing N N 47  
A8A C24  H4   sing N N 48  
A8A C28  H5   sing N N 49  
A8A C01  H6   sing N N 50  
A8A C01  H7   sing N N 51  
A8A C01  H8   sing N N 52  
A8A C06  H9   sing N N 53  
A8A C06  H10  sing N N 54  
A8A C07  H11  sing N N 55  
A8A C07  H12  sing N N 56  
A8A C08  H13  sing N N 57  
A8A C08  H14  sing N N 58  
A8A C11  H15  sing N N 59  
A8A C16  H16  sing N N 60  
A8A C16  H17  sing N N 61  
A8A C27  H18  sing N N 62  
A8A C27  H19  sing N N 63  
A8A C27  H20  sing N N 64  
A8A C34  H21  sing N N 65  
A8A C34  H22  sing N N 66  
A8A C35  H23  sing N N 67  
A8A C35  H24  sing N N 68  
A8A C40  H25  sing N N 69  
A8A C41  H26  sing N N 70  
A8A O20  H27  sing N N 71  
A8A O38  H28  sing N N 72  
ALA N    CA   sing N N 73  
ALA N    H    sing N N 74  
ALA N    H2   sing N N 75  
ALA CA   C    sing N N 76  
ALA CA   CB   sing N N 77  
ALA CA   HA   sing N N 78  
ALA C    O    doub N N 79  
ALA C    OXT  sing N N 80  
ALA CB   HB1  sing N N 81  
ALA CB   HB2  sing N N 82  
ALA CB   HB3  sing N N 83  
ALA OXT  HXT  sing N N 84  
ARG N    CA   sing N N 85  
ARG N    H    sing N N 86  
ARG N    H2   sing N N 87  
ARG CA   C    sing N N 88  
ARG CA   CB   sing N N 89  
ARG CA   HA   sing N N 90  
ARG C    O    doub N N 91  
ARG C    OXT  sing N N 92  
ARG CB   CG   sing N N 93  
ARG CB   HB2  sing N N 94  
ARG CB   HB3  sing N N 95  
ARG CG   CD   sing N N 96  
ARG CG   HG2  sing N N 97  
ARG CG   HG3  sing N N 98  
ARG CD   NE   sing N N 99  
ARG CD   HD2  sing N N 100 
ARG CD   HD3  sing N N 101 
ARG NE   CZ   sing N N 102 
ARG NE   HE   sing N N 103 
ARG CZ   NH1  sing N N 104 
ARG CZ   NH2  doub N N 105 
ARG NH1  HH11 sing N N 106 
ARG NH1  HH12 sing N N 107 
ARG NH2  HH21 sing N N 108 
ARG NH2  HH22 sing N N 109 
ARG OXT  HXT  sing N N 110 
ASN N    CA   sing N N 111 
ASN N    H    sing N N 112 
ASN N    H2   sing N N 113 
ASN CA   C    sing N N 114 
ASN CA   CB   sing N N 115 
ASN CA   HA   sing N N 116 
ASN C    O    doub N N 117 
ASN C    OXT  sing N N 118 
ASN CB   CG   sing N N 119 
ASN CB   HB2  sing N N 120 
ASN CB   HB3  sing N N 121 
ASN CG   OD1  doub N N 122 
ASN CG   ND2  sing N N 123 
ASN ND2  HD21 sing N N 124 
ASN ND2  HD22 sing N N 125 
ASN OXT  HXT  sing N N 126 
ASP N    CA   sing N N 127 
ASP N    H    sing N N 128 
ASP N    H2   sing N N 129 
ASP CA   C    sing N N 130 
ASP CA   CB   sing N N 131 
ASP CA   HA   sing N N 132 
ASP C    O    doub N N 133 
ASP C    OXT  sing N N 134 
ASP CB   CG   sing N N 135 
ASP CB   HB2  sing N N 136 
ASP CB   HB3  sing N N 137 
ASP CG   OD1  doub N N 138 
ASP CG   OD2  sing N N 139 
ASP OD2  HD2  sing N N 140 
ASP OXT  HXT  sing N N 141 
CYS N    CA   sing N N 142 
CYS N    H    sing N N 143 
CYS N    H2   sing N N 144 
CYS CA   C    sing N N 145 
CYS CA   CB   sing N N 146 
CYS CA   HA   sing N N 147 
CYS C    O    doub N N 148 
CYS C    OXT  sing N N 149 
CYS CB   SG   sing N N 150 
CYS CB   HB2  sing N N 151 
CYS CB   HB3  sing N N 152 
CYS SG   HG   sing N N 153 
CYS OXT  HXT  sing N N 154 
GLN N    CA   sing N N 155 
GLN N    H    sing N N 156 
GLN N    H2   sing N N 157 
GLN CA   C    sing N N 158 
GLN CA   CB   sing N N 159 
GLN CA   HA   sing N N 160 
GLN C    O    doub N N 161 
GLN C    OXT  sing N N 162 
GLN CB   CG   sing N N 163 
GLN CB   HB2  sing N N 164 
GLN CB   HB3  sing N N 165 
GLN CG   CD   sing N N 166 
GLN CG   HG2  sing N N 167 
GLN CG   HG3  sing N N 168 
GLN CD   OE1  doub N N 169 
GLN CD   NE2  sing N N 170 
GLN NE2  HE21 sing N N 171 
GLN NE2  HE22 sing N N 172 
GLN OXT  HXT  sing N N 173 
GLU N    CA   sing N N 174 
GLU N    H    sing N N 175 
GLU N    H2   sing N N 176 
GLU CA   C    sing N N 177 
GLU CA   CB   sing N N 178 
GLU CA   HA   sing N N 179 
GLU C    O    doub N N 180 
GLU C    OXT  sing N N 181 
GLU CB   CG   sing N N 182 
GLU CB   HB2  sing N N 183 
GLU CB   HB3  sing N N 184 
GLU CG   CD   sing N N 185 
GLU CG   HG2  sing N N 186 
GLU CG   HG3  sing N N 187 
GLU CD   OE1  doub N N 188 
GLU CD   OE2  sing N N 189 
GLU OE2  HE2  sing N N 190 
GLU OXT  HXT  sing N N 191 
GLY N    CA   sing N N 192 
GLY N    H    sing N N 193 
GLY N    H2   sing N N 194 
GLY CA   C    sing N N 195 
GLY CA   HA2  sing N N 196 
GLY CA   HA3  sing N N 197 
GLY C    O    doub N N 198 
GLY C    OXT  sing N N 199 
GLY OXT  HXT  sing N N 200 
HIS N    CA   sing N N 201 
HIS N    H    sing N N 202 
HIS N    H2   sing N N 203 
HIS CA   C    sing N N 204 
HIS CA   CB   sing N N 205 
HIS CA   HA   sing N N 206 
HIS C    O    doub N N 207 
HIS C    OXT  sing N N 208 
HIS CB   CG   sing N N 209 
HIS CB   HB2  sing N N 210 
HIS CB   HB3  sing N N 211 
HIS CG   ND1  sing Y N 212 
HIS CG   CD2  doub Y N 213 
HIS ND1  CE1  doub Y N 214 
HIS ND1  HD1  sing N N 215 
HIS CD2  NE2  sing Y N 216 
HIS CD2  HD2  sing N N 217 
HIS CE1  NE2  sing Y N 218 
HIS CE1  HE1  sing N N 219 
HIS NE2  HE2  sing N N 220 
HIS OXT  HXT  sing N N 221 
HOH O    H1   sing N N 222 
HOH O    H2   sing N N 223 
ILE N    CA   sing N N 224 
ILE N    H    sing N N 225 
ILE N    H2   sing N N 226 
ILE CA   C    sing N N 227 
ILE CA   CB   sing N N 228 
ILE CA   HA   sing N N 229 
ILE C    O    doub N N 230 
ILE C    OXT  sing N N 231 
ILE CB   CG1  sing N N 232 
ILE CB   CG2  sing N N 233 
ILE CB   HB   sing N N 234 
ILE CG1  CD1  sing N N 235 
ILE CG1  HG12 sing N N 236 
ILE CG1  HG13 sing N N 237 
ILE CG2  HG21 sing N N 238 
ILE CG2  HG22 sing N N 239 
ILE CG2  HG23 sing N N 240 
ILE CD1  HD11 sing N N 241 
ILE CD1  HD12 sing N N 242 
ILE CD1  HD13 sing N N 243 
ILE OXT  HXT  sing N N 244 
LEU N    CA   sing N N 245 
LEU N    H    sing N N 246 
LEU N    H2   sing N N 247 
LEU CA   C    sing N N 248 
LEU CA   CB   sing N N 249 
LEU CA   HA   sing N N 250 
LEU C    O    doub N N 251 
LEU C    OXT  sing N N 252 
LEU CB   CG   sing N N 253 
LEU CB   HB2  sing N N 254 
LEU CB   HB3  sing N N 255 
LEU CG   CD1  sing N N 256 
LEU CG   CD2  sing N N 257 
LEU CG   HG   sing N N 258 
LEU CD1  HD11 sing N N 259 
LEU CD1  HD12 sing N N 260 
LEU CD1  HD13 sing N N 261 
LEU CD2  HD21 sing N N 262 
LEU CD2  HD22 sing N N 263 
LEU CD2  HD23 sing N N 264 
LEU OXT  HXT  sing N N 265 
LYS N    CA   sing N N 266 
LYS N    H    sing N N 267 
LYS N    H2   sing N N 268 
LYS CA   C    sing N N 269 
LYS CA   CB   sing N N 270 
LYS CA   HA   sing N N 271 
LYS C    O    doub N N 272 
LYS C    OXT  sing N N 273 
LYS CB   CG   sing N N 274 
LYS CB   HB2  sing N N 275 
LYS CB   HB3  sing N N 276 
LYS CG   CD   sing N N 277 
LYS CG   HG2  sing N N 278 
LYS CG   HG3  sing N N 279 
LYS CD   CE   sing N N 280 
LYS CD   HD2  sing N N 281 
LYS CD   HD3  sing N N 282 
LYS CE   NZ   sing N N 283 
LYS CE   HE2  sing N N 284 
LYS CE   HE3  sing N N 285 
LYS NZ   HZ1  sing N N 286 
LYS NZ   HZ2  sing N N 287 
LYS NZ   HZ3  sing N N 288 
LYS OXT  HXT  sing N N 289 
MET N    CA   sing N N 290 
MET N    H    sing N N 291 
MET N    H2   sing N N 292 
MET CA   C    sing N N 293 
MET CA   CB   sing N N 294 
MET CA   HA   sing N N 295 
MET C    O    doub N N 296 
MET C    OXT  sing N N 297 
MET CB   CG   sing N N 298 
MET CB   HB2  sing N N 299 
MET CB   HB3  sing N N 300 
MET CG   SD   sing N N 301 
MET CG   HG2  sing N N 302 
MET CG   HG3  sing N N 303 
MET SD   CE   sing N N 304 
MET CE   HE1  sing N N 305 
MET CE   HE2  sing N N 306 
MET CE   HE3  sing N N 307 
MET OXT  HXT  sing N N 308 
PHE N    CA   sing N N 309 
PHE N    H    sing N N 310 
PHE N    H2   sing N N 311 
PHE CA   C    sing N N 312 
PHE CA   CB   sing N N 313 
PHE CA   HA   sing N N 314 
PHE C    O    doub N N 315 
PHE C    OXT  sing N N 316 
PHE CB   CG   sing N N 317 
PHE CB   HB2  sing N N 318 
PHE CB   HB3  sing N N 319 
PHE CG   CD1  doub Y N 320 
PHE CG   CD2  sing Y N 321 
PHE CD1  CE1  sing Y N 322 
PHE CD1  HD1  sing N N 323 
PHE CD2  CE2  doub Y N 324 
PHE CD2  HD2  sing N N 325 
PHE CE1  CZ   doub Y N 326 
PHE CE1  HE1  sing N N 327 
PHE CE2  CZ   sing Y N 328 
PHE CE2  HE2  sing N N 329 
PHE CZ   HZ   sing N N 330 
PHE OXT  HXT  sing N N 331 
PRO N    CA   sing N N 332 
PRO N    CD   sing N N 333 
PRO N    H    sing N N 334 
PRO CA   C    sing N N 335 
PRO CA   CB   sing N N 336 
PRO CA   HA   sing N N 337 
PRO C    O    doub N N 338 
PRO C    OXT  sing N N 339 
PRO CB   CG   sing N N 340 
PRO CB   HB2  sing N N 341 
PRO CB   HB3  sing N N 342 
PRO CG   CD   sing N N 343 
PRO CG   HG2  sing N N 344 
PRO CG   HG3  sing N N 345 
PRO CD   HD2  sing N N 346 
PRO CD   HD3  sing N N 347 
PRO OXT  HXT  sing N N 348 
SER N    CA   sing N N 349 
SER N    H    sing N N 350 
SER N    H2   sing N N 351 
SER CA   C    sing N N 352 
SER CA   CB   sing N N 353 
SER CA   HA   sing N N 354 
SER C    O    doub N N 355 
SER C    OXT  sing N N 356 
SER CB   OG   sing N N 357 
SER CB   HB2  sing N N 358 
SER CB   HB3  sing N N 359 
SER OG   HG   sing N N 360 
SER OXT  HXT  sing N N 361 
THR N    CA   sing N N 362 
THR N    H    sing N N 363 
THR N    H2   sing N N 364 
THR CA   C    sing N N 365 
THR CA   CB   sing N N 366 
THR CA   HA   sing N N 367 
THR C    O    doub N N 368 
THR C    OXT  sing N N 369 
THR CB   OG1  sing N N 370 
THR CB   CG2  sing N N 371 
THR CB   HB   sing N N 372 
THR OG1  HG1  sing N N 373 
THR CG2  HG21 sing N N 374 
THR CG2  HG22 sing N N 375 
THR CG2  HG23 sing N N 376 
THR OXT  HXT  sing N N 377 
TRP N    CA   sing N N 378 
TRP N    H    sing N N 379 
TRP N    H2   sing N N 380 
TRP CA   C    sing N N 381 
TRP CA   CB   sing N N 382 
TRP CA   HA   sing N N 383 
TRP C    O    doub N N 384 
TRP C    OXT  sing N N 385 
TRP CB   CG   sing N N 386 
TRP CB   HB2  sing N N 387 
TRP CB   HB3  sing N N 388 
TRP CG   CD1  doub Y N 389 
TRP CG   CD2  sing Y N 390 
TRP CD1  NE1  sing Y N 391 
TRP CD1  HD1  sing N N 392 
TRP CD2  CE2  doub Y N 393 
TRP CD2  CE3  sing Y N 394 
TRP NE1  CE2  sing Y N 395 
TRP NE1  HE1  sing N N 396 
TRP CE2  CZ2  sing Y N 397 
TRP CE3  CZ3  doub Y N 398 
TRP CE3  HE3  sing N N 399 
TRP CZ2  CH2  doub Y N 400 
TRP CZ2  HZ2  sing N N 401 
TRP CZ3  CH2  sing Y N 402 
TRP CZ3  HZ3  sing N N 403 
TRP CH2  HH2  sing N N 404 
TRP OXT  HXT  sing N N 405 
TYR N    CA   sing N N 406 
TYR N    H    sing N N 407 
TYR N    H2   sing N N 408 
TYR CA   C    sing N N 409 
TYR CA   CB   sing N N 410 
TYR CA   HA   sing N N 411 
TYR C    O    doub N N 412 
TYR C    OXT  sing N N 413 
TYR CB   CG   sing N N 414 
TYR CB   HB2  sing N N 415 
TYR CB   HB3  sing N N 416 
TYR CG   CD1  doub Y N 417 
TYR CG   CD2  sing Y N 418 
TYR CD1  CE1  sing Y N 419 
TYR CD1  HD1  sing N N 420 
TYR CD2  CE2  doub Y N 421 
TYR CD2  HD2  sing N N 422 
TYR CE1  CZ   doub Y N 423 
TYR CE1  HE1  sing N N 424 
TYR CE2  CZ   sing Y N 425 
TYR CE2  HE2  sing N N 426 
TYR CZ   OH   sing N N 427 
TYR OH   HH   sing N N 428 
TYR OXT  HXT  sing N N 429 
VAL N    CA   sing N N 430 
VAL N    H    sing N N 431 
VAL N    H2   sing N N 432 
VAL CA   C    sing N N 433 
VAL CA   CB   sing N N 434 
VAL CA   HA   sing N N 435 
VAL C    O    doub N N 436 
VAL C    OXT  sing N N 437 
VAL CB   CG1  sing N N 438 
VAL CB   CG2  sing N N 439 
VAL CB   HB   sing N N 440 
VAL CG1  HG11 sing N N 441 
VAL CG1  HG12 sing N N 442 
VAL CG1  HG13 sing N N 443 
VAL CG2  HG21 sing N N 444 
VAL CG2  HG22 sing N N 445 
VAL CG2  HG23 sing N N 446 
VAL OXT  HXT  sing N N 447 
# 
loop_
_pdbx_audit_support.funding_organization 
_pdbx_audit_support.country 
_pdbx_audit_support.grant_number 
_pdbx_audit_support.ordinal 
'National Natural Science Foundation of China (NSFC)' China 31860245 1 
'National Natural Science Foundation of China (NSFC)' China 31960203 2 
'National Natural Science Foundation of China (NSFC)' China 82073702 3 
'National Natural Science Foundation of China (NSFC)' China 32070387 4 
'National Natural Science Foundation of China (NSFC)' China 81872746 5 
# 
_pdbx_entity_instance_feature.ordinal        1 
_pdbx_entity_instance_feature.comp_id        A8A 
_pdbx_entity_instance_feature.asym_id        ? 
_pdbx_entity_instance_feature.seq_num        ? 
_pdbx_entity_instance_feature.auth_comp_id   A8A 
_pdbx_entity_instance_feature.auth_asym_id   ? 
_pdbx_entity_instance_feature.auth_seq_num   ? 
_pdbx_entity_instance_feature.feature_type   'SUBJECT OF INVESTIGATION' 
_pdbx_entity_instance_feature.details        ? 
# 
loop_
_pdbx_entity_nonpoly.entity_id 
_pdbx_entity_nonpoly.name 
_pdbx_entity_nonpoly.comp_id 
2 
;4-[6-methoxy-5-[3-[[6-methoxy-2-(4-oxidanyl-4-oxidanylidene-butanoyl)-1-benzoselenophen-5-yl]oxy]propoxy]-1-benzoselenophen-2-yl]-4-oxidanylidene-butanoic acid
;
A8A 
3 water HOH 
# 
_pdbx_initial_refinement_model.id               1 
_pdbx_initial_refinement_model.entity_id_list   ? 
_pdbx_initial_refinement_model.type             'experimental model' 
_pdbx_initial_refinement_model.source_name      PDB 
_pdbx_initial_refinement_model.accession_code   6UKM 
_pdbx_initial_refinement_model.details          ? 
# 
_pdbx_struct_assembly_auth_evidence.id                     1 
_pdbx_struct_assembly_auth_evidence.assembly_id            1 
_pdbx_struct_assembly_auth_evidence.experimental_support   'gel filtration' 
_pdbx_struct_assembly_auth_evidence.details                ? 
# 
